data_2DL0
#
_entry.id   2DL0
#
_cell.length_a   1.000
_cell.length_b   1.000
_cell.length_c   1.000
_cell.angle_alpha   90.00
_cell.angle_beta   90.00
_cell.angle_gamma   90.00
#
_symmetry.space_group_name_H-M   'P 1'
#
_entity_poly.entity_id   1
_entity_poly.type   'polypeptide(L)'
_entity_poly.pdbx_seq_one_letter_code
;GSSGSSGGGLTEICRKPVSPGCISSVSDWLISIGLPMYAGTLSTAGFSTLSQVPSLSHTCLQEAGITEERHIRKLLSAAR
LFKLPPGPEAMSGPSSG
;
_entity_poly.pdbx_strand_id   A
#
# COMPACT_ATOMS: atom_id res chain seq x y z
N GLY A 1 -9.60 -12.53 8.28
CA GLY A 1 -8.93 -12.58 9.57
C GLY A 1 -8.37 -11.23 9.98
N SER A 2 -8.94 -10.66 11.03
CA SER A 2 -8.50 -9.36 11.53
C SER A 2 -7.07 -9.44 12.08
N SER A 3 -6.81 -10.48 12.86
CA SER A 3 -5.49 -10.68 13.45
C SER A 3 -4.99 -9.39 14.09
N GLY A 4 -5.30 -9.21 15.37
CA GLY A 4 -4.87 -8.02 16.08
C GLY A 4 -5.22 -8.07 17.55
N SER A 5 -5.46 -6.90 18.15
CA SER A 5 -5.80 -6.82 19.57
C SER A 5 -6.39 -5.45 19.90
N SER A 6 -6.89 -5.32 21.12
CA SER A 6 -7.49 -4.07 21.56
C SER A 6 -6.62 -3.38 22.60
N GLY A 7 -5.93 -2.33 22.19
CA GLY A 7 -5.06 -1.59 23.10
C GLY A 7 -3.75 -2.31 23.34
N GLY A 8 -2.96 -1.80 24.29
CA GLY A 8 -1.69 -2.41 24.60
C GLY A 8 -1.84 -3.69 25.40
N GLY A 9 -0.70 -4.31 25.73
CA GLY A 9 -0.73 -5.55 26.49
C GLY A 9 -0.14 -6.72 25.72
N LEU A 10 1.16 -6.91 25.86
CA LEU A 10 1.86 -8.00 25.17
C LEU A 10 2.02 -9.21 26.09
N THR A 11 1.44 -10.34 25.68
CA THR A 11 1.53 -11.56 26.46
C THR A 11 2.63 -12.47 25.95
N GLU A 12 3.66 -12.67 26.77
CA GLU A 12 4.78 -13.52 26.40
C GLU A 12 5.49 -12.97 25.16
N ILE A 13 6.64 -13.55 24.84
CA ILE A 13 7.42 -13.12 23.68
C ILE A 13 6.62 -13.30 22.39
N CYS A 14 6.59 -12.25 21.58
CA CYS A 14 5.87 -12.31 20.31
C CYS A 14 6.69 -13.01 19.23
N ARG A 15 7.88 -12.50 18.97
CA ARG A 15 8.77 -13.08 17.98
C ARG A 15 7.97 -13.55 16.76
N LYS A 16 7.83 -12.68 15.77
CA LYS A 16 7.10 -13.00 14.55
C LYS A 16 8.03 -13.05 13.35
N PRO A 17 7.75 -13.98 12.42
CA PRO A 17 8.55 -14.15 11.20
C PRO A 17 8.39 -12.99 10.24
N VAL A 18 9.40 -12.79 9.38
CA VAL A 18 9.37 -11.72 8.40
C VAL A 18 8.16 -11.84 7.49
N SER A 19 7.64 -10.69 7.04
CA SER A 19 6.48 -10.68 6.16
C SER A 19 6.67 -11.64 4.99
N PRO A 20 5.56 -12.25 4.54
CA PRO A 20 5.58 -13.19 3.43
C PRO A 20 5.87 -12.52 2.09
N GLY A 21 5.91 -11.19 2.10
CA GLY A 21 6.19 -10.44 0.89
C GLY A 21 4.91 -9.99 0.19
N CYS A 22 3.80 -10.63 0.53
CA CYS A 22 2.51 -10.28 -0.06
C CYS A 22 1.80 -9.21 0.75
N ILE A 23 1.14 -8.29 0.05
CA ILE A 23 0.42 -7.21 0.72
C ILE A 23 -0.98 -7.67 1.16
N SER A 24 -1.36 -7.26 2.37
CA SER A 24 -2.66 -7.64 2.91
C SER A 24 -3.54 -6.40 3.12
N SER A 25 -2.93 -5.34 3.66
CA SER A 25 -3.66 -4.11 3.91
C SER A 25 -2.85 -2.90 3.45
N VAL A 26 -3.45 -1.71 3.53
CA VAL A 26 -2.79 -0.49 3.12
C VAL A 26 -1.35 -0.43 3.65
N SER A 27 -1.22 -0.43 4.97
CA SER A 27 0.09 -0.37 5.61
C SER A 27 1.09 -1.26 4.87
N ASP A 28 0.78 -2.55 4.80
CA ASP A 28 1.65 -3.50 4.13
C ASP A 28 2.11 -2.96 2.78
N TRP A 29 1.22 -2.27 2.09
CA TRP A 29 1.53 -1.69 0.79
C TRP A 29 2.39 -0.44 0.93
N LEU A 30 2.08 0.36 1.94
CA LEU A 30 2.82 1.59 2.19
C LEU A 30 4.27 1.29 2.55
N ILE A 31 4.48 0.17 3.24
CA ILE A 31 5.82 -0.24 3.65
C ILE A 31 6.59 -0.83 2.48
N SER A 32 5.88 -1.55 1.61
CA SER A 32 6.50 -2.17 0.45
C SER A 32 7.02 -1.12 -0.52
N ILE A 33 6.57 0.11 -0.34
CA ILE A 33 6.98 1.22 -1.21
C ILE A 33 7.99 2.11 -0.50
N GLY A 34 8.08 1.99 0.82
CA GLY A 34 9.01 2.80 1.58
C GLY A 34 8.40 4.09 2.07
N LEU A 35 7.09 4.08 2.28
CA LEU A 35 6.38 5.27 2.75
C LEU A 35 5.43 4.92 3.89
N PRO A 36 5.92 4.14 4.85
CA PRO A 36 5.14 3.72 6.02
C PRO A 36 4.85 4.88 6.97
N MET A 37 5.41 6.05 6.66
CA MET A 37 5.20 7.24 7.48
C MET A 37 3.82 7.83 7.25
N TYR A 38 3.05 7.20 6.37
CA TYR A 38 1.70 7.68 6.04
C TYR A 38 0.65 6.69 6.53
N ALA A 39 1.10 5.49 6.90
CA ALA A 39 0.20 4.46 7.39
C ALA A 39 -0.86 5.05 8.32
N GLY A 40 -0.41 5.72 9.37
CA GLY A 40 -1.32 6.32 10.33
C GLY A 40 -2.01 7.55 9.77
N THR A 41 -1.36 8.20 8.82
CA THR A 41 -1.92 9.40 8.20
C THR A 41 -3.18 9.09 7.41
N LEU A 42 -3.04 8.25 6.38
CA LEU A 42 -4.16 7.86 5.55
C LEU A 42 -5.21 7.09 6.37
N SER A 43 -4.74 6.21 7.24
CA SER A 43 -5.63 5.41 8.07
C SER A 43 -6.58 6.31 8.86
N THR A 44 -6.06 7.46 9.30
CA THR A 44 -6.86 8.40 10.07
C THR A 44 -7.90 9.09 9.19
N ALA A 45 -7.53 9.34 7.95
CA ALA A 45 -8.43 10.00 7.00
C ALA A 45 -9.54 9.06 6.57
N GLY A 46 -9.39 7.77 6.86
CA GLY A 46 -10.38 6.79 6.49
C GLY A 46 -9.81 5.67 5.65
N PHE A 47 -8.63 5.89 5.10
CA PHE A 47 -7.97 4.90 4.26
C PHE A 47 -7.61 3.65 5.07
N SER A 48 -8.57 2.74 5.21
CA SER A 48 -8.35 1.51 5.96
C SER A 48 -8.37 0.30 5.04
N THR A 49 -9.05 0.43 3.90
CA THR A 49 -9.15 -0.66 2.93
C THR A 49 -8.20 -0.43 1.76
N LEU A 50 -7.65 -1.52 1.24
CA LEU A 50 -6.72 -1.44 0.12
C LEU A 50 -7.45 -1.11 -1.17
N SER A 51 -8.76 -0.93 -1.07
CA SER A 51 -9.59 -0.61 -2.24
C SER A 51 -9.41 0.86 -2.63
N GLN A 52 -9.19 1.70 -1.63
CA GLN A 52 -9.01 3.13 -1.87
C GLN A 52 -7.57 3.45 -2.25
N VAL A 53 -6.67 2.50 -1.97
CA VAL A 53 -5.26 2.68 -2.29
C VAL A 53 -5.05 2.90 -3.79
N PRO A 54 -5.50 1.92 -4.59
CA PRO A 54 -5.37 1.98 -6.05
C PRO A 54 -6.28 3.03 -6.67
N SER A 55 -7.00 3.77 -5.82
CA SER A 55 -7.91 4.80 -6.27
C SER A 55 -7.53 6.16 -5.69
N LEU A 56 -6.29 6.27 -5.21
CA LEU A 56 -5.80 7.51 -4.63
C LEU A 56 -6.01 8.68 -5.58
N SER A 57 -5.60 9.87 -5.15
CA SER A 57 -5.73 11.07 -5.96
C SER A 57 -4.98 12.24 -5.34
N HIS A 58 -4.39 13.07 -6.20
CA HIS A 58 -3.64 14.23 -5.73
C HIS A 58 -4.39 14.97 -4.63
N THR A 59 -5.71 15.06 -4.78
CA THR A 59 -6.55 15.74 -3.80
C THR A 59 -6.75 14.88 -2.55
N CYS A 60 -6.89 13.57 -2.77
CA CYS A 60 -7.09 12.64 -1.66
C CYS A 60 -5.97 12.76 -0.64
N LEU A 61 -4.73 12.72 -1.12
CA LEU A 61 -3.57 12.82 -0.25
C LEU A 61 -3.48 14.21 0.38
N GLN A 62 -3.76 15.24 -0.42
CA GLN A 62 -3.71 16.61 0.07
C GLN A 62 -4.67 16.81 1.23
N GLU A 63 -5.78 16.08 1.23
CA GLU A 63 -6.78 16.18 2.28
C GLU A 63 -6.25 15.58 3.58
N ALA A 64 -5.45 14.53 3.46
CA ALA A 64 -4.87 13.86 4.62
C ALA A 64 -3.79 14.71 5.26
N GLY A 65 -3.09 15.49 4.44
CA GLY A 65 -2.03 16.34 4.95
C GLY A 65 -0.75 16.21 4.14
N ILE A 66 -0.73 15.26 3.21
CA ILE A 66 0.44 15.04 2.37
C ILE A 66 0.55 16.12 1.29
N THR A 67 1.68 16.82 1.27
CA THR A 67 1.91 17.87 0.29
C THR A 67 3.17 17.59 -0.53
N GLU A 68 4.17 16.99 0.12
CA GLU A 68 5.42 16.68 -0.55
C GLU A 68 5.18 16.07 -1.93
N GLU A 69 5.20 16.92 -2.95
CA GLU A 69 4.97 16.46 -4.32
C GLU A 69 5.82 15.23 -4.63
N ARG A 70 6.87 15.03 -3.84
CA ARG A 70 7.76 13.89 -4.03
C ARG A 70 7.12 12.61 -3.52
N HIS A 71 6.42 12.71 -2.40
CA HIS A 71 5.76 11.56 -1.80
C HIS A 71 4.43 11.27 -2.50
N ILE A 72 3.66 12.33 -2.75
CA ILE A 72 2.36 12.20 -3.41
C ILE A 72 2.49 11.49 -4.75
N ARG A 73 3.52 11.87 -5.51
CA ARG A 73 3.75 11.26 -6.82
C ARG A 73 4.08 9.78 -6.68
N LYS A 74 4.88 9.44 -5.67
CA LYS A 74 5.26 8.06 -5.42
C LYS A 74 4.06 7.22 -5.04
N LEU A 75 3.24 7.75 -4.12
CA LEU A 75 2.05 7.04 -3.67
C LEU A 75 1.07 6.83 -4.82
N LEU A 76 0.77 7.91 -5.53
CA LEU A 76 -0.16 7.84 -6.67
C LEU A 76 0.35 6.86 -7.73
N SER A 77 1.67 6.84 -7.93
CA SER A 77 2.28 5.97 -8.91
C SER A 77 2.27 4.51 -8.43
N ALA A 78 2.57 4.32 -7.15
CA ALA A 78 2.59 3.00 -6.55
C ALA A 78 1.19 2.40 -6.50
N ALA A 79 0.19 3.24 -6.27
CA ALA A 79 -1.19 2.80 -6.19
C ALA A 79 -1.69 2.34 -7.56
N ARG A 80 -1.33 3.08 -8.60
CA ARG A 80 -1.75 2.74 -9.95
C ARG A 80 -1.13 1.42 -10.40
N LEU A 81 0.01 1.07 -9.82
CA LEU A 81 0.70 -0.17 -10.15
C LEU A 81 0.13 -1.34 -9.37
N PHE A 82 -0.72 -1.04 -8.39
CA PHE A 82 -1.33 -2.07 -7.56
C PHE A 82 -2.40 -2.83 -8.34
N LYS A 83 -2.02 -3.96 -8.89
CA LYS A 83 -2.94 -4.78 -9.67
C LYS A 83 -3.64 -5.81 -8.77
N LEU A 84 -4.89 -5.54 -8.43
CA LEU A 84 -5.66 -6.44 -7.59
C LEU A 84 -6.10 -7.68 -8.36
N PRO A 85 -6.14 -8.83 -7.66
CA PRO A 85 -6.54 -10.11 -8.26
C PRO A 85 -8.01 -10.15 -8.62
N PRO A 86 -8.35 -10.90 -9.67
CA PRO A 86 -9.74 -11.05 -10.13
C PRO A 86 -10.59 -11.85 -9.16
N GLY A 87 -11.90 -11.79 -9.34
CA GLY A 87 -12.81 -12.52 -8.47
C GLY A 87 -13.58 -13.61 -9.22
N PRO A 88 -14.88 -13.74 -8.90
CA PRO A 88 -15.74 -14.74 -9.53
C PRO A 88 -16.02 -14.42 -10.99
N GLU A 89 -15.51 -13.29 -11.46
CA GLU A 89 -15.71 -12.87 -12.84
C GLU A 89 -17.10 -13.28 -13.33
N ALA A 90 -18.06 -12.39 -13.16
CA ALA A 90 -19.43 -12.66 -13.59
C ALA A 90 -20.38 -11.52 -13.17
N MET A 91 -20.48 -11.31 -11.87
CA MET A 91 -21.34 -10.25 -11.34
C MET A 91 -20.78 -8.87 -11.66
N SER A 92 -21.67 -7.91 -11.87
CA SER A 92 -21.27 -6.55 -12.19
C SER A 92 -22.46 -5.60 -12.19
N GLY A 93 -23.46 -5.92 -13.02
CA GLY A 93 -24.64 -5.09 -13.09
C GLY A 93 -25.41 -5.29 -14.38
N PRO A 94 -26.23 -4.30 -14.75
CA PRO A 94 -27.04 -4.34 -15.96
C PRO A 94 -26.19 -4.24 -17.23
N SER A 95 -25.08 -3.50 -17.13
CA SER A 95 -24.19 -3.31 -18.27
C SER A 95 -22.97 -4.23 -18.15
N SER A 96 -22.72 -5.01 -19.20
CA SER A 96 -21.59 -5.93 -19.21
C SER A 96 -20.27 -5.16 -19.28
N GLY A 97 -19.20 -5.82 -18.86
CA GLY A 97 -17.89 -5.18 -18.89
C GLY A 97 -16.77 -6.17 -19.18
N GLY A 1 47.94 -5.91 29.38
CA GLY A 1 47.74 -7.31 29.72
C GLY A 1 46.42 -7.84 29.23
N SER A 2 46.19 -7.77 27.92
CA SER A 2 44.95 -8.26 27.34
C SER A 2 45.08 -8.40 25.83
N SER A 3 45.63 -7.36 25.19
CA SER A 3 45.81 -7.36 23.74
C SER A 3 44.47 -7.22 23.02
N GLY A 4 44.31 -6.13 22.28
CA GLY A 4 43.07 -5.91 21.56
C GLY A 4 42.78 -7.00 20.54
N SER A 5 43.26 -6.81 19.32
CA SER A 5 43.03 -7.78 18.26
C SER A 5 41.55 -8.04 18.06
N SER A 6 41.23 -8.94 17.12
CA SER A 6 39.84 -9.27 16.83
C SER A 6 39.11 -8.09 16.21
N GLY A 7 38.76 -7.11 17.04
CA GLY A 7 38.06 -5.94 16.55
C GLY A 7 38.09 -4.79 17.54
N GLY A 8 37.28 -4.89 18.58
CA GLY A 8 37.23 -3.84 19.59
C GLY A 8 35.83 -3.29 19.79
N GLY A 9 35.19 -2.91 18.69
CA GLY A 9 33.84 -2.38 18.78
C GLY A 9 32.79 -3.37 18.33
N LEU A 10 31.66 -3.40 19.04
CA LEU A 10 30.57 -4.31 18.71
C LEU A 10 29.32 -3.54 18.30
N THR A 11 29.51 -2.50 17.49
CA THR A 11 28.39 -1.68 17.03
C THR A 11 28.00 -2.04 15.61
N GLU A 12 26.70 -2.18 15.37
CA GLU A 12 26.20 -2.53 14.03
C GLU A 12 24.71 -2.24 13.93
N ILE A 13 24.25 -1.96 12.71
CA ILE A 13 22.84 -1.68 12.48
C ILE A 13 21.99 -2.94 12.64
N CYS A 14 20.73 -2.75 13.01
CA CYS A 14 19.81 -3.87 13.21
C CYS A 14 18.91 -4.04 11.98
N ARG A 15 18.07 -3.05 11.73
CA ARG A 15 17.15 -3.10 10.60
C ARG A 15 16.68 -4.52 10.34
N LYS A 16 15.58 -4.90 10.99
CA LYS A 16 15.02 -6.24 10.83
C LYS A 16 14.07 -6.29 9.64
N PRO A 17 14.06 -7.42 8.92
CA PRO A 17 13.19 -7.63 7.77
C PRO A 17 11.72 -7.75 8.15
N VAL A 18 10.87 -6.95 7.50
CA VAL A 18 9.44 -6.98 7.78
C VAL A 18 8.67 -7.61 6.62
N SER A 19 7.98 -8.70 6.90
CA SER A 19 7.20 -9.40 5.87
C SER A 19 8.10 -9.90 4.76
N PRO A 20 7.75 -11.08 4.21
CA PRO A 20 8.52 -11.70 3.13
C PRO A 20 8.39 -10.94 1.81
N GLY A 21 7.66 -9.83 1.85
CA GLY A 21 7.46 -9.03 0.66
C GLY A 21 6.06 -9.13 0.10
N CYS A 22 5.11 -9.42 0.98
CA CYS A 22 3.70 -9.55 0.59
C CYS A 22 2.88 -8.40 1.15
N ILE A 23 1.77 -8.08 0.47
CA ILE A 23 0.90 -7.00 0.89
C ILE A 23 -0.47 -7.53 1.29
N SER A 24 -0.93 -7.13 2.47
CA SER A 24 -2.23 -7.58 2.98
C SER A 24 -3.10 -6.38 3.33
N SER A 25 -2.50 -5.36 3.92
CA SER A 25 -3.22 -4.15 4.31
C SER A 25 -2.48 -2.90 3.86
N VAL A 26 -3.17 -1.76 3.87
CA VAL A 26 -2.59 -0.49 3.46
C VAL A 26 -1.13 -0.40 3.92
N SER A 27 -0.93 -0.40 5.23
CA SER A 27 0.42 -0.30 5.79
C SER A 27 1.40 -1.17 5.01
N ASP A 28 1.05 -2.44 4.84
CA ASP A 28 1.90 -3.37 4.10
C ASP A 28 2.26 -2.82 2.73
N TRP A 29 1.31 -2.14 2.10
CA TRP A 29 1.53 -1.56 0.79
C TRP A 29 2.39 -0.30 0.88
N LEU A 30 2.16 0.49 1.92
CA LEU A 30 2.90 1.72 2.14
C LEU A 30 4.37 1.43 2.40
N ILE A 31 4.63 0.31 3.08
CA ILE A 31 6.00 -0.08 3.40
C ILE A 31 6.74 -0.56 2.15
N SER A 32 6.06 -1.35 1.33
CA SER A 32 6.65 -1.87 0.10
C SER A 32 7.19 -0.74 -0.77
N ILE A 33 6.66 0.46 -0.56
CA ILE A 33 7.08 1.63 -1.32
C ILE A 33 8.05 2.49 -0.52
N GLY A 34 8.13 2.22 0.79
CA GLY A 34 9.01 2.98 1.65
C GLY A 34 8.37 4.26 2.15
N LEU A 35 7.06 4.25 2.32
CA LEU A 35 6.33 5.42 2.79
C LEU A 35 5.34 5.03 3.88
N PRO A 36 5.80 4.21 4.84
CA PRO A 36 4.97 3.75 5.96
C PRO A 36 4.65 4.88 6.94
N MET A 37 5.34 6.01 6.78
CA MET A 37 5.12 7.16 7.65
C MET A 37 3.75 7.78 7.41
N TYR A 38 3.02 7.23 6.45
CA TYR A 38 1.69 7.73 6.12
C TYR A 38 0.62 6.75 6.58
N ALA A 39 1.02 5.54 6.93
CA ALA A 39 0.10 4.51 7.39
C ALA A 39 -0.97 5.11 8.30
N GLY A 40 -0.53 5.72 9.40
CA GLY A 40 -1.46 6.33 10.33
C GLY A 40 -2.17 7.54 9.75
N THR A 41 -1.50 8.24 8.85
CA THR A 41 -2.07 9.42 8.21
C THR A 41 -3.32 9.06 7.42
N LEU A 42 -3.15 8.27 6.37
CA LEU A 42 -4.26 7.86 5.53
C LEU A 42 -5.31 7.10 6.35
N SER A 43 -4.85 6.27 7.28
CA SER A 43 -5.74 5.50 8.13
C SER A 43 -6.77 6.40 8.80
N THR A 44 -6.31 7.57 9.25
CA THR A 44 -7.19 8.52 9.92
C THR A 44 -8.24 9.07 8.96
N ALA A 45 -7.86 9.22 7.70
CA ALA A 45 -8.76 9.73 6.67
C ALA A 45 -9.80 8.68 6.28
N GLY A 46 -9.55 7.44 6.66
CA GLY A 46 -10.47 6.37 6.35
C GLY A 46 -9.81 5.25 5.54
N PHE A 47 -8.58 5.49 5.12
CA PHE A 47 -7.85 4.50 4.33
C PHE A 47 -7.48 3.29 5.18
N SER A 48 -8.37 2.30 5.19
CA SER A 48 -8.15 1.08 5.98
C SER A 48 -8.05 -0.13 5.06
N THR A 49 -8.73 -0.06 3.92
CA THR A 49 -8.73 -1.16 2.96
C THR A 49 -7.81 -0.86 1.78
N LEU A 50 -7.29 -1.90 1.15
CA LEU A 50 -6.40 -1.75 0.00
C LEU A 50 -7.19 -1.41 -1.26
N SER A 51 -8.51 -1.33 -1.13
CA SER A 51 -9.38 -1.01 -2.25
C SER A 51 -9.30 0.47 -2.61
N GLN A 52 -9.08 1.30 -1.59
CA GLN A 52 -8.98 2.73 -1.80
C GLN A 52 -7.58 3.14 -2.24
N VAL A 53 -6.65 2.18 -2.18
CA VAL A 53 -5.28 2.44 -2.58
C VAL A 53 -5.20 2.85 -4.05
N PRO A 54 -5.69 1.99 -4.94
CA PRO A 54 -5.69 2.24 -6.38
C PRO A 54 -6.66 3.35 -6.77
N SER A 55 -7.31 3.94 -5.78
CA SER A 55 -8.27 5.01 -6.01
C SER A 55 -7.77 6.33 -5.44
N LEU A 56 -6.48 6.39 -5.16
CA LEU A 56 -5.87 7.60 -4.62
C LEU A 56 -6.00 8.77 -5.58
N SER A 57 -5.56 9.94 -5.14
CA SER A 57 -5.62 11.14 -5.98
C SER A 57 -4.88 12.30 -5.32
N HIS A 58 -4.18 13.09 -6.13
CA HIS A 58 -3.42 14.22 -5.63
C HIS A 58 -4.20 14.95 -4.53
N THR A 59 -5.50 15.11 -4.75
CA THR A 59 -6.36 15.79 -3.77
C THR A 59 -6.56 14.94 -2.53
N CYS A 60 -6.75 13.64 -2.73
CA CYS A 60 -6.95 12.72 -1.61
C CYS A 60 -5.81 12.81 -0.60
N LEU A 61 -4.59 12.61 -1.09
CA LEU A 61 -3.41 12.69 -0.23
C LEU A 61 -3.27 14.07 0.39
N GLN A 62 -3.61 15.09 -0.38
CA GLN A 62 -3.53 16.47 0.11
C GLN A 62 -4.47 16.70 1.28
N GLU A 63 -5.59 15.98 1.28
CA GLU A 63 -6.57 16.11 2.35
C GLU A 63 -6.05 15.48 3.64
N ALA A 64 -5.30 14.39 3.51
CA ALA A 64 -4.74 13.70 4.66
C ALA A 64 -3.64 14.53 5.31
N GLY A 65 -3.02 15.40 4.52
CA GLY A 65 -1.94 16.23 5.03
C GLY A 65 -0.66 16.06 4.25
N ILE A 66 -0.70 15.24 3.21
CA ILE A 66 0.46 15.00 2.37
C ILE A 66 0.60 16.08 1.30
N THR A 67 1.74 16.77 1.30
CA THR A 67 2.00 17.82 0.32
C THR A 67 3.26 17.53 -0.48
N GLU A 68 4.24 16.91 0.18
CA GLU A 68 5.50 16.58 -0.48
C GLU A 68 5.24 15.95 -1.85
N GLU A 69 5.18 16.79 -2.87
CA GLU A 69 4.94 16.31 -4.24
C GLU A 69 5.79 15.08 -4.54
N ARG A 70 6.92 14.96 -3.84
CA ARG A 70 7.82 13.83 -4.04
C ARG A 70 7.18 12.54 -3.54
N HIS A 71 6.51 12.60 -2.40
CA HIS A 71 5.85 11.44 -1.81
C HIS A 71 4.50 11.20 -2.48
N ILE A 72 3.81 12.28 -2.82
CA ILE A 72 2.50 12.17 -3.47
C ILE A 72 2.59 11.37 -4.76
N ARG A 73 3.56 11.72 -5.60
CA ARG A 73 3.76 11.04 -6.87
C ARG A 73 4.06 9.56 -6.65
N LYS A 74 4.91 9.27 -5.67
CA LYS A 74 5.28 7.90 -5.36
C LYS A 74 4.06 7.08 -4.93
N LEU A 75 3.24 7.67 -4.07
CA LEU A 75 2.04 7.01 -3.57
C LEU A 75 1.03 6.82 -4.70
N LEU A 76 0.77 7.88 -5.45
CA LEU A 76 -0.17 7.84 -6.56
C LEU A 76 0.27 6.82 -7.61
N SER A 77 1.57 6.75 -7.85
CA SER A 77 2.12 5.82 -8.83
C SER A 77 2.07 4.39 -8.30
N ALA A 78 2.42 4.22 -7.03
CA ALA A 78 2.41 2.91 -6.41
C ALA A 78 1.00 2.34 -6.33
N ALA A 79 0.01 3.23 -6.26
CA ALA A 79 -1.39 2.83 -6.18
C ALA A 79 -1.89 2.32 -7.53
N ARG A 80 -1.47 2.99 -8.60
CA ARG A 80 -1.87 2.61 -9.94
C ARG A 80 -1.25 1.28 -10.35
N LEU A 81 -0.17 0.92 -9.68
CA LEU A 81 0.53 -0.33 -9.97
C LEU A 81 -0.07 -1.49 -9.17
N PHE A 82 -1.04 -1.17 -8.33
CA PHE A 82 -1.69 -2.18 -7.51
C PHE A 82 -2.80 -2.89 -8.29
N LYS A 83 -2.50 -4.09 -8.78
CA LYS A 83 -3.46 -4.87 -9.55
C LYS A 83 -4.12 -5.93 -8.68
N LEU A 84 -5.36 -5.68 -8.28
CA LEU A 84 -6.11 -6.61 -7.44
C LEU A 84 -6.57 -7.82 -8.25
N PRO A 85 -6.56 -9.00 -7.61
CA PRO A 85 -6.98 -10.25 -8.26
C PRO A 85 -8.47 -10.29 -8.52
N PRO A 86 -8.87 -11.00 -9.60
CA PRO A 86 -10.27 -11.12 -10.00
C PRO A 86 -11.06 -11.99 -9.02
N GLY A 87 -12.31 -11.62 -8.79
CA GLY A 87 -13.16 -12.38 -7.88
C GLY A 87 -14.13 -11.49 -7.12
N PRO A 88 -15.28 -11.20 -7.74
CA PRO A 88 -16.32 -10.36 -7.13
C PRO A 88 -17.01 -11.05 -5.96
N GLU A 89 -16.55 -12.25 -5.63
CA GLU A 89 -17.13 -13.02 -4.53
C GLU A 89 -18.57 -13.40 -4.83
N ALA A 90 -18.76 -14.55 -5.47
CA ALA A 90 -20.09 -15.03 -5.82
C ALA A 90 -20.88 -13.97 -6.59
N MET A 91 -22.02 -14.36 -7.13
CA MET A 91 -22.87 -13.44 -7.88
C MET A 91 -23.97 -12.86 -7.00
N SER A 92 -24.47 -11.69 -7.37
CA SER A 92 -25.52 -11.03 -6.61
C SER A 92 -26.87 -11.68 -6.89
N GLY A 93 -27.27 -11.70 -8.15
CA GLY A 93 -28.54 -12.29 -8.52
C GLY A 93 -29.50 -11.27 -9.10
N PRO A 94 -30.72 -11.72 -9.42
CA PRO A 94 -31.76 -10.86 -9.99
C PRO A 94 -32.30 -9.86 -8.97
N SER A 95 -33.42 -9.23 -9.29
CA SER A 95 -34.04 -8.25 -8.41
C SER A 95 -33.03 -7.17 -8.01
N SER A 96 -32.91 -6.15 -8.85
CA SER A 96 -31.98 -5.06 -8.59
C SER A 96 -32.26 -4.41 -7.23
N GLY A 97 -31.25 -3.76 -6.67
CA GLY A 97 -31.40 -3.12 -5.38
C GLY A 97 -30.14 -2.42 -4.92
N GLY A 1 -15.04 -23.17 6.65
CA GLY A 1 -13.62 -22.91 6.48
C GLY A 1 -13.32 -22.24 5.16
N SER A 2 -14.09 -21.20 4.83
CA SER A 2 -13.89 -20.47 3.58
C SER A 2 -14.05 -18.98 3.81
N SER A 3 -13.81 -18.20 2.75
CA SER A 3 -13.91 -16.74 2.83
C SER A 3 -13.40 -16.23 4.17
N GLY A 4 -12.27 -16.80 4.61
CA GLY A 4 -11.69 -16.39 5.87
C GLY A 4 -10.43 -15.57 5.69
N SER A 5 -10.47 -14.62 4.75
CA SER A 5 -9.31 -13.78 4.48
C SER A 5 -9.47 -12.41 5.14
N SER A 6 -8.86 -12.26 6.31
CA SER A 6 -8.94 -11.00 7.04
C SER A 6 -7.55 -10.57 7.54
N GLY A 7 -6.89 -11.48 8.24
CA GLY A 7 -5.56 -11.18 8.76
C GLY A 7 -5.52 -11.20 10.28
N GLY A 8 -5.36 -10.02 10.88
CA GLY A 8 -5.30 -9.92 12.32
C GLY A 8 -6.22 -8.86 12.87
N GLY A 9 -5.64 -7.86 13.55
CA GLY A 9 -6.42 -6.79 14.12
C GLY A 9 -5.57 -5.66 14.65
N LEU A 10 -5.62 -4.51 13.99
CA LEU A 10 -4.83 -3.35 14.39
C LEU A 10 -3.35 -3.56 14.10
N THR A 11 -2.61 -2.47 14.03
CA THR A 11 -1.18 -2.53 13.76
C THR A 11 -0.48 -3.51 14.69
N GLU A 12 0.59 -4.12 14.19
CA GLU A 12 1.35 -5.10 14.98
C GLU A 12 2.59 -4.47 15.57
N ILE A 13 3.11 -5.06 16.65
CA ILE A 13 4.30 -4.55 17.31
C ILE A 13 5.52 -5.41 16.98
N CYS A 14 6.70 -4.80 17.05
CA CYS A 14 7.95 -5.51 16.76
C CYS A 14 8.05 -5.85 15.27
N ARG A 15 9.11 -5.39 14.64
CA ARG A 15 9.32 -5.63 13.21
C ARG A 15 9.11 -7.11 12.88
N LYS A 16 8.55 -7.37 11.71
CA LYS A 16 8.29 -8.74 11.27
C LYS A 16 9.16 -9.10 10.07
N PRO A 17 9.56 -10.38 10.00
CA PRO A 17 10.40 -10.88 8.91
C PRO A 17 9.66 -10.94 7.58
N VAL A 18 10.32 -10.47 6.53
CA VAL A 18 9.72 -10.47 5.19
C VAL A 18 10.32 -11.55 4.32
N SER A 19 9.71 -11.77 3.15
CA SER A 19 10.20 -12.78 2.21
C SER A 19 9.32 -12.84 0.97
N PRO A 20 8.04 -13.17 1.16
CA PRO A 20 7.07 -13.25 0.07
C PRO A 20 6.73 -11.89 -0.52
N GLY A 21 6.46 -10.92 0.35
CA GLY A 21 6.14 -9.58 -0.11
C GLY A 21 4.67 -9.44 -0.48
N CYS A 22 3.85 -10.37 0.00
CA CYS A 22 2.42 -10.34 -0.29
C CYS A 22 1.71 -9.32 0.58
N ILE A 23 1.19 -8.27 -0.04
CA ILE A 23 0.48 -7.22 0.69
C ILE A 23 -0.88 -7.72 1.18
N SER A 24 -1.27 -7.26 2.36
CA SER A 24 -2.55 -7.66 2.94
C SER A 24 -3.42 -6.44 3.25
N SER A 25 -2.78 -5.39 3.78
CA SER A 25 -3.50 -4.17 4.12
C SER A 25 -2.74 -2.94 3.61
N VAL A 26 -3.34 -1.78 3.78
CA VAL A 26 -2.73 -0.52 3.34
C VAL A 26 -1.28 -0.44 3.79
N SER A 27 -1.05 -0.62 5.09
CA SER A 27 0.30 -0.55 5.65
C SER A 27 1.26 -1.41 4.83
N ASP A 28 0.98 -2.71 4.77
CA ASP A 28 1.82 -3.63 4.03
C ASP A 28 2.20 -3.06 2.67
N TRP A 29 1.30 -2.27 2.09
CA TRP A 29 1.53 -1.66 0.79
C TRP A 29 2.37 -0.39 0.94
N LEU A 30 2.06 0.41 1.95
CA LEU A 30 2.78 1.65 2.20
C LEU A 30 4.25 1.37 2.52
N ILE A 31 4.50 0.26 3.21
CA ILE A 31 5.86 -0.12 3.58
C ILE A 31 6.63 -0.65 2.37
N SER A 32 5.93 -1.41 1.53
CA SER A 32 6.55 -1.98 0.34
C SER A 32 7.13 -0.90 -0.55
N ILE A 33 6.63 0.33 -0.38
CA ILE A 33 7.10 1.46 -1.17
C ILE A 33 8.05 2.34 -0.37
N GLY A 34 8.13 2.07 0.94
CA GLY A 34 9.01 2.85 1.80
C GLY A 34 8.36 4.14 2.26
N LEU A 35 7.05 4.13 2.44
CA LEU A 35 6.32 5.31 2.88
C LEU A 35 5.33 4.96 3.99
N PRO A 36 5.80 4.17 4.97
CA PRO A 36 4.97 3.75 6.11
C PRO A 36 4.66 4.91 7.05
N MET A 37 5.33 6.04 6.85
CA MET A 37 5.11 7.21 7.68
C MET A 37 3.74 7.82 7.42
N TYR A 38 3.00 7.22 6.49
CA TYR A 38 1.67 7.70 6.15
C TYR A 38 0.60 6.74 6.66
N ALA A 39 1.00 5.51 6.93
CA ALA A 39 0.08 4.49 7.43
C ALA A 39 -0.98 5.10 8.34
N GLY A 40 -0.52 5.78 9.39
CA GLY A 40 -1.44 6.40 10.33
C GLY A 40 -2.09 7.64 9.76
N THR A 41 -1.38 8.35 8.91
CA THR A 41 -1.89 9.56 8.29
C THR A 41 -3.14 9.27 7.46
N LEU A 42 -3.00 8.40 6.48
CA LEU A 42 -4.11 8.02 5.61
C LEU A 42 -5.19 7.28 6.40
N SER A 43 -4.75 6.44 7.32
CA SER A 43 -5.67 5.66 8.15
C SER A 43 -6.67 6.56 8.84
N THR A 44 -6.19 7.70 9.35
CA THR A 44 -7.05 8.65 10.04
C THR A 44 -8.06 9.27 9.09
N ALA A 45 -7.62 9.57 7.87
CA ALA A 45 -8.49 10.16 6.86
C ALA A 45 -9.58 9.19 6.44
N GLY A 46 -9.36 7.91 6.71
CA GLY A 46 -10.33 6.89 6.34
C GLY A 46 -9.72 5.77 5.53
N PHE A 47 -8.50 5.98 5.06
CA PHE A 47 -7.80 4.97 4.25
C PHE A 47 -7.44 3.76 5.10
N SER A 48 -8.35 2.78 5.15
CA SER A 48 -8.13 1.57 5.92
C SER A 48 -8.19 0.34 5.03
N THR A 49 -8.90 0.46 3.90
CA THR A 49 -9.04 -0.63 2.96
C THR A 49 -8.09 -0.48 1.78
N LEU A 50 -7.47 -1.58 1.37
CA LEU A 50 -6.54 -1.56 0.25
C LEU A 50 -7.26 -1.26 -1.06
N SER A 51 -8.58 -1.18 -1.00
CA SER A 51 -9.40 -0.90 -2.17
C SER A 51 -9.28 0.56 -2.57
N GLN A 52 -9.09 1.43 -1.59
CA GLN A 52 -8.97 2.86 -1.84
C GLN A 52 -7.54 3.22 -2.24
N VAL A 53 -6.62 2.27 -2.05
CA VAL A 53 -5.22 2.50 -2.39
C VAL A 53 -5.07 2.83 -3.87
N PRO A 54 -5.51 1.91 -4.74
CA PRO A 54 -5.44 2.08 -6.19
C PRO A 54 -6.38 3.16 -6.70
N SER A 55 -7.13 3.76 -5.78
CA SER A 55 -8.08 4.81 -6.13
C SER A 55 -7.66 6.15 -5.53
N LEU A 56 -6.38 6.27 -5.21
CA LEU A 56 -5.86 7.49 -4.61
C LEU A 56 -6.00 8.67 -5.57
N SER A 57 -5.53 9.84 -5.14
CA SER A 57 -5.61 11.05 -5.96
C SER A 57 -4.90 12.20 -5.29
N HIS A 58 -4.26 13.06 -6.09
CA HIS A 58 -3.53 14.21 -5.58
C HIS A 58 -4.33 14.90 -4.47
N THR A 59 -5.65 14.96 -4.66
CA THR A 59 -6.52 15.60 -3.67
C THR A 59 -6.73 14.71 -2.46
N CYS A 60 -6.77 13.39 -2.69
CA CYS A 60 -6.97 12.43 -1.62
C CYS A 60 -5.86 12.55 -0.57
N LEU A 61 -4.62 12.55 -1.04
CA LEU A 61 -3.47 12.67 -0.14
C LEU A 61 -3.41 14.05 0.50
N GLN A 62 -3.66 15.07 -0.30
CA GLN A 62 -3.64 16.45 0.19
C GLN A 62 -4.64 16.64 1.32
N GLU A 63 -5.74 15.89 1.26
CA GLU A 63 -6.79 15.99 2.27
C GLU A 63 -6.30 15.41 3.60
N ALA A 64 -5.41 14.44 3.53
CA ALA A 64 -4.86 13.80 4.73
C ALA A 64 -3.78 14.68 5.36
N GLY A 65 -3.19 15.55 4.55
CA GLY A 65 -2.14 16.42 5.05
C GLY A 65 -0.86 16.32 4.24
N ILE A 66 -0.78 15.29 3.40
CA ILE A 66 0.39 15.08 2.57
C ILE A 66 0.51 16.15 1.49
N THR A 67 1.68 16.76 1.40
CA THR A 67 1.93 17.81 0.42
C THR A 67 3.19 17.53 -0.40
N GLU A 68 4.15 16.88 0.25
CA GLU A 68 5.42 16.56 -0.41
C GLU A 68 5.17 15.94 -1.79
N GLU A 69 5.11 16.79 -2.81
CA GLU A 69 4.87 16.34 -4.17
C GLU A 69 5.72 15.11 -4.50
N ARG A 70 6.84 14.97 -3.78
CA ARG A 70 7.75 13.85 -3.99
C ARG A 70 7.11 12.55 -3.53
N HIS A 71 6.42 12.60 -2.39
CA HIS A 71 5.77 11.42 -1.84
C HIS A 71 4.43 11.17 -2.53
N ILE A 72 3.73 12.24 -2.88
CA ILE A 72 2.44 12.13 -3.55
C ILE A 72 2.58 11.39 -4.88
N ARG A 73 3.61 11.73 -5.64
CA ARG A 73 3.85 11.10 -6.93
C ARG A 73 4.19 9.63 -6.76
N LYS A 74 4.95 9.32 -5.72
CA LYS A 74 5.35 7.94 -5.44
C LYS A 74 4.15 7.10 -5.03
N LEU A 75 3.28 7.68 -4.19
CA LEU A 75 2.10 6.98 -3.73
C LEU A 75 1.08 6.82 -4.85
N LEU A 76 0.87 7.90 -5.61
CA LEU A 76 -0.07 7.88 -6.72
C LEU A 76 0.39 6.92 -7.81
N SER A 77 1.71 6.86 -8.02
CA SER A 77 2.28 5.99 -9.04
C SER A 77 2.23 4.53 -8.60
N ALA A 78 2.48 4.29 -7.32
CA ALA A 78 2.46 2.94 -6.77
C ALA A 78 1.04 2.39 -6.75
N ALA A 79 0.07 3.25 -6.47
CA ALA A 79 -1.33 2.85 -6.43
C ALA A 79 -1.84 2.47 -7.82
N ARG A 80 -1.43 3.24 -8.82
CA ARG A 80 -1.85 2.99 -10.20
C ARG A 80 -1.30 1.66 -10.69
N LEU A 81 -0.33 1.11 -9.97
CA LEU A 81 0.29 -0.16 -10.33
C LEU A 81 -0.27 -1.30 -9.48
N PHE A 82 -1.32 -1.01 -8.73
CA PHE A 82 -1.94 -2.02 -7.87
C PHE A 82 -3.18 -2.61 -8.53
N LYS A 83 -3.06 -3.86 -8.96
CA LYS A 83 -4.17 -4.55 -9.61
C LYS A 83 -4.74 -5.64 -8.71
N LEU A 84 -5.92 -5.40 -8.16
CA LEU A 84 -6.57 -6.36 -7.27
C LEU A 84 -7.08 -7.56 -8.06
N PRO A 85 -7.00 -8.76 -7.45
CA PRO A 85 -7.45 -9.99 -8.08
C PRO A 85 -8.97 -10.06 -8.22
N PRO A 86 -9.45 -10.83 -9.20
CA PRO A 86 -10.88 -11.00 -9.46
C PRO A 86 -11.59 -11.78 -8.36
N GLY A 87 -12.90 -11.64 -8.27
CA GLY A 87 -13.67 -12.35 -7.26
C GLY A 87 -15.07 -11.80 -7.11
N PRO A 88 -15.99 -12.27 -7.96
CA PRO A 88 -17.39 -11.84 -7.93
C PRO A 88 -18.13 -12.33 -6.69
N GLU A 89 -17.44 -13.11 -5.86
CA GLU A 89 -18.03 -13.64 -4.64
C GLU A 89 -18.36 -12.52 -3.66
N ALA A 90 -17.80 -11.35 -3.90
CA ALA A 90 -18.03 -10.20 -3.04
C ALA A 90 -18.34 -8.95 -3.86
N MET A 91 -19.09 -9.13 -4.93
CA MET A 91 -19.46 -8.01 -5.80
C MET A 91 -20.82 -7.45 -5.42
N SER A 92 -20.86 -6.16 -5.09
CA SER A 92 -22.11 -5.51 -4.70
C SER A 92 -22.00 -4.00 -4.86
N GLY A 93 -20.94 -3.42 -4.29
CA GLY A 93 -20.74 -1.99 -4.38
C GLY A 93 -20.42 -1.53 -5.79
N PRO A 94 -20.45 -0.21 -6.01
CA PRO A 94 -20.17 0.38 -7.33
C PRO A 94 -18.70 0.26 -7.71
N SER A 95 -17.84 0.13 -6.70
CA SER A 95 -16.40 0.01 -6.94
C SER A 95 -16.09 -1.28 -7.68
N SER A 96 -15.02 -1.26 -8.48
CA SER A 96 -14.61 -2.43 -9.24
C SER A 96 -13.33 -2.14 -10.01
N GLY A 97 -12.19 -2.28 -9.34
CA GLY A 97 -10.91 -2.04 -9.99
C GLY A 97 -10.16 -3.32 -10.29
N GLY A 1 22.36 -27.16 38.86
CA GLY A 1 22.89 -25.82 39.03
C GLY A 1 21.79 -24.80 39.27
N SER A 2 22.08 -23.53 38.97
CA SER A 2 21.11 -22.46 39.16
C SER A 2 20.51 -22.02 37.82
N SER A 3 21.39 -21.71 36.87
CA SER A 3 20.96 -21.27 35.55
C SER A 3 21.48 -22.21 34.46
N GLY A 4 21.05 -21.98 33.23
CA GLY A 4 21.48 -22.80 32.13
C GLY A 4 20.51 -23.92 31.80
N SER A 5 20.99 -24.95 31.11
CA SER A 5 20.14 -26.09 30.74
C SER A 5 18.85 -25.60 30.09
N SER A 6 18.98 -24.68 29.13
CA SER A 6 17.82 -24.14 28.43
C SER A 6 16.86 -23.48 29.41
N GLY A 7 17.14 -22.22 29.75
CA GLY A 7 16.30 -21.50 30.68
C GLY A 7 16.61 -20.01 30.71
N GLY A 8 16.35 -19.33 29.59
CA GLY A 8 16.61 -17.91 29.52
C GLY A 8 15.89 -17.24 28.36
N GLY A 9 16.65 -16.83 27.35
CA GLY A 9 16.06 -16.18 26.20
C GLY A 9 14.89 -16.96 25.63
N LEU A 10 13.68 -16.44 25.84
CA LEU A 10 12.47 -17.09 25.35
C LEU A 10 12.40 -17.04 23.82
N THR A 11 12.65 -18.18 23.18
CA THR A 11 12.61 -18.26 21.73
C THR A 11 11.31 -17.68 21.17
N GLU A 12 11.39 -17.14 19.96
CA GLU A 12 10.22 -16.54 19.32
C GLU A 12 9.16 -17.60 19.05
N ILE A 13 7.96 -17.38 19.58
CA ILE A 13 6.85 -18.32 19.39
C ILE A 13 5.83 -17.76 18.41
N CYS A 14 5.12 -18.66 17.74
CA CYS A 14 4.11 -18.26 16.77
C CYS A 14 4.51 -16.98 16.04
N ARG A 15 5.79 -16.88 15.71
CA ARG A 15 6.31 -15.70 15.02
C ARG A 15 7.27 -16.10 13.91
N LYS A 16 6.72 -16.40 12.74
CA LYS A 16 7.53 -16.80 11.59
C LYS A 16 7.65 -15.66 10.59
N PRO A 17 8.85 -15.51 10.00
CA PRO A 17 9.12 -14.46 9.02
C PRO A 17 8.40 -14.70 7.69
N VAL A 18 7.56 -13.76 7.29
CA VAL A 18 6.81 -13.86 6.05
C VAL A 18 7.68 -13.52 4.85
N SER A 19 7.35 -14.11 3.69
CA SER A 19 8.11 -13.86 2.47
C SER A 19 7.93 -12.43 1.99
N PRO A 20 8.96 -11.90 1.32
CA PRO A 20 8.95 -10.53 0.79
C PRO A 20 7.97 -10.36 -0.37
N GLY A 21 7.22 -9.26 -0.34
CA GLY A 21 6.26 -9.01 -1.40
C GLY A 21 4.86 -9.46 -1.04
N CYS A 22 4.53 -9.36 0.25
CA CYS A 22 3.21 -9.77 0.73
C CYS A 22 2.45 -8.57 1.30
N ILE A 23 1.38 -8.18 0.61
CA ILE A 23 0.57 -7.04 1.04
C ILE A 23 -0.84 -7.50 1.41
N SER A 24 -1.22 -7.27 2.67
CA SER A 24 -2.54 -7.66 3.14
C SER A 24 -3.44 -6.44 3.27
N SER A 25 -2.91 -5.36 3.84
CA SER A 25 -3.67 -4.14 4.02
C SER A 25 -2.89 -2.93 3.50
N VAL A 26 -3.47 -1.74 3.67
CA VAL A 26 -2.82 -0.51 3.21
C VAL A 26 -1.40 -0.40 3.74
N SER A 27 -1.28 -0.27 5.07
CA SER A 27 0.02 -0.15 5.71
C SER A 27 1.04 -1.09 5.06
N ASP A 28 0.66 -2.35 4.93
CA ASP A 28 1.54 -3.35 4.32
C ASP A 28 2.04 -2.88 2.95
N TRP A 29 1.15 -2.22 2.21
CA TRP A 29 1.50 -1.71 0.89
C TRP A 29 2.35 -0.46 0.98
N LEU A 30 2.03 0.41 1.94
CA LEU A 30 2.78 1.65 2.15
C LEU A 30 4.23 1.35 2.50
N ILE A 31 4.47 0.21 3.15
CA ILE A 31 5.81 -0.18 3.54
C ILE A 31 6.59 -0.74 2.35
N SER A 32 5.92 -1.52 1.52
CA SER A 32 6.54 -2.12 0.35
C SER A 32 7.05 -1.05 -0.60
N ILE A 33 6.49 0.17 -0.48
CA ILE A 33 6.89 1.28 -1.32
C ILE A 33 7.92 2.16 -0.62
N GLY A 34 8.02 2.00 0.69
CA GLY A 34 8.96 2.79 1.46
C GLY A 34 8.36 4.09 1.99
N LEU A 35 7.04 4.08 2.18
CA LEU A 35 6.34 5.27 2.67
C LEU A 35 5.39 4.89 3.81
N PRO A 36 5.92 4.13 4.79
CA PRO A 36 5.14 3.70 5.95
C PRO A 36 4.81 4.84 6.89
N MET A 37 5.46 5.99 6.66
CA MET A 37 5.23 7.17 7.50
C MET A 37 3.84 7.74 7.26
N TYR A 38 3.09 7.13 6.36
CA TYR A 38 1.74 7.57 6.05
C TYR A 38 0.71 6.55 6.50
N ALA A 39 1.19 5.38 6.92
CA ALA A 39 0.31 4.31 7.38
C ALA A 39 -0.74 4.84 8.35
N GLY A 40 -0.29 5.66 9.31
CA GLY A 40 -1.19 6.21 10.29
C GLY A 40 -1.88 7.47 9.80
N THR A 41 -1.26 8.15 8.83
CA THR A 41 -1.81 9.37 8.27
C THR A 41 -3.04 9.08 7.41
N LEU A 42 -2.87 8.20 6.44
CA LEU A 42 -3.97 7.84 5.55
C LEU A 42 -5.06 7.10 6.31
N SER A 43 -4.66 6.21 7.21
CA SER A 43 -5.61 5.43 8.00
C SER A 43 -6.56 6.36 8.75
N THR A 44 -6.02 7.46 9.26
CA THR A 44 -6.83 8.42 10.00
C THR A 44 -7.86 9.09 9.10
N ALA A 45 -7.47 9.37 7.87
CA ALA A 45 -8.36 10.01 6.91
C ALA A 45 -9.49 9.07 6.49
N GLY A 46 -9.24 7.76 6.63
CA GLY A 46 -10.25 6.79 6.27
C GLY A 46 -9.69 5.68 5.39
N PHE A 47 -8.48 5.88 4.89
CA PHE A 47 -7.83 4.90 4.02
C PHE A 47 -7.46 3.64 4.81
N SER A 48 -8.34 2.66 4.80
CA SER A 48 -8.11 1.41 5.52
C SER A 48 -8.20 0.21 4.57
N THR A 49 -9.04 0.34 3.55
CA THR A 49 -9.23 -0.73 2.57
C THR A 49 -8.28 -0.56 1.38
N LEU A 50 -7.79 -1.67 0.86
CA LEU A 50 -6.87 -1.64 -0.28
C LEU A 50 -7.62 -1.32 -1.57
N SER A 51 -8.94 -1.21 -1.47
CA SER A 51 -9.77 -0.91 -2.62
C SER A 51 -9.70 0.57 -2.98
N GLN A 52 -9.35 1.39 -2.00
CA GLN A 52 -9.24 2.83 -2.20
C GLN A 52 -7.79 3.24 -2.42
N VAL A 53 -6.87 2.33 -2.10
CA VAL A 53 -5.44 2.59 -2.27
C VAL A 53 -5.10 2.92 -3.72
N PRO A 54 -5.41 1.98 -4.62
CA PRO A 54 -5.15 2.15 -6.06
C PRO A 54 -6.06 3.20 -6.69
N SER A 55 -6.89 3.84 -5.86
CA SER A 55 -7.81 4.86 -6.35
C SER A 55 -7.46 6.22 -5.75
N LEU A 56 -6.22 6.37 -5.31
CA LEU A 56 -5.78 7.63 -4.71
C LEU A 56 -5.95 8.78 -5.68
N SER A 57 -5.52 9.97 -5.26
CA SER A 57 -5.63 11.17 -6.09
C SER A 57 -4.90 12.34 -5.46
N HIS A 58 -4.23 13.14 -6.29
CA HIS A 58 -3.49 14.30 -5.80
C HIS A 58 -4.23 14.98 -4.66
N THR A 59 -5.54 15.15 -4.84
CA THR A 59 -6.37 15.79 -3.81
C THR A 59 -6.60 14.86 -2.62
N CYS A 60 -6.81 13.58 -2.91
CA CYS A 60 -7.05 12.60 -1.87
C CYS A 60 -5.97 12.68 -0.79
N LEU A 61 -4.71 12.62 -1.22
CA LEU A 61 -3.58 12.69 -0.30
C LEU A 61 -3.51 14.04 0.38
N GLN A 62 -3.80 15.10 -0.37
CA GLN A 62 -3.78 16.45 0.16
C GLN A 62 -4.76 16.60 1.32
N GLU A 63 -5.93 16.01 1.16
CA GLU A 63 -6.97 16.08 2.19
C GLU A 63 -6.47 15.48 3.50
N ALA A 64 -5.64 14.45 3.41
CA ALA A 64 -5.08 13.80 4.59
C ALA A 64 -4.01 14.66 5.24
N GLY A 65 -3.32 15.46 4.43
CA GLY A 65 -2.29 16.32 4.95
C GLY A 65 -0.99 16.23 4.14
N ILE A 66 -0.93 15.25 3.24
CA ILE A 66 0.25 15.06 2.42
C ILE A 66 0.38 16.16 1.37
N THR A 67 1.53 16.83 1.36
CA THR A 67 1.77 17.91 0.41
C THR A 67 3.03 17.65 -0.41
N GLU A 68 4.01 17.00 0.22
CA GLU A 68 5.27 16.69 -0.45
C GLU A 68 5.02 16.08 -1.83
N GLU A 69 5.16 16.91 -2.86
CA GLU A 69 4.94 16.46 -4.23
C GLU A 69 5.78 15.22 -4.53
N ARG A 70 6.87 15.06 -3.78
CA ARG A 70 7.76 13.91 -3.96
C ARG A 70 7.11 12.62 -3.49
N HIS A 71 6.36 12.73 -2.39
CA HIS A 71 5.68 11.57 -1.81
C HIS A 71 4.33 11.35 -2.49
N ILE A 72 3.66 12.45 -2.83
CA ILE A 72 2.35 12.38 -3.48
C ILE A 72 2.44 11.62 -4.79
N ARG A 73 3.53 11.83 -5.54
CA ARG A 73 3.73 11.17 -6.82
C ARG A 73 4.03 9.69 -6.62
N LYS A 74 4.87 9.39 -5.64
CA LYS A 74 5.25 8.01 -5.34
C LYS A 74 4.02 7.19 -4.95
N LEU A 75 3.20 7.74 -4.06
CA LEU A 75 2.00 7.05 -3.60
C LEU A 75 1.02 6.86 -4.75
N LEU A 76 0.84 7.90 -5.55
CA LEU A 76 -0.07 7.85 -6.69
C LEU A 76 0.43 6.87 -7.75
N SER A 77 1.75 6.82 -7.92
CA SER A 77 2.36 5.92 -8.90
C SER A 77 2.33 4.48 -8.40
N ALA A 78 2.54 4.30 -7.10
CA ALA A 78 2.54 2.97 -6.51
C ALA A 78 1.11 2.41 -6.41
N ALA A 79 0.16 3.29 -6.15
CA ALA A 79 -1.24 2.89 -6.03
C ALA A 79 -1.78 2.40 -7.37
N ARG A 80 -1.55 3.17 -8.42
CA ARG A 80 -2.02 2.82 -9.75
C ARG A 80 -1.37 1.51 -10.22
N LEU A 81 -0.21 1.20 -9.65
CA LEU A 81 0.52 -0.01 -10.01
C LEU A 81 0.00 -1.21 -9.21
N PHE A 82 -0.82 -0.94 -8.21
CA PHE A 82 -1.39 -1.99 -7.37
C PHE A 82 -2.48 -2.75 -8.13
N LYS A 83 -2.08 -3.85 -8.76
CA LYS A 83 -3.02 -4.67 -9.52
C LYS A 83 -3.75 -5.66 -8.60
N LEU A 84 -5.00 -5.36 -8.29
CA LEU A 84 -5.80 -6.22 -7.43
C LEU A 84 -6.25 -7.47 -8.17
N PRO A 85 -6.31 -8.60 -7.45
CA PRO A 85 -6.71 -9.89 -8.01
C PRO A 85 -8.19 -9.93 -8.36
N PRO A 86 -8.55 -10.71 -9.39
CA PRO A 86 -9.94 -10.85 -9.83
C PRO A 86 -10.80 -11.61 -8.83
N GLY A 87 -11.92 -11.01 -8.45
CA GLY A 87 -12.81 -11.65 -7.49
C GLY A 87 -12.32 -11.53 -6.07
N PRO A 88 -12.63 -10.41 -5.42
CA PRO A 88 -12.22 -10.16 -4.03
C PRO A 88 -12.95 -11.06 -3.04
N GLU A 89 -13.98 -11.74 -3.51
CA GLU A 89 -14.75 -12.64 -2.66
C GLU A 89 -14.79 -14.05 -3.24
N ALA A 90 -14.44 -14.16 -4.52
CA ALA A 90 -14.43 -15.45 -5.19
C ALA A 90 -13.42 -15.47 -6.34
N MET A 91 -12.38 -16.28 -6.20
CA MET A 91 -11.34 -16.38 -7.23
C MET A 91 -11.97 -16.71 -8.59
N SER A 92 -11.21 -16.45 -9.65
CA SER A 92 -11.69 -16.71 -11.00
C SER A 92 -12.56 -17.97 -11.04
N GLY A 93 -13.87 -17.77 -11.15
CA GLY A 93 -14.79 -18.89 -11.19
C GLY A 93 -14.42 -19.90 -12.26
N PRO A 94 -15.16 -21.02 -12.29
CA PRO A 94 -14.93 -22.10 -13.27
C PRO A 94 -15.31 -21.68 -14.68
N SER A 95 -15.89 -20.49 -14.81
CA SER A 95 -16.31 -19.98 -16.12
C SER A 95 -15.25 -19.04 -16.69
N SER A 96 -14.27 -19.61 -17.38
CA SER A 96 -13.20 -18.83 -17.99
C SER A 96 -13.17 -19.03 -19.51
N GLY A 97 -13.18 -20.29 -19.93
CA GLY A 97 -13.16 -20.58 -21.35
C GLY A 97 -14.32 -19.96 -22.10
N GLY A 1 20.59 -18.26 3.13
CA GLY A 1 19.62 -18.42 2.08
C GLY A 1 20.05 -19.45 1.04
N SER A 2 20.83 -19.01 0.06
CA SER A 2 21.31 -19.89 -0.99
C SER A 2 22.57 -20.62 -0.56
N SER A 3 22.41 -21.80 0.01
CA SER A 3 23.52 -22.60 0.47
C SER A 3 24.13 -23.41 -0.68
N GLY A 4 25.44 -23.30 -0.84
CA GLY A 4 26.12 -24.04 -1.90
C GLY A 4 25.92 -23.39 -3.25
N SER A 5 25.97 -22.06 -3.30
CA SER A 5 25.80 -21.31 -4.54
C SER A 5 27.08 -21.34 -5.37
N SER A 6 26.94 -21.66 -6.65
CA SER A 6 28.08 -21.72 -7.55
C SER A 6 28.32 -20.37 -8.24
N GLY A 7 29.51 -20.20 -8.78
CA GLY A 7 29.84 -18.95 -9.45
C GLY A 7 28.74 -18.47 -10.38
N GLY A 8 28.10 -17.37 -10.02
CA GLY A 8 27.03 -16.83 -10.84
C GLY A 8 26.23 -15.76 -10.12
N GLY A 9 26.92 -14.73 -9.64
CA GLY A 9 26.26 -13.66 -8.93
C GLY A 9 27.11 -13.09 -7.80
N LEU A 10 27.26 -11.77 -7.78
CA LEU A 10 28.06 -11.11 -6.75
C LEU A 10 27.22 -10.86 -5.51
N THR A 11 27.89 -10.70 -4.37
CA THR A 11 27.21 -10.46 -3.10
C THR A 11 27.73 -9.19 -2.44
N GLU A 12 26.86 -8.17 -2.36
CA GLU A 12 27.24 -6.91 -1.74
C GLU A 12 26.01 -6.17 -1.22
N ILE A 13 25.00 -6.93 -0.82
CA ILE A 13 23.76 -6.36 -0.31
C ILE A 13 23.80 -6.25 1.21
N CYS A 14 22.97 -5.35 1.75
CA CYS A 14 22.91 -5.15 3.19
C CYS A 14 21.51 -5.45 3.73
N ARG A 15 21.24 -6.73 3.96
CA ARG A 15 19.94 -7.16 4.46
C ARG A 15 18.83 -6.28 3.90
N LYS A 16 18.87 -6.05 2.59
CA LYS A 16 17.86 -5.23 1.93
C LYS A 16 16.77 -6.09 1.31
N PRO A 17 15.54 -5.57 1.28
CA PRO A 17 14.38 -6.28 0.72
C PRO A 17 14.47 -6.42 -0.79
N VAL A 18 13.83 -7.46 -1.33
CA VAL A 18 13.84 -7.70 -2.77
C VAL A 18 12.42 -7.70 -3.33
N SER A 19 11.52 -6.99 -2.66
CA SER A 19 10.13 -6.91 -3.09
C SER A 19 9.51 -8.31 -3.17
N PRO A 20 9.11 -8.85 -2.01
CA PRO A 20 8.50 -10.17 -1.92
C PRO A 20 7.11 -10.21 -2.53
N GLY A 21 6.36 -9.11 -2.38
CA GLY A 21 5.01 -9.05 -2.92
C GLY A 21 3.97 -9.60 -1.97
N CYS A 22 4.17 -9.35 -0.69
CA CYS A 22 3.25 -9.82 0.34
C CYS A 22 2.55 -8.65 1.03
N ILE A 23 1.34 -8.34 0.57
CA ILE A 23 0.58 -7.23 1.15
C ILE A 23 -0.81 -7.70 1.60
N SER A 24 -1.24 -7.23 2.77
CA SER A 24 -2.54 -7.61 3.32
C SER A 24 -3.42 -6.38 3.50
N SER A 25 -2.83 -5.31 4.04
CA SER A 25 -3.56 -4.07 4.28
C SER A 25 -2.76 -2.87 3.79
N VAL A 26 -3.41 -1.70 3.78
CA VAL A 26 -2.76 -0.48 3.33
C VAL A 26 -1.32 -0.41 3.83
N SER A 27 -1.14 -0.34 5.14
CA SER A 27 0.19 -0.27 5.74
C SER A 27 1.17 -1.16 4.97
N ASP A 28 0.86 -2.45 4.92
CA ASP A 28 1.71 -3.41 4.22
C ASP A 28 2.12 -2.88 2.85
N TRP A 29 1.18 -2.23 2.17
CA TRP A 29 1.45 -1.68 0.85
C TRP A 29 2.31 -0.42 0.95
N LEU A 30 2.05 0.39 1.97
CA LEU A 30 2.80 1.62 2.18
C LEU A 30 4.26 1.32 2.49
N ILE A 31 4.50 0.23 3.21
CA ILE A 31 5.85 -0.17 3.57
C ILE A 31 6.59 -0.76 2.38
N SER A 32 5.91 -1.59 1.61
CA SER A 32 6.50 -2.21 0.43
C SER A 32 7.08 -1.16 -0.51
N ILE A 33 6.61 0.07 -0.37
CA ILE A 33 7.08 1.17 -1.20
C ILE A 33 8.08 2.05 -0.45
N GLY A 34 8.09 1.93 0.87
CA GLY A 34 9.00 2.70 1.68
C GLY A 34 8.40 4.01 2.13
N LEU A 35 7.08 4.04 2.30
CA LEU A 35 6.38 5.24 2.73
C LEU A 35 5.40 4.92 3.85
N PRO A 36 5.86 4.15 4.84
CA PRO A 36 5.05 3.75 6.00
C PRO A 36 4.76 4.92 6.92
N MET A 37 5.39 6.07 6.65
CA MET A 37 5.19 7.27 7.46
C MET A 37 3.82 7.88 7.21
N TYR A 38 3.02 7.22 6.36
CA TYR A 38 1.69 7.69 6.03
C TYR A 38 0.63 6.73 6.55
N ALA A 39 1.06 5.53 6.92
CA ALA A 39 0.14 4.51 7.43
C ALA A 39 -0.95 5.14 8.30
N GLY A 40 -0.55 5.78 9.39
CA GLY A 40 -1.49 6.41 10.28
C GLY A 40 -2.14 7.64 9.67
N THR A 41 -1.39 8.34 8.82
CA THR A 41 -1.89 9.54 8.16
C THR A 41 -3.14 9.24 7.35
N LEU A 42 -3.03 8.30 6.43
CA LEU A 42 -4.16 7.92 5.58
C LEU A 42 -5.21 7.16 6.39
N SER A 43 -4.75 6.32 7.31
CA SER A 43 -5.65 5.53 8.14
C SER A 43 -6.67 6.42 8.84
N THR A 44 -6.21 7.58 9.32
CA THR A 44 -7.08 8.52 10.01
C THR A 44 -8.11 9.11 9.06
N ALA A 45 -7.69 9.38 7.83
CA ALA A 45 -8.59 9.93 6.82
C ALA A 45 -9.67 8.93 6.42
N GLY A 46 -9.44 7.66 6.76
CA GLY A 46 -10.39 6.62 6.41
C GLY A 46 -9.77 5.51 5.60
N PHE A 47 -8.55 5.73 5.13
CA PHE A 47 -7.85 4.73 4.32
C PHE A 47 -7.47 3.52 5.18
N SER A 48 -8.37 2.54 5.24
CA SER A 48 -8.14 1.34 6.01
C SER A 48 -8.12 0.10 5.12
N THR A 49 -8.75 0.22 3.95
CA THR A 49 -8.82 -0.88 3.01
C THR A 49 -7.88 -0.64 1.82
N LEU A 50 -7.32 -1.72 1.29
CA LEU A 50 -6.40 -1.63 0.17
C LEU A 50 -7.16 -1.35 -1.13
N SER A 51 -8.48 -1.31 -1.03
CA SER A 51 -9.33 -1.05 -2.20
C SER A 51 -9.26 0.42 -2.60
N GLN A 52 -9.05 1.30 -1.61
CA GLN A 52 -8.97 2.72 -1.86
C GLN A 52 -7.55 3.12 -2.27
N VAL A 53 -6.61 2.19 -2.11
CA VAL A 53 -5.22 2.44 -2.48
C VAL A 53 -5.09 2.77 -3.96
N PRO A 54 -5.55 1.85 -4.82
CA PRO A 54 -5.49 2.02 -6.26
C PRO A 54 -6.45 3.09 -6.76
N SER A 55 -7.14 3.73 -5.83
CA SER A 55 -8.11 4.78 -6.18
C SER A 55 -7.70 6.11 -5.54
N LEU A 56 -6.42 6.25 -5.23
CA LEU A 56 -5.90 7.46 -4.63
C LEU A 56 -6.11 8.67 -5.55
N SER A 57 -5.67 9.83 -5.11
CA SER A 57 -5.81 11.05 -5.89
C SER A 57 -5.08 12.22 -5.22
N HIS A 58 -4.40 13.02 -6.02
CA HIS A 58 -3.67 14.18 -5.51
C HIS A 58 -4.45 14.87 -4.40
N THR A 59 -5.77 15.00 -4.60
CA THR A 59 -6.62 15.65 -3.62
C THR A 59 -6.80 14.78 -2.38
N CYS A 60 -6.81 13.47 -2.58
CA CYS A 60 -6.96 12.53 -1.47
C CYS A 60 -5.82 12.67 -0.48
N LEU A 61 -4.60 12.58 -0.98
CA LEU A 61 -3.41 12.70 -0.13
C LEU A 61 -3.30 14.10 0.46
N GLN A 62 -3.66 15.10 -0.33
CA GLN A 62 -3.61 16.48 0.12
C GLN A 62 -4.57 16.72 1.28
N GLU A 63 -5.67 15.97 1.29
CA GLU A 63 -6.66 16.09 2.34
C GLU A 63 -6.17 15.47 3.64
N ALA A 64 -5.33 14.45 3.52
CA ALA A 64 -4.78 13.76 4.68
C ALA A 64 -3.68 14.59 5.34
N GLY A 65 -3.08 15.49 4.56
CA GLY A 65 -2.02 16.33 5.10
C GLY A 65 -0.73 16.21 4.29
N ILE A 66 -0.73 15.30 3.32
CA ILE A 66 0.45 15.09 2.48
C ILE A 66 0.57 16.19 1.42
N THR A 67 1.76 16.77 1.32
CA THR A 67 2.00 17.83 0.35
C THR A 67 3.26 17.55 -0.47
N GLU A 68 4.25 16.94 0.17
CA GLU A 68 5.50 16.62 -0.50
C GLU A 68 5.25 16.03 -1.87
N GLU A 69 5.22 16.90 -2.89
CA GLU A 69 4.98 16.46 -4.26
C GLU A 69 5.81 15.23 -4.59
N ARG A 70 6.90 15.04 -3.86
CA ARG A 70 7.78 13.90 -4.08
C ARG A 70 7.13 12.61 -3.57
N HIS A 71 6.48 12.70 -2.41
CA HIS A 71 5.81 11.53 -1.83
C HIS A 71 4.47 11.28 -2.50
N ILE A 72 3.76 12.35 -2.81
CA ILE A 72 2.45 12.23 -3.46
C ILE A 72 2.55 11.48 -4.77
N ARG A 73 3.51 11.88 -5.61
CA ARG A 73 3.71 11.24 -6.90
C ARG A 73 4.06 9.76 -6.72
N LYS A 74 4.89 9.47 -5.73
CA LYS A 74 5.30 8.10 -5.44
C LYS A 74 4.10 7.23 -5.08
N LEU A 75 3.29 7.72 -4.15
CA LEU A 75 2.10 6.98 -3.71
C LEU A 75 1.11 6.83 -4.87
N LEU A 76 0.86 7.91 -5.57
CA LEU A 76 -0.07 7.89 -6.70
C LEU A 76 0.41 6.95 -7.79
N SER A 77 1.73 6.85 -7.94
CA SER A 77 2.33 5.99 -8.95
C SER A 77 2.28 4.53 -8.50
N ALA A 78 2.53 4.31 -7.22
CA ALA A 78 2.53 2.96 -6.66
C ALA A 78 1.10 2.39 -6.62
N ALA A 79 0.13 3.28 -6.42
CA ALA A 79 -1.27 2.87 -6.36
C ALA A 79 -1.78 2.44 -7.73
N ARG A 80 -1.28 3.11 -8.77
CA ARG A 80 -1.69 2.80 -10.13
C ARG A 80 -1.13 1.47 -10.59
N LEU A 81 -0.15 0.96 -9.85
CA LEU A 81 0.48 -0.31 -10.17
C LEU A 81 -0.07 -1.44 -9.30
N PHE A 82 -1.15 -1.14 -8.58
CA PHE A 82 -1.78 -2.13 -7.70
C PHE A 82 -2.94 -2.81 -8.40
N LYS A 83 -2.73 -4.06 -8.81
CA LYS A 83 -3.78 -4.82 -9.49
C LYS A 83 -4.36 -5.89 -8.56
N LEU A 84 -5.54 -5.60 -8.02
CA LEU A 84 -6.21 -6.52 -7.11
C LEU A 84 -6.74 -7.74 -7.87
N PRO A 85 -6.69 -8.91 -7.22
CA PRO A 85 -7.17 -10.16 -7.82
C PRO A 85 -8.68 -10.20 -7.96
N PRO A 86 -9.16 -10.91 -9.01
CA PRO A 86 -10.59 -11.04 -9.28
C PRO A 86 -11.31 -11.90 -8.24
N GLY A 87 -12.39 -11.36 -7.67
CA GLY A 87 -13.14 -12.09 -6.68
C GLY A 87 -13.09 -11.43 -5.31
N PRO A 88 -13.98 -10.45 -5.08
CA PRO A 88 -14.05 -9.72 -3.81
C PRO A 88 -14.56 -10.59 -2.68
N GLU A 89 -14.89 -11.84 -2.99
CA GLU A 89 -15.39 -12.77 -1.99
C GLU A 89 -16.51 -12.14 -1.17
N ALA A 90 -17.49 -11.57 -1.87
CA ALA A 90 -18.63 -10.94 -1.22
C ALA A 90 -19.49 -10.18 -2.22
N MET A 91 -18.90 -9.18 -2.85
CA MET A 91 -19.62 -8.37 -3.84
C MET A 91 -20.13 -9.25 -4.98
N SER A 92 -21.14 -8.75 -5.69
CA SER A 92 -21.71 -9.49 -6.81
C SER A 92 -21.98 -8.56 -7.99
N GLY A 93 -21.55 -8.97 -9.17
CA GLY A 93 -21.75 -8.17 -10.37
C GLY A 93 -20.92 -8.66 -11.54
N PRO A 94 -21.44 -8.47 -12.76
CA PRO A 94 -20.76 -8.88 -13.99
C PRO A 94 -19.51 -8.04 -14.27
N SER A 95 -18.38 -8.70 -14.46
CA SER A 95 -17.13 -8.02 -14.75
C SER A 95 -16.29 -8.80 -15.75
N SER A 96 -15.30 -8.13 -16.34
CA SER A 96 -14.43 -8.77 -17.32
C SER A 96 -13.27 -9.48 -16.64
N GLY A 97 -12.45 -8.72 -15.92
CA GLY A 97 -11.32 -9.31 -15.23
C GLY A 97 -10.19 -8.31 -15.01
N GLY A 1 29.32 -34.80 37.25
CA GLY A 1 28.41 -33.89 37.93
C GLY A 1 27.66 -33.00 36.94
N SER A 2 26.54 -33.49 36.44
CA SER A 2 25.74 -32.73 35.48
C SER A 2 24.38 -33.37 35.29
N SER A 3 23.34 -32.54 35.23
CA SER A 3 21.97 -33.02 35.06
C SER A 3 21.91 -34.08 33.95
N GLY A 4 20.79 -34.81 33.91
CA GLY A 4 20.63 -35.84 32.90
C GLY A 4 20.02 -35.31 31.63
N SER A 5 20.85 -34.71 30.77
CA SER A 5 20.38 -34.16 29.51
C SER A 5 21.56 -33.71 28.65
N SER A 6 21.31 -33.57 27.35
CA SER A 6 22.35 -33.15 26.42
C SER A 6 21.78 -33.00 25.00
N GLY A 7 22.37 -32.10 24.23
CA GLY A 7 21.92 -31.88 22.87
C GLY A 7 22.33 -30.53 22.33
N GLY A 8 22.39 -30.41 21.00
CA GLY A 8 22.78 -29.16 20.39
C GLY A 8 21.76 -28.66 19.39
N GLY A 9 21.29 -29.56 18.52
CA GLY A 9 20.31 -29.18 17.52
C GLY A 9 20.73 -29.57 16.12
N LEU A 10 19.94 -29.17 15.13
CA LEU A 10 20.23 -29.48 13.74
C LEU A 10 20.29 -28.20 12.89
N THR A 11 21.45 -27.95 12.29
CA THR A 11 21.63 -26.76 11.46
C THR A 11 20.49 -26.63 10.45
N GLU A 12 20.29 -27.66 9.64
CA GLU A 12 19.23 -27.64 8.62
C GLU A 12 19.36 -26.42 7.73
N ILE A 13 18.39 -26.25 6.84
CA ILE A 13 18.40 -25.12 5.91
C ILE A 13 17.58 -23.95 6.46
N CYS A 14 17.98 -22.74 6.12
CA CYS A 14 17.29 -21.54 6.59
C CYS A 14 16.59 -20.84 5.43
N ARG A 15 15.39 -20.31 5.70
CA ARG A 15 14.62 -19.62 4.68
C ARG A 15 13.50 -18.79 5.31
N LYS A 16 13.78 -17.51 5.54
CA LYS A 16 12.81 -16.60 6.15
C LYS A 16 12.04 -15.84 5.07
N PRO A 17 10.81 -15.42 5.41
CA PRO A 17 9.95 -14.68 4.49
C PRO A 17 10.46 -13.26 4.25
N VAL A 18 10.11 -12.70 3.09
CA VAL A 18 10.53 -11.36 2.73
C VAL A 18 9.40 -10.35 2.92
N SER A 19 9.69 -9.24 3.59
CA SER A 19 8.70 -8.21 3.85
C SER A 19 7.92 -7.88 2.57
N PRO A 20 8.66 -7.38 1.56
CA PRO A 20 8.07 -7.01 0.27
C PRO A 20 7.60 -8.23 -0.52
N GLY A 21 6.45 -8.09 -1.19
CA GLY A 21 5.91 -9.19 -1.96
C GLY A 21 4.62 -9.75 -1.38
N CYS A 22 4.43 -9.53 -0.08
CA CYS A 22 3.22 -10.02 0.59
C CYS A 22 2.46 -8.87 1.23
N ILE A 23 1.44 -8.39 0.53
CA ILE A 23 0.63 -7.28 1.03
C ILE A 23 -0.76 -7.77 1.42
N SER A 24 -1.25 -7.30 2.57
CA SER A 24 -2.57 -7.68 3.06
C SER A 24 -3.47 -6.46 3.20
N SER A 25 -2.91 -5.37 3.72
CA SER A 25 -3.67 -4.14 3.92
C SER A 25 -2.87 -2.93 3.45
N VAL A 26 -3.45 -1.75 3.60
CA VAL A 26 -2.79 -0.51 3.19
C VAL A 26 -1.38 -0.42 3.76
N SER A 27 -1.29 -0.33 5.09
CA SER A 27 -0.02 -0.23 5.77
C SER A 27 1.03 -1.11 5.09
N ASP A 28 0.69 -2.39 4.91
CA ASP A 28 1.60 -3.34 4.28
C ASP A 28 2.07 -2.82 2.92
N TRP A 29 1.15 -2.20 2.18
CA TRP A 29 1.48 -1.66 0.87
C TRP A 29 2.34 -0.40 0.99
N LEU A 30 2.02 0.42 1.99
CA LEU A 30 2.77 1.65 2.22
C LEU A 30 4.23 1.35 2.55
N ILE A 31 4.47 0.22 3.20
CA ILE A 31 5.82 -0.18 3.57
C ILE A 31 6.57 -0.73 2.37
N SER A 32 5.89 -1.53 1.56
CA SER A 32 6.49 -2.14 0.38
C SER A 32 6.93 -1.06 -0.60
N ILE A 33 6.43 0.16 -0.42
CA ILE A 33 6.77 1.27 -1.29
C ILE A 33 7.82 2.16 -0.65
N GLY A 34 7.99 2.03 0.67
CA GLY A 34 8.97 2.84 1.37
C GLY A 34 8.38 4.13 1.90
N LEU A 35 7.07 4.13 2.14
CA LEU A 35 6.38 5.31 2.66
C LEU A 35 5.45 4.94 3.81
N PRO A 36 5.97 4.17 4.77
CA PRO A 36 5.20 3.73 5.93
C PRO A 36 4.89 4.88 6.88
N MET A 37 5.47 6.04 6.61
CA MET A 37 5.27 7.22 7.45
C MET A 37 3.87 7.80 7.23
N TYR A 38 3.10 7.18 6.34
CA TYR A 38 1.76 7.64 6.03
C TYR A 38 0.72 6.64 6.51
N ALA A 39 1.18 5.47 6.94
CA ALA A 39 0.30 4.43 7.43
C ALA A 39 -0.82 5.01 8.29
N GLY A 40 -0.45 5.59 9.42
CA GLY A 40 -1.42 6.18 10.32
C GLY A 40 -2.14 7.36 9.69
N THR A 41 -1.40 8.21 9.00
CA THR A 41 -1.97 9.39 8.35
C THR A 41 -3.19 9.00 7.50
N LEU A 42 -2.96 8.13 6.53
CA LEU A 42 -4.05 7.68 5.65
C LEU A 42 -5.14 6.98 6.45
N SER A 43 -4.73 6.00 7.25
CA SER A 43 -5.69 5.24 8.06
C SER A 43 -6.65 6.18 8.79
N THR A 44 -6.11 7.29 9.30
CA THR A 44 -6.92 8.26 10.02
C THR A 44 -7.89 8.97 9.07
N ALA A 45 -7.52 9.07 7.81
CA ALA A 45 -8.36 9.72 6.81
C ALA A 45 -9.43 8.77 6.30
N GLY A 46 -9.38 7.52 6.76
CA GLY A 46 -10.35 6.54 6.34
C GLY A 46 -9.73 5.41 5.54
N PHE A 47 -8.54 5.66 5.02
CA PHE A 47 -7.83 4.65 4.24
C PHE A 47 -7.64 3.37 5.02
N SER A 48 -8.65 2.49 4.97
CA SER A 48 -8.59 1.23 5.70
C SER A 48 -8.74 0.05 4.73
N THR A 49 -9.24 0.33 3.53
CA THR A 49 -9.43 -0.70 2.53
C THR A 49 -8.44 -0.53 1.38
N LEU A 50 -7.90 -1.65 0.89
CA LEU A 50 -6.95 -1.63 -0.21
C LEU A 50 -7.64 -1.28 -1.53
N SER A 51 -8.96 -1.16 -1.48
CA SER A 51 -9.74 -0.84 -2.67
C SER A 51 -9.60 0.64 -3.03
N GLN A 52 -9.39 1.47 -2.01
CA GLN A 52 -9.24 2.91 -2.21
C GLN A 52 -7.77 3.28 -2.40
N VAL A 53 -6.89 2.36 -2.06
CA VAL A 53 -5.45 2.59 -2.19
C VAL A 53 -5.08 2.90 -3.65
N PRO A 54 -5.41 1.96 -4.54
CA PRO A 54 -5.12 2.10 -5.97
C PRO A 54 -5.98 3.17 -6.63
N SER A 55 -6.80 3.84 -5.83
CA SER A 55 -7.68 4.89 -6.34
C SER A 55 -7.30 6.25 -5.77
N LEU A 56 -6.05 6.36 -5.31
CA LEU A 56 -5.55 7.60 -4.73
C LEU A 56 -5.66 8.74 -5.73
N SER A 57 -5.60 9.97 -5.24
CA SER A 57 -5.68 11.15 -6.09
C SER A 57 -4.96 12.34 -5.45
N HIS A 58 -4.23 13.09 -6.27
CA HIS A 58 -3.49 14.25 -5.79
C HIS A 58 -4.27 14.95 -4.67
N THR A 59 -5.58 15.04 -4.84
CA THR A 59 -6.43 15.69 -3.84
C THR A 59 -6.57 14.85 -2.59
N CYS A 60 -6.93 13.59 -2.77
CA CYS A 60 -7.10 12.67 -1.65
C CYS A 60 -5.93 12.78 -0.67
N LEU A 61 -4.71 12.76 -1.21
CA LEU A 61 -3.51 12.85 -0.40
C LEU A 61 -3.42 14.23 0.27
N GLN A 62 -3.76 15.27 -0.48
CA GLN A 62 -3.72 16.63 0.04
C GLN A 62 -4.67 16.79 1.21
N GLU A 63 -5.77 16.05 1.18
CA GLU A 63 -6.77 16.13 2.24
C GLU A 63 -6.22 15.53 3.54
N ALA A 64 -5.41 14.50 3.41
CA ALA A 64 -4.82 13.84 4.58
C ALA A 64 -3.74 14.72 5.20
N GLY A 65 -3.11 15.56 4.38
CA GLY A 65 -2.06 16.42 4.88
C GLY A 65 -0.77 16.30 4.08
N ILE A 66 -0.75 15.38 3.14
CA ILE A 66 0.42 15.15 2.31
C ILE A 66 0.57 16.24 1.26
N THR A 67 1.72 16.91 1.24
CA THR A 67 1.99 17.97 0.29
C THR A 67 3.27 17.69 -0.50
N GLU A 68 4.21 17.01 0.13
CA GLU A 68 5.47 16.67 -0.51
C GLU A 68 5.25 16.07 -1.89
N GLU A 69 5.18 16.94 -2.90
CA GLU A 69 4.96 16.49 -4.27
C GLU A 69 5.76 15.23 -4.57
N ARG A 70 6.89 15.07 -3.87
CA ARG A 70 7.74 13.91 -4.07
C ARG A 70 7.04 12.63 -3.61
N HIS A 71 6.45 12.69 -2.42
CA HIS A 71 5.74 11.53 -1.86
C HIS A 71 4.40 11.34 -2.55
N ILE A 72 3.72 12.46 -2.83
CA ILE A 72 2.41 12.42 -3.47
C ILE A 72 2.49 11.69 -4.81
N ARG A 73 3.55 11.94 -5.56
CA ARG A 73 3.75 11.32 -6.86
C ARG A 73 4.03 9.83 -6.71
N LYS A 74 4.86 9.48 -5.72
CA LYS A 74 5.20 8.09 -5.47
C LYS A 74 3.97 7.28 -5.09
N LEU A 75 3.21 7.78 -4.11
CA LEU A 75 2.00 7.10 -3.66
C LEU A 75 1.02 6.92 -4.81
N LEU A 76 0.89 7.95 -5.63
CA LEU A 76 -0.02 7.90 -6.77
C LEU A 76 0.49 6.95 -7.85
N SER A 77 1.82 6.78 -7.89
CA SER A 77 2.44 5.90 -8.88
C SER A 77 2.42 4.45 -8.40
N ALA A 78 2.47 4.27 -7.08
CA ALA A 78 2.46 2.94 -6.50
C ALA A 78 1.03 2.40 -6.39
N ALA A 79 0.09 3.29 -6.10
CA ALA A 79 -1.31 2.91 -5.97
C ALA A 79 -1.85 2.35 -7.28
N ARG A 80 -1.64 3.08 -8.37
CA ARG A 80 -2.10 2.65 -9.69
C ARG A 80 -1.40 1.37 -10.12
N LEU A 81 -0.23 1.12 -9.55
CA LEU A 81 0.54 -0.08 -9.88
C LEU A 81 0.14 -1.25 -8.97
N PHE A 82 -0.84 -1.00 -8.11
CA PHE A 82 -1.31 -2.03 -7.19
C PHE A 82 -2.32 -2.94 -7.88
N LYS A 83 -1.86 -4.13 -8.27
CA LYS A 83 -2.72 -5.11 -8.93
C LYS A 83 -3.39 -6.03 -7.92
N LEU A 84 -4.66 -5.77 -7.63
CA LEU A 84 -5.41 -6.58 -6.68
C LEU A 84 -5.75 -7.94 -7.27
N PRO A 85 -5.75 -8.97 -6.42
CA PRO A 85 -6.07 -10.34 -6.84
C PRO A 85 -7.54 -10.52 -7.21
N PRO A 86 -7.87 -11.66 -7.84
CA PRO A 86 -9.24 -11.97 -8.24
C PRO A 86 -10.15 -12.25 -7.05
N GLY A 87 -11.45 -12.05 -7.25
CA GLY A 87 -12.41 -12.27 -6.19
C GLY A 87 -13.79 -11.75 -6.52
N PRO A 88 -14.59 -12.57 -7.23
CA PRO A 88 -15.95 -12.21 -7.64
C PRO A 88 -16.90 -12.15 -6.45
N GLU A 89 -16.37 -12.40 -5.26
CA GLU A 89 -17.19 -12.37 -4.04
C GLU A 89 -16.92 -11.10 -3.24
N ALA A 90 -17.07 -9.95 -3.89
CA ALA A 90 -16.85 -8.67 -3.24
C ALA A 90 -17.55 -7.54 -3.98
N MET A 91 -18.79 -7.26 -3.58
CA MET A 91 -19.58 -6.21 -4.20
C MET A 91 -19.43 -4.89 -3.44
N SER A 92 -19.41 -3.79 -4.18
CA SER A 92 -19.26 -2.47 -3.58
C SER A 92 -20.40 -1.55 -4.02
N GLY A 93 -21.46 -1.50 -3.23
CA GLY A 93 -22.60 -0.65 -3.56
C GLY A 93 -22.80 0.46 -2.55
N PRO A 94 -23.28 1.62 -3.03
CA PRO A 94 -23.53 2.79 -2.18
C PRO A 94 -24.71 2.57 -1.23
N SER A 95 -24.84 3.45 -0.24
CA SER A 95 -25.93 3.35 0.73
C SER A 95 -26.81 4.60 0.68
N SER A 96 -28.08 4.40 0.39
CA SER A 96 -29.03 5.51 0.30
C SER A 96 -28.47 6.64 -0.57
N GLY A 97 -27.68 6.26 -1.57
CA GLY A 97 -27.09 7.26 -2.45
C GLY A 97 -28.14 8.12 -3.12
N GLY A 1 -5.22 14.06 56.45
CA GLY A 1 -5.29 12.92 55.56
C GLY A 1 -4.88 13.27 54.15
N SER A 2 -5.29 12.44 53.19
CA SER A 2 -4.96 12.66 51.79
C SER A 2 -6.02 12.04 50.88
N SER A 3 -5.87 12.25 49.58
CA SER A 3 -6.80 11.72 48.60
C SER A 3 -6.09 10.81 47.61
N GLY A 4 -6.84 9.86 47.05
CA GLY A 4 -6.28 8.94 46.08
C GLY A 4 -7.17 8.74 44.87
N SER A 5 -6.68 9.17 43.71
CA SER A 5 -7.44 9.04 42.47
C SER A 5 -6.52 9.00 41.26
N SER A 6 -6.26 7.80 40.75
CA SER A 6 -5.38 7.63 39.60
C SER A 6 -5.65 6.30 38.90
N GLY A 7 -5.02 6.11 37.74
CA GLY A 7 -5.21 4.89 36.99
C GLY A 7 -6.25 5.03 35.89
N GLY A 8 -6.11 4.23 34.85
CA GLY A 8 -7.05 4.29 33.74
C GLY A 8 -6.85 3.15 32.75
N GLY A 9 -6.73 1.93 33.27
CA GLY A 9 -6.54 0.77 32.41
C GLY A 9 -5.09 0.58 32.02
N LEU A 10 -4.68 -0.68 31.90
CA LEU A 10 -3.30 -1.00 31.53
C LEU A 10 -3.27 -2.15 30.52
N THR A 11 -3.23 -1.80 29.24
CA THR A 11 -3.19 -2.78 28.17
C THR A 11 -1.77 -3.03 27.69
N GLU A 12 -1.12 -4.05 28.24
CA GLU A 12 0.24 -4.38 27.86
C GLU A 12 0.27 -5.39 26.71
N ILE A 13 0.62 -4.91 25.52
CA ILE A 13 0.68 -5.78 24.35
C ILE A 13 1.99 -6.54 24.30
N CYS A 14 1.93 -7.79 23.83
CA CYS A 14 3.11 -8.63 23.73
C CYS A 14 3.10 -9.43 22.44
N ARG A 15 2.75 -8.77 21.34
CA ARG A 15 2.70 -9.43 20.03
C ARG A 15 3.19 -8.49 18.92
N LYS A 16 4.42 -8.71 18.48
CA LYS A 16 5.00 -7.88 17.43
C LYS A 16 4.70 -8.47 16.05
N PRO A 17 4.38 -7.59 15.09
CA PRO A 17 4.07 -8.00 13.72
C PRO A 17 5.30 -8.51 12.97
N VAL A 18 5.13 -8.81 11.68
CA VAL A 18 6.23 -9.31 10.86
C VAL A 18 6.05 -8.90 9.41
N SER A 19 7.13 -8.98 8.64
CA SER A 19 7.10 -8.61 7.23
C SER A 19 7.17 -9.85 6.34
N PRO A 20 6.02 -10.53 6.18
CA PRO A 20 5.93 -11.74 5.35
C PRO A 20 6.09 -11.44 3.86
N GLY A 21 6.12 -10.17 3.52
CA GLY A 21 6.27 -9.77 2.13
C GLY A 21 4.94 -9.67 1.41
N CYS A 22 3.92 -10.32 1.96
CA CYS A 22 2.59 -10.30 1.36
C CYS A 22 1.76 -9.14 1.90
N ILE A 23 1.31 -8.27 1.02
CA ILE A 23 0.51 -7.12 1.41
C ILE A 23 -0.91 -7.53 1.78
N SER A 24 -1.37 -7.09 2.94
CA SER A 24 -2.71 -7.41 3.41
C SER A 24 -3.60 -6.17 3.41
N SER A 25 -3.07 -5.08 3.93
CA SER A 25 -3.82 -3.82 4.00
C SER A 25 -2.98 -2.66 3.47
N VAL A 26 -3.54 -1.46 3.54
CA VAL A 26 -2.85 -0.26 3.07
C VAL A 26 -1.44 -0.17 3.66
N SER A 27 -1.37 -0.09 4.98
CA SER A 27 -0.09 0.00 5.67
C SER A 27 0.94 -0.90 5.02
N ASP A 28 0.66 -2.21 5.00
CA ASP A 28 1.56 -3.19 4.41
C ASP A 28 2.06 -2.71 3.05
N TRP A 29 1.17 -2.09 2.28
CA TRP A 29 1.52 -1.58 0.96
C TRP A 29 2.38 -0.32 1.07
N LEU A 30 2.05 0.53 2.03
CA LEU A 30 2.80 1.77 2.24
C LEU A 30 4.25 1.48 2.58
N ILE A 31 4.50 0.35 3.23
CA ILE A 31 5.85 -0.04 3.61
C ILE A 31 6.59 -0.66 2.43
N SER A 32 5.83 -1.30 1.53
CA SER A 32 6.42 -1.94 0.36
C SER A 32 6.88 -0.90 -0.65
N ILE A 33 6.60 0.37 -0.36
CA ILE A 33 7.00 1.46 -1.25
C ILE A 33 7.96 2.41 -0.54
N GLY A 34 8.16 2.20 0.75
CA GLY A 34 9.07 3.05 1.51
C GLY A 34 8.40 4.32 1.98
N LEU A 35 7.09 4.27 2.20
CA LEU A 35 6.33 5.43 2.66
C LEU A 35 5.41 5.06 3.81
N PRO A 36 5.95 4.30 4.78
CA PRO A 36 5.19 3.86 5.95
C PRO A 36 4.87 5.01 6.90
N MET A 37 5.45 6.18 6.62
CA MET A 37 5.23 7.36 7.45
C MET A 37 3.82 7.92 7.23
N TYR A 38 3.05 7.26 6.38
CA TYR A 38 1.69 7.68 6.09
C TYR A 38 0.68 6.65 6.56
N ALA A 39 1.18 5.49 6.97
CA ALA A 39 0.32 4.41 7.46
C ALA A 39 -0.83 4.96 8.31
N GLY A 40 -0.48 5.54 9.46
CA GLY A 40 -1.48 6.09 10.34
C GLY A 40 -2.14 7.34 9.77
N THR A 41 -1.39 8.06 8.94
CA THR A 41 -1.90 9.28 8.33
C THR A 41 -3.14 9.00 7.49
N LEU A 42 -2.99 8.13 6.50
CA LEU A 42 -4.11 7.77 5.62
C LEU A 42 -5.17 6.98 6.38
N SER A 43 -4.72 6.08 7.24
CA SER A 43 -5.62 5.24 8.04
C SER A 43 -6.62 6.11 8.80
N THR A 44 -6.14 7.24 9.33
CA THR A 44 -6.99 8.14 10.07
C THR A 44 -7.97 8.87 9.15
N ALA A 45 -7.50 9.22 7.96
CA ALA A 45 -8.34 9.91 6.99
C ALA A 45 -9.47 9.02 6.50
N GLY A 46 -9.33 7.71 6.71
CA GLY A 46 -10.34 6.77 6.29
C GLY A 46 -9.79 5.65 5.42
N PHE A 47 -8.55 5.82 4.98
CA PHE A 47 -7.89 4.83 4.14
C PHE A 47 -7.62 3.55 4.93
N SER A 48 -8.59 2.63 4.91
CA SER A 48 -8.45 1.36 5.62
C SER A 48 -8.51 0.18 4.65
N THR A 49 -9.20 0.38 3.53
CA THR A 49 -9.34 -0.67 2.53
C THR A 49 -8.32 -0.47 1.39
N LEU A 50 -7.87 -1.57 0.82
CA LEU A 50 -6.91 -1.53 -0.28
C LEU A 50 -7.60 -1.19 -1.59
N SER A 51 -8.93 -1.17 -1.58
CA SER A 51 -9.71 -0.87 -2.77
C SER A 51 -9.61 0.62 -3.13
N GLN A 52 -9.32 1.44 -2.11
CA GLN A 52 -9.20 2.88 -2.32
C GLN A 52 -7.74 3.26 -2.55
N VAL A 53 -6.83 2.34 -2.27
CA VAL A 53 -5.41 2.58 -2.45
C VAL A 53 -5.09 2.92 -3.91
N PRO A 54 -5.44 2.00 -4.82
CA PRO A 54 -5.21 2.18 -6.25
C PRO A 54 -6.09 3.27 -6.86
N SER A 55 -6.92 3.89 -6.02
CA SER A 55 -7.82 4.94 -6.47
C SER A 55 -7.46 6.28 -5.83
N LEU A 56 -6.20 6.40 -5.41
CA LEU A 56 -5.73 7.63 -4.79
C LEU A 56 -5.93 8.83 -5.71
N SER A 57 -5.55 10.00 -5.23
CA SER A 57 -5.69 11.23 -6.01
C SER A 57 -4.91 12.38 -5.38
N HIS A 58 -4.19 13.12 -6.20
CA HIS A 58 -3.39 14.25 -5.73
C HIS A 58 -4.10 14.97 -4.58
N THR A 59 -5.40 15.17 -4.75
CA THR A 59 -6.20 15.85 -3.73
C THR A 59 -6.45 14.94 -2.53
N CYS A 60 -6.74 13.68 -2.81
CA CYS A 60 -7.00 12.71 -1.75
C CYS A 60 -5.88 12.71 -0.72
N LEU A 61 -4.64 12.68 -1.20
CA LEU A 61 -3.48 12.68 -0.31
C LEU A 61 -3.38 14.00 0.45
N GLN A 62 -3.67 15.09 -0.24
CA GLN A 62 -3.60 16.42 0.37
C GLN A 62 -4.59 16.52 1.54
N GLU A 63 -5.78 15.96 1.35
CA GLU A 63 -6.81 16.00 2.38
C GLU A 63 -6.30 15.37 3.68
N ALA A 64 -5.43 14.37 3.54
CA ALA A 64 -4.86 13.68 4.70
C ALA A 64 -3.77 14.52 5.36
N GLY A 65 -3.10 15.34 4.55
CA GLY A 65 -2.04 16.18 5.08
C GLY A 65 -0.76 16.06 4.28
N ILE A 66 -0.77 15.20 3.26
CA ILE A 66 0.40 15.00 2.42
C ILE A 66 0.53 16.10 1.38
N THR A 67 1.70 16.73 1.34
CA THR A 67 1.96 17.81 0.40
C THR A 67 3.22 17.54 -0.41
N GLU A 68 4.18 16.87 0.20
CA GLU A 68 5.44 16.55 -0.47
C GLU A 68 5.18 15.94 -1.84
N GLU A 69 5.10 16.81 -2.85
CA GLU A 69 4.86 16.35 -4.22
C GLU A 69 5.70 15.13 -4.56
N ARG A 70 6.84 15.00 -3.88
CA ARG A 70 7.74 13.87 -4.10
C ARG A 70 7.10 12.57 -3.64
N HIS A 71 6.48 12.61 -2.46
CA HIS A 71 5.82 11.43 -1.91
C HIS A 71 4.45 11.22 -2.54
N ILE A 72 3.75 12.32 -2.81
CA ILE A 72 2.42 12.26 -3.42
C ILE A 72 2.47 11.51 -4.75
N ARG A 73 3.44 11.85 -5.58
CA ARG A 73 3.60 11.22 -6.89
C ARG A 73 3.91 9.74 -6.74
N LYS A 74 4.81 9.42 -5.82
CA LYS A 74 5.20 8.03 -5.57
C LYS A 74 4.00 7.19 -5.17
N LEU A 75 3.19 7.71 -4.25
CA LEU A 75 2.00 7.00 -3.79
C LEU A 75 1.02 6.78 -4.93
N LEU A 76 0.77 7.84 -5.71
CA LEU A 76 -0.14 7.77 -6.84
C LEU A 76 0.37 6.80 -7.90
N SER A 77 1.69 6.69 -8.00
CA SER A 77 2.30 5.80 -8.98
C SER A 77 2.28 4.35 -8.48
N ALA A 78 2.54 4.17 -7.20
CA ALA A 78 2.54 2.83 -6.60
C ALA A 78 1.13 2.30 -6.46
N ALA A 79 0.18 3.19 -6.18
CA ALA A 79 -1.22 2.80 -6.03
C ALA A 79 -1.78 2.24 -7.34
N ARG A 80 -1.52 2.95 -8.43
CA ARG A 80 -2.00 2.53 -9.74
C ARG A 80 -1.34 1.22 -10.18
N LEU A 81 -0.18 0.93 -9.57
CA LEU A 81 0.55 -0.28 -9.90
C LEU A 81 0.11 -1.45 -9.02
N PHE A 82 -0.76 -1.15 -8.05
CA PHE A 82 -1.26 -2.17 -7.15
C PHE A 82 -2.30 -3.06 -7.83
N LYS A 83 -1.87 -4.25 -8.24
CA LYS A 83 -2.76 -5.18 -8.91
C LYS A 83 -3.47 -6.08 -7.90
N LEU A 84 -4.75 -5.81 -7.67
CA LEU A 84 -5.55 -6.59 -6.73
C LEU A 84 -5.97 -7.92 -7.36
N PRO A 85 -6.02 -8.98 -6.52
CA PRO A 85 -6.42 -10.31 -6.97
C PRO A 85 -7.89 -10.39 -7.32
N PRO A 86 -8.30 -11.52 -7.93
CA PRO A 86 -9.68 -11.75 -8.33
C PRO A 86 -10.61 -11.95 -7.13
N GLY A 87 -11.91 -11.78 -7.35
CA GLY A 87 -12.87 -11.95 -6.28
C GLY A 87 -14.09 -11.06 -6.45
N PRO A 88 -15.07 -11.54 -7.23
CA PRO A 88 -16.31 -10.79 -7.50
C PRO A 88 -17.20 -10.70 -6.26
N GLU A 89 -16.77 -11.34 -5.18
CA GLU A 89 -17.54 -11.34 -3.94
C GLU A 89 -17.82 -9.91 -3.48
N ALA A 90 -17.09 -8.95 -4.04
CA ALA A 90 -17.26 -7.55 -3.71
C ALA A 90 -17.95 -6.79 -4.83
N MET A 91 -18.79 -5.83 -4.47
CA MET A 91 -19.51 -5.03 -5.45
C MET A 91 -18.54 -4.18 -6.28
N SER A 92 -19.06 -3.55 -7.33
CA SER A 92 -18.24 -2.73 -8.20
C SER A 92 -19.10 -2.09 -9.30
N GLY A 93 -19.37 -0.80 -9.14
CA GLY A 93 -20.17 -0.08 -10.12
C GLY A 93 -21.37 -0.89 -10.58
N PRO A 94 -21.90 -0.55 -11.77
CA PRO A 94 -23.04 -1.23 -12.36
C PRO A 94 -22.71 -2.65 -12.82
N SER A 95 -23.72 -3.38 -13.27
CA SER A 95 -23.53 -4.74 -13.74
C SER A 95 -22.81 -4.75 -15.09
N SER A 96 -23.38 -4.04 -16.06
CA SER A 96 -22.80 -3.97 -17.39
C SER A 96 -22.52 -2.52 -17.79
N GLY A 97 -21.25 -2.24 -18.13
CA GLY A 97 -20.88 -0.89 -18.52
C GLY A 97 -21.22 -0.60 -19.96
N GLY A 1 11.00 -23.52 -38.20
CA GLY A 1 12.00 -22.48 -38.03
C GLY A 1 11.40 -21.16 -37.61
N SER A 2 10.89 -21.10 -36.38
CA SER A 2 10.29 -19.89 -35.86
C SER A 2 10.04 -20.00 -34.36
N SER A 3 10.41 -18.96 -33.62
CA SER A 3 10.22 -18.95 -32.17
C SER A 3 10.28 -17.52 -31.64
N GLY A 4 9.56 -17.28 -30.55
CA GLY A 4 9.54 -15.96 -29.95
C GLY A 4 8.95 -15.96 -28.55
N SER A 5 9.30 -14.94 -27.76
CA SER A 5 8.80 -14.84 -26.39
C SER A 5 9.39 -13.61 -25.70
N SER A 6 8.82 -13.25 -24.56
CA SER A 6 9.29 -12.11 -23.79
C SER A 6 10.17 -12.54 -22.64
N GLY A 7 9.62 -13.34 -21.73
CA GLY A 7 10.37 -13.82 -20.60
C GLY A 7 10.88 -12.69 -19.72
N GLY A 8 10.86 -12.90 -18.41
CA GLY A 8 11.32 -11.89 -17.48
C GLY A 8 12.84 -11.83 -17.39
N GLY A 9 13.35 -10.75 -16.83
CA GLY A 9 14.80 -10.60 -16.69
C GLY A 9 15.50 -10.48 -18.03
N LEU A 10 16.78 -10.15 -18.00
CA LEU A 10 17.56 -10.00 -19.22
C LEU A 10 18.79 -10.91 -19.20
N THR A 11 19.56 -10.84 -18.12
CA THR A 11 20.75 -11.65 -17.98
C THR A 11 21.30 -11.58 -16.55
N GLU A 12 21.42 -12.74 -15.92
CA GLU A 12 21.93 -12.81 -14.55
C GLU A 12 21.07 -11.99 -13.60
N ILE A 13 20.09 -12.64 -12.99
CA ILE A 13 19.19 -11.97 -12.07
C ILE A 13 19.60 -12.23 -10.62
N CYS A 14 20.09 -11.18 -9.96
CA CYS A 14 20.52 -11.29 -8.57
C CYS A 14 21.03 -9.95 -8.05
N ARG A 15 20.12 -9.15 -7.52
CA ARG A 15 20.47 -7.83 -7.00
C ARG A 15 19.23 -7.12 -6.46
N LYS A 16 18.28 -7.89 -5.95
CA LYS A 16 17.05 -7.33 -5.41
C LYS A 16 17.18 -7.11 -3.90
N PRO A 17 16.55 -6.03 -3.40
CA PRO A 17 16.57 -5.69 -1.98
C PRO A 17 15.75 -6.67 -1.14
N VAL A 18 15.90 -6.57 0.18
CA VAL A 18 15.18 -7.44 1.10
C VAL A 18 13.75 -6.94 1.32
N SER A 19 12.77 -7.73 0.90
CA SER A 19 11.38 -7.36 1.05
C SER A 19 10.48 -8.61 1.04
N PRO A 20 9.41 -8.57 1.84
CA PRO A 20 8.46 -9.68 1.93
C PRO A 20 7.63 -9.84 0.67
N GLY A 21 7.13 -8.72 0.14
CA GLY A 21 6.33 -8.77 -1.06
C GLY A 21 4.90 -9.18 -0.79
N CYS A 22 4.65 -9.73 0.39
CA CYS A 22 3.32 -10.18 0.77
C CYS A 22 2.53 -9.05 1.43
N ILE A 23 1.57 -8.50 0.70
CA ILE A 23 0.74 -7.41 1.21
C ILE A 23 -0.64 -7.91 1.61
N SER A 24 -1.20 -7.32 2.67
CA SER A 24 -2.51 -7.70 3.16
C SER A 24 -3.42 -6.48 3.27
N SER A 25 -2.88 -5.39 3.79
CA SER A 25 -3.64 -4.16 3.97
C SER A 25 -2.85 -2.95 3.46
N VAL A 26 -3.45 -1.77 3.57
CA VAL A 26 -2.81 -0.54 3.14
C VAL A 26 -1.40 -0.42 3.72
N SER A 27 -1.29 -0.56 5.03
CA SER A 27 0.00 -0.47 5.71
C SER A 27 1.05 -1.33 5.01
N ASP A 28 0.76 -2.62 4.88
CA ASP A 28 1.68 -3.55 4.24
C ASP A 28 2.09 -3.03 2.87
N TRP A 29 1.21 -2.26 2.24
CA TRP A 29 1.48 -1.70 0.91
C TRP A 29 2.35 -0.46 1.03
N LEU A 30 2.05 0.38 2.02
CA LEU A 30 2.80 1.61 2.24
C LEU A 30 4.25 1.31 2.60
N ILE A 31 4.46 0.20 3.30
CA ILE A 31 5.79 -0.21 3.72
C ILE A 31 6.57 -0.82 2.56
N SER A 32 5.86 -1.55 1.70
CA SER A 32 6.49 -2.19 0.55
C SER A 32 7.01 -1.15 -0.44
N ILE A 33 6.55 0.08 -0.29
CA ILE A 33 6.97 1.17 -1.17
C ILE A 33 7.98 2.06 -0.47
N GLY A 34 8.09 1.92 0.85
CA GLY A 34 9.04 2.72 1.61
C GLY A 34 8.42 4.03 2.07
N LEU A 35 7.11 4.04 2.25
CA LEU A 35 6.41 5.25 2.69
C LEU A 35 5.43 4.92 3.81
N PRO A 36 5.92 4.17 4.82
CA PRO A 36 5.10 3.78 5.97
C PRO A 36 4.78 4.95 6.89
N MET A 37 5.44 6.08 6.64
CA MET A 37 5.23 7.28 7.44
C MET A 37 3.83 7.84 7.21
N TYR A 38 3.08 7.22 6.30
CA TYR A 38 1.73 7.66 5.99
C TYR A 38 0.71 6.64 6.46
N ALA A 39 1.19 5.47 6.89
CA ALA A 39 0.31 4.42 7.38
C ALA A 39 -0.78 4.98 8.29
N GLY A 40 -0.37 5.68 9.34
CA GLY A 40 -1.32 6.26 10.27
C GLY A 40 -2.00 7.49 9.70
N THR A 41 -1.27 8.21 8.85
CA THR A 41 -1.81 9.43 8.25
C THR A 41 -3.06 9.14 7.42
N LEU A 42 -2.92 8.23 6.46
CA LEU A 42 -4.04 7.86 5.60
C LEU A 42 -5.08 7.06 6.38
N SER A 43 -4.62 6.09 7.16
CA SER A 43 -5.51 5.26 7.95
C SER A 43 -6.47 6.11 8.76
N THR A 44 -5.98 7.25 9.26
CA THR A 44 -6.80 8.15 10.06
C THR A 44 -7.84 8.84 9.20
N ALA A 45 -7.46 9.19 7.97
CA ALA A 45 -8.37 9.86 7.05
C ALA A 45 -9.48 8.92 6.59
N GLY A 46 -9.25 7.63 6.75
CA GLY A 46 -10.24 6.64 6.34
C GLY A 46 -9.67 5.57 5.44
N PHE A 47 -8.46 5.80 4.94
CA PHE A 47 -7.80 4.85 4.05
C PHE A 47 -7.41 3.58 4.81
N SER A 48 -8.35 2.65 4.93
CA SER A 48 -8.11 1.40 5.62
C SER A 48 -8.25 0.21 4.68
N THR A 49 -9.01 0.41 3.60
CA THR A 49 -9.22 -0.65 2.62
C THR A 49 -8.30 -0.48 1.42
N LEU A 50 -7.76 -1.60 0.94
CA LEU A 50 -6.86 -1.57 -0.21
C LEU A 50 -7.62 -1.28 -1.50
N SER A 51 -8.93 -1.11 -1.38
CA SER A 51 -9.78 -0.82 -2.53
C SER A 51 -9.71 0.65 -2.92
N GLN A 52 -9.29 1.48 -1.96
CA GLN A 52 -9.17 2.91 -2.20
C GLN A 52 -7.72 3.31 -2.44
N VAL A 53 -6.80 2.40 -2.13
CA VAL A 53 -5.38 2.64 -2.30
C VAL A 53 -5.06 2.96 -3.76
N PRO A 54 -5.38 2.02 -4.66
CA PRO A 54 -5.13 2.16 -6.10
C PRO A 54 -6.04 3.21 -6.73
N SER A 55 -6.85 3.86 -5.91
CA SER A 55 -7.77 4.89 -6.39
C SER A 55 -7.43 6.25 -5.80
N LEU A 56 -6.20 6.37 -5.28
CA LEU A 56 -5.75 7.62 -4.69
C LEU A 56 -5.90 8.77 -5.67
N SER A 57 -5.56 9.98 -5.22
CA SER A 57 -5.66 11.17 -6.05
C SER A 57 -4.93 12.34 -5.42
N HIS A 58 -4.19 13.09 -6.24
CA HIS A 58 -3.44 14.24 -5.76
C HIS A 58 -4.20 14.97 -4.65
N THR A 59 -5.50 15.16 -4.87
CA THR A 59 -6.35 15.84 -3.90
C THR A 59 -6.63 14.95 -2.69
N CYS A 60 -6.83 13.66 -2.95
CA CYS A 60 -7.11 12.70 -1.89
C CYS A 60 -6.03 12.76 -0.81
N LEU A 61 -4.77 12.72 -1.23
CA LEU A 61 -3.65 12.78 -0.30
C LEU A 61 -3.54 14.14 0.36
N GLN A 62 -3.77 15.19 -0.43
CA GLN A 62 -3.70 16.56 0.08
C GLN A 62 -4.67 16.76 1.24
N GLU A 63 -5.83 16.09 1.15
CA GLU A 63 -6.84 16.20 2.19
C GLU A 63 -6.32 15.63 3.52
N ALA A 64 -5.53 14.58 3.43
CA ALA A 64 -4.97 13.94 4.61
C ALA A 64 -3.89 14.82 5.25
N GLY A 65 -3.25 15.64 4.44
CA GLY A 65 -2.20 16.51 4.94
C GLY A 65 -0.92 16.40 4.14
N ILE A 66 -0.86 15.40 3.26
CA ILE A 66 0.32 15.19 2.44
C ILE A 66 0.44 16.27 1.36
N THR A 67 1.58 16.94 1.33
CA THR A 67 1.82 18.00 0.34
C THR A 67 3.08 17.71 -0.47
N GLU A 68 4.04 17.02 0.15
CA GLU A 68 5.28 16.68 -0.51
C GLU A 68 5.03 16.10 -1.90
N GLU A 69 5.21 16.92 -2.93
CA GLU A 69 5.00 16.49 -4.30
C GLU A 69 5.82 15.24 -4.61
N ARG A 70 6.89 15.03 -3.85
CA ARG A 70 7.75 13.88 -4.03
C ARG A 70 7.07 12.60 -3.54
N HIS A 71 6.38 12.71 -2.41
CA HIS A 71 5.69 11.55 -1.83
C HIS A 71 4.35 11.33 -2.53
N ILE A 72 3.63 12.42 -2.78
CA ILE A 72 2.33 12.33 -3.43
C ILE A 72 2.42 11.58 -4.75
N ARG A 73 3.41 11.94 -5.56
CA ARG A 73 3.62 11.29 -6.85
C ARG A 73 3.95 9.82 -6.67
N LYS A 74 4.76 9.52 -5.66
CA LYS A 74 5.15 8.14 -5.39
C LYS A 74 3.95 7.28 -5.02
N LEU A 75 3.16 7.77 -4.07
CA LEU A 75 1.96 7.05 -3.62
C LEU A 75 0.97 6.89 -4.77
N LEU A 76 0.79 7.94 -5.54
CA LEU A 76 -0.13 7.91 -6.68
C LEU A 76 0.35 6.94 -7.75
N SER A 77 1.67 6.89 -7.93
CA SER A 77 2.27 5.99 -8.92
C SER A 77 2.23 4.55 -8.45
N ALA A 78 2.51 4.34 -7.17
CA ALA A 78 2.51 3.00 -6.59
C ALA A 78 1.09 2.47 -6.47
N ALA A 79 0.14 3.36 -6.18
CA ALA A 79 -1.25 2.97 -6.04
C ALA A 79 -1.80 2.37 -7.33
N ARG A 80 -1.53 3.04 -8.45
CA ARG A 80 -2.00 2.58 -9.75
C ARG A 80 -1.33 1.26 -10.12
N LEU A 81 -0.18 0.99 -9.51
CA LEU A 81 0.55 -0.25 -9.78
C LEU A 81 0.08 -1.37 -8.87
N PHE A 82 -0.80 -1.03 -7.93
CA PHE A 82 -1.34 -2.02 -6.99
C PHE A 82 -2.36 -2.92 -7.68
N LYS A 83 -1.94 -4.13 -8.04
CA LYS A 83 -2.81 -5.08 -8.71
C LYS A 83 -3.40 -6.07 -7.71
N LEU A 84 -4.66 -5.84 -7.34
CA LEU A 84 -5.34 -6.71 -6.39
C LEU A 84 -5.64 -8.08 -7.01
N PRO A 85 -5.55 -9.14 -6.19
CA PRO A 85 -5.81 -10.51 -6.64
C PRO A 85 -7.28 -10.75 -6.94
N PRO A 86 -7.55 -11.64 -7.91
CA PRO A 86 -8.91 -11.98 -8.32
C PRO A 86 -9.66 -12.77 -7.25
N GLY A 87 -10.97 -12.86 -7.39
CA GLY A 87 -11.79 -13.58 -6.43
C GLY A 87 -11.86 -12.88 -5.09
N PRO A 88 -12.81 -11.93 -4.97
CA PRO A 88 -13.00 -11.16 -3.74
C PRO A 88 -13.58 -12.01 -2.61
N GLU A 89 -13.77 -13.30 -2.88
CA GLU A 89 -14.31 -14.22 -1.89
C GLU A 89 -13.95 -15.67 -2.23
N ALA A 90 -14.88 -16.36 -2.88
CA ALA A 90 -14.66 -17.74 -3.27
C ALA A 90 -15.62 -18.16 -4.39
N MET A 91 -15.29 -17.78 -5.62
CA MET A 91 -16.12 -18.10 -6.76
C MET A 91 -15.82 -19.51 -7.27
N SER A 92 -16.88 -20.28 -7.50
CA SER A 92 -16.72 -21.66 -7.97
C SER A 92 -15.90 -22.49 -6.98
N GLY A 93 -16.21 -23.78 -6.91
CA GLY A 93 -15.50 -24.66 -6.01
C GLY A 93 -14.49 -25.53 -6.72
N PRO A 94 -14.95 -26.69 -7.23
CA PRO A 94 -14.08 -27.63 -7.94
C PRO A 94 -13.64 -27.09 -9.30
N SER A 95 -14.59 -26.62 -10.09
CA SER A 95 -14.31 -26.08 -11.42
C SER A 95 -13.71 -24.68 -11.31
N SER A 96 -12.75 -24.39 -12.18
CA SER A 96 -12.10 -23.09 -12.19
C SER A 96 -11.77 -22.64 -10.77
N GLY A 97 -10.59 -23.02 -10.30
CA GLY A 97 -10.17 -22.65 -8.96
C GLY A 97 -11.10 -23.20 -7.89
N GLY A 1 3.41 25.18 -7.18
CA GLY A 1 3.58 24.74 -8.55
C GLY A 1 4.35 23.44 -8.65
N SER A 2 5.44 23.45 -9.41
CA SER A 2 6.27 22.26 -9.59
C SER A 2 6.59 21.61 -8.24
N SER A 3 6.90 22.45 -7.26
CA SER A 3 7.24 21.96 -5.93
C SER A 3 8.49 21.09 -5.97
N GLY A 4 9.02 20.76 -4.78
CA GLY A 4 10.21 19.93 -4.70
C GLY A 4 11.39 20.67 -4.10
N SER A 5 12.17 19.98 -3.29
CA SER A 5 13.34 20.57 -2.65
C SER A 5 14.47 19.55 -2.51
N SER A 6 15.67 19.97 -2.87
CA SER A 6 16.83 19.10 -2.78
C SER A 6 18.03 19.83 -2.20
N GLY A 7 18.50 19.38 -1.04
CA GLY A 7 19.63 20.00 -0.40
C GLY A 7 20.23 19.14 0.70
N GLY A 8 19.52 19.04 1.82
CA GLY A 8 19.99 18.24 2.93
C GLY A 8 21.45 18.51 3.26
N GLY A 9 22.23 17.44 3.36
CA GLY A 9 23.64 17.58 3.67
C GLY A 9 24.02 16.92 4.98
N LEU A 10 24.00 15.60 5.00
CA LEU A 10 24.33 14.84 6.20
C LEU A 10 24.47 13.36 5.90
N THR A 11 25.29 12.66 6.68
CA THR A 11 25.51 11.23 6.48
C THR A 11 24.44 10.42 7.21
N GLU A 12 23.72 9.59 6.47
CA GLU A 12 22.67 8.76 7.06
C GLU A 12 22.39 7.55 6.18
N ILE A 13 22.81 6.37 6.64
CA ILE A 13 22.61 5.14 5.90
C ILE A 13 21.61 4.23 6.62
N CYS A 14 20.40 4.13 6.08
CA CYS A 14 19.37 3.29 6.66
C CYS A 14 18.12 3.28 5.79
N ARG A 15 18.04 2.29 4.90
CA ARG A 15 16.90 2.18 4.00
C ARG A 15 16.90 0.82 3.31
N LYS A 16 16.36 -0.19 3.97
CA LYS A 16 16.30 -1.54 3.42
C LYS A 16 14.88 -2.09 3.48
N PRO A 17 14.49 -2.86 2.44
CA PRO A 17 13.17 -3.45 2.35
C PRO A 17 12.95 -4.57 3.38
N VAL A 18 12.03 -4.34 4.31
CA VAL A 18 11.73 -5.32 5.33
C VAL A 18 10.32 -5.87 5.19
N SER A 19 9.92 -6.14 3.95
CA SER A 19 8.59 -6.67 3.67
C SER A 19 8.66 -8.12 3.21
N PRO A 20 7.67 -8.92 3.61
CA PRO A 20 7.59 -10.34 3.24
C PRO A 20 7.28 -10.54 1.77
N GLY A 21 6.64 -9.55 1.16
CA GLY A 21 6.30 -9.63 -0.24
C GLY A 21 4.80 -9.72 -0.47
N CYS A 22 4.06 -10.06 0.58
CA CYS A 22 2.61 -10.17 0.49
C CYS A 22 1.93 -9.04 1.23
N ILE A 23 1.15 -8.24 0.51
CA ILE A 23 0.44 -7.11 1.10
C ILE A 23 -0.98 -7.51 1.50
N SER A 24 -1.35 -7.18 2.73
CA SER A 24 -2.69 -7.50 3.24
C SER A 24 -3.54 -6.24 3.35
N SER A 25 -2.95 -5.17 3.85
CA SER A 25 -3.66 -3.91 4.00
C SER A 25 -2.82 -2.74 3.49
N VAL A 26 -3.39 -1.55 3.52
CA VAL A 26 -2.69 -0.35 3.07
C VAL A 26 -1.28 -0.29 3.63
N SER A 27 -1.18 -0.30 4.96
CA SER A 27 0.11 -0.24 5.64
C SER A 27 1.13 -1.13 4.93
N ASP A 28 0.82 -2.43 4.85
CA ASP A 28 1.70 -3.38 4.20
C ASP A 28 2.16 -2.87 2.84
N TRP A 29 1.25 -2.18 2.15
CA TRP A 29 1.56 -1.64 0.83
C TRP A 29 2.43 -0.40 0.93
N LEU A 30 2.16 0.43 1.95
CA LEU A 30 2.93 1.65 2.16
C LEU A 30 4.38 1.34 2.52
N ILE A 31 4.58 0.23 3.22
CA ILE A 31 5.92 -0.19 3.61
C ILE A 31 6.68 -0.79 2.44
N SER A 32 5.96 -1.52 1.58
CA SER A 32 6.57 -2.15 0.42
C SER A 32 7.16 -1.11 -0.52
N ILE A 33 6.80 0.15 -0.30
CA ILE A 33 7.30 1.24 -1.13
C ILE A 33 8.26 2.13 -0.33
N GLY A 34 8.26 1.97 0.98
CA GLY A 34 9.14 2.76 1.83
C GLY A 34 8.49 4.06 2.26
N LEU A 35 7.17 4.06 2.38
CA LEU A 35 6.44 5.26 2.78
C LEU A 35 5.44 4.93 3.88
N PRO A 36 5.88 4.16 4.88
CA PRO A 36 5.04 3.76 6.02
C PRO A 36 4.72 4.93 6.94
N MET A 37 5.39 6.05 6.72
CA MET A 37 5.17 7.24 7.53
C MET A 37 3.79 7.85 7.26
N TYR A 38 3.07 7.24 6.32
CA TYR A 38 1.74 7.72 5.96
C TYR A 38 0.67 6.74 6.41
N ALA A 39 1.10 5.56 6.85
CA ALA A 39 0.18 4.53 7.30
C ALA A 39 -0.88 5.10 8.22
N GLY A 40 -0.44 5.70 9.32
CA GLY A 40 -1.37 6.29 10.28
C GLY A 40 -2.07 7.51 9.72
N THR A 41 -1.38 8.22 8.83
CA THR A 41 -1.94 9.43 8.22
C THR A 41 -3.17 9.10 7.39
N LEU A 42 -3.00 8.26 6.39
CA LEU A 42 -4.10 7.86 5.52
C LEU A 42 -5.19 7.15 6.31
N SER A 43 -4.79 6.22 7.17
CA SER A 43 -5.73 5.47 7.99
C SER A 43 -6.70 6.40 8.70
N THR A 44 -6.18 7.51 9.21
CA THR A 44 -7.00 8.48 9.92
C THR A 44 -8.04 9.09 8.99
N ALA A 45 -7.66 9.36 7.76
CA ALA A 45 -8.56 9.95 6.78
C ALA A 45 -9.65 8.95 6.38
N GLY A 46 -9.40 7.67 6.66
CA GLY A 46 -10.37 6.64 6.32
C GLY A 46 -9.77 5.54 5.47
N PHE A 47 -8.54 5.75 5.02
CA PHE A 47 -7.85 4.77 4.18
C PHE A 47 -7.53 3.51 4.99
N SER A 48 -8.44 2.54 4.92
CA SER A 48 -8.25 1.28 5.66
C SER A 48 -8.28 0.10 4.69
N THR A 49 -9.03 0.25 3.60
CA THR A 49 -9.15 -0.81 2.61
C THR A 49 -8.15 -0.62 1.48
N LEU A 50 -7.75 -1.72 0.86
CA LEU A 50 -6.79 -1.68 -0.25
C LEU A 50 -7.50 -1.35 -1.56
N SER A 51 -8.82 -1.37 -1.54
CA SER A 51 -9.61 -1.08 -2.74
C SER A 51 -9.52 0.40 -3.08
N GLN A 52 -9.28 1.23 -2.07
CA GLN A 52 -9.18 2.67 -2.28
C GLN A 52 -7.72 3.07 -2.55
N VAL A 53 -6.80 2.16 -2.28
CA VAL A 53 -5.38 2.42 -2.49
C VAL A 53 -5.09 2.77 -3.95
N PRO A 54 -5.45 1.85 -4.86
CA PRO A 54 -5.25 2.04 -6.30
C PRO A 54 -6.16 3.11 -6.88
N SER A 55 -6.95 3.74 -6.01
CA SER A 55 -7.87 4.79 -6.44
C SER A 55 -7.53 6.12 -5.78
N LEU A 56 -6.28 6.26 -5.35
CA LEU A 56 -5.83 7.48 -4.70
C LEU A 56 -5.98 8.68 -5.62
N SER A 57 -5.59 9.86 -5.13
CA SER A 57 -5.69 11.09 -5.91
C SER A 57 -4.95 12.23 -5.22
N HIS A 58 -4.35 13.10 -6.01
CA HIS A 58 -3.62 14.24 -5.48
C HIS A 58 -4.41 14.93 -4.37
N THR A 59 -5.65 15.31 -4.70
CA THR A 59 -6.51 15.98 -3.74
C THR A 59 -6.78 15.10 -2.52
N CYS A 60 -6.86 13.80 -2.75
CA CYS A 60 -7.11 12.85 -1.66
C CYS A 60 -5.98 12.91 -0.63
N LEU A 61 -4.76 12.66 -1.09
CA LEU A 61 -3.59 12.68 -0.22
C LEU A 61 -3.41 14.05 0.43
N GLN A 62 -3.66 15.11 -0.35
CA GLN A 62 -3.53 16.47 0.15
C GLN A 62 -4.46 16.70 1.33
N GLU A 63 -5.57 15.98 1.37
CA GLU A 63 -6.55 16.11 2.45
C GLU A 63 -6.02 15.46 3.73
N ALA A 64 -5.25 14.39 3.57
CA ALA A 64 -4.69 13.68 4.71
C ALA A 64 -3.60 14.51 5.39
N GLY A 65 -2.94 15.36 4.61
CA GLY A 65 -1.87 16.18 5.16
C GLY A 65 -0.60 16.09 4.34
N ILE A 66 -0.60 15.25 3.32
CA ILE A 66 0.57 15.08 2.47
C ILE A 66 0.64 16.16 1.40
N THR A 67 1.78 16.85 1.33
CA THR A 67 1.97 17.91 0.36
C THR A 67 3.23 17.67 -0.47
N GLU A 68 4.20 16.96 0.12
CA GLU A 68 5.45 16.67 -0.56
C GLU A 68 5.19 16.03 -1.92
N GLU A 69 5.10 16.87 -2.96
CA GLU A 69 4.85 16.37 -4.31
C GLU A 69 5.69 15.14 -4.61
N ARG A 70 6.82 15.01 -3.91
CA ARG A 70 7.70 13.87 -4.10
C ARG A 70 7.05 12.58 -3.60
N HIS A 71 6.48 12.64 -2.41
CA HIS A 71 5.82 11.47 -1.81
C HIS A 71 4.44 11.26 -2.43
N ILE A 72 3.77 12.35 -2.75
CA ILE A 72 2.44 12.28 -3.35
C ILE A 72 2.48 11.56 -4.69
N ARG A 73 3.46 11.90 -5.51
CA ARG A 73 3.61 11.28 -6.83
C ARG A 73 3.95 9.79 -6.69
N LYS A 74 4.72 9.46 -5.66
CA LYS A 74 5.11 8.08 -5.41
C LYS A 74 3.90 7.23 -5.05
N LEU A 75 3.16 7.66 -4.04
CA LEU A 75 1.97 6.94 -3.60
C LEU A 75 1.00 6.72 -4.75
N LEU A 76 0.73 7.78 -5.49
CA LEU A 76 -0.18 7.71 -6.63
C LEU A 76 0.35 6.74 -7.70
N SER A 77 1.67 6.74 -7.88
CA SER A 77 2.30 5.87 -8.86
C SER A 77 2.37 4.44 -8.35
N ALA A 78 2.43 4.29 -7.02
CA ALA A 78 2.50 2.98 -6.41
C ALA A 78 1.11 2.37 -6.23
N ALA A 79 0.09 3.22 -6.28
CA ALA A 79 -1.29 2.78 -6.11
C ALA A 79 -1.85 2.27 -7.44
N ARG A 80 -1.64 3.04 -8.51
CA ARG A 80 -2.13 2.67 -9.83
C ARG A 80 -1.49 1.37 -10.30
N LEU A 81 -0.35 1.03 -9.69
CA LEU A 81 0.37 -0.20 -10.06
C LEU A 81 -0.07 -1.36 -9.17
N PHE A 82 -1.00 -1.09 -8.26
CA PHE A 82 -1.50 -2.12 -7.35
C PHE A 82 -2.69 -2.84 -7.97
N LYS A 83 -2.46 -4.08 -8.42
CA LYS A 83 -3.53 -4.88 -9.02
C LYS A 83 -4.05 -5.92 -8.04
N LEU A 84 -5.25 -5.68 -7.52
CA LEU A 84 -5.87 -6.60 -6.56
C LEU A 84 -6.34 -7.87 -7.26
N PRO A 85 -6.21 -9.00 -6.55
CA PRO A 85 -6.62 -10.32 -7.08
C PRO A 85 -8.14 -10.44 -7.21
N PRO A 86 -8.59 -11.17 -8.24
CA PRO A 86 -10.02 -11.39 -8.50
C PRO A 86 -10.66 -12.28 -7.45
N GLY A 87 -12.00 -12.31 -7.44
CA GLY A 87 -12.72 -13.12 -6.48
C GLY A 87 -13.29 -12.30 -5.33
N PRO A 88 -14.48 -11.74 -5.55
CA PRO A 88 -15.16 -10.92 -4.55
C PRO A 88 -15.66 -11.74 -3.37
N GLU A 89 -15.42 -13.05 -3.43
CA GLU A 89 -15.85 -13.95 -2.36
C GLU A 89 -15.48 -15.40 -2.68
N ALA A 90 -15.43 -15.71 -3.98
CA ALA A 90 -15.09 -17.05 -4.42
C ALA A 90 -14.06 -17.01 -5.55
N MET A 91 -13.37 -18.13 -5.75
CA MET A 91 -12.34 -18.22 -6.79
C MET A 91 -12.96 -17.98 -8.16
N SER A 92 -12.46 -16.97 -8.86
CA SER A 92 -12.96 -16.64 -10.19
C SER A 92 -11.89 -16.89 -11.24
N GLY A 93 -12.33 -17.24 -12.46
CA GLY A 93 -11.40 -17.50 -13.53
C GLY A 93 -10.23 -16.54 -13.54
N PRO A 94 -9.06 -17.03 -13.96
CA PRO A 94 -7.84 -16.22 -14.02
C PRO A 94 -7.89 -15.17 -15.11
N SER A 95 -7.93 -13.90 -14.70
CA SER A 95 -7.99 -12.79 -15.64
C SER A 95 -9.20 -12.93 -16.57
N SER A 96 -10.21 -12.09 -16.35
CA SER A 96 -11.41 -12.12 -17.16
C SER A 96 -11.43 -10.96 -18.15
N GLY A 97 -12.33 -11.05 -19.13
CA GLY A 97 -12.43 -10.01 -20.14
C GLY A 97 -12.04 -10.50 -21.52
N GLY A 1 14.35 21.85 20.87
CA GLY A 1 13.52 21.05 21.77
C GLY A 1 13.46 19.59 21.34
N SER A 2 14.57 18.89 21.49
CA SER A 2 14.64 17.48 21.12
C SER A 2 13.76 16.62 22.03
N SER A 3 13.24 15.52 21.50
CA SER A 3 12.38 14.63 22.27
C SER A 3 12.28 13.27 21.60
N GLY A 4 12.01 12.24 22.39
CA GLY A 4 11.90 10.89 21.86
C GLY A 4 10.45 10.45 21.73
N SER A 5 10.23 9.14 21.79
CA SER A 5 8.89 8.58 21.68
C SER A 5 8.92 7.06 21.78
N SER A 6 7.74 6.45 21.73
CA SER A 6 7.62 5.00 21.82
C SER A 6 8.23 4.49 23.13
N GLY A 7 7.91 3.25 23.46
CA GLY A 7 8.43 2.66 24.69
C GLY A 7 8.20 1.16 24.76
N GLY A 8 9.02 0.48 25.56
CA GLY A 8 8.89 -0.95 25.69
C GLY A 8 10.18 -1.68 25.38
N GLY A 9 10.16 -3.01 25.50
CA GLY A 9 11.35 -3.80 25.22
C GLY A 9 11.03 -5.25 24.96
N LEU A 10 11.85 -5.90 24.14
CA LEU A 10 11.65 -7.30 23.80
C LEU A 10 12.97 -7.97 23.43
N THR A 11 12.93 -9.28 23.21
CA THR A 11 14.12 -10.03 22.84
C THR A 11 14.05 -10.49 21.39
N GLU A 12 14.60 -9.67 20.49
CA GLU A 12 14.61 -9.99 19.07
C GLU A 12 15.51 -9.04 18.30
N ILE A 13 16.69 -9.53 17.92
CA ILE A 13 17.65 -8.71 17.18
C ILE A 13 17.16 -8.44 15.76
N CYS A 14 17.14 -7.16 15.39
CA CYS A 14 16.68 -6.76 14.07
C CYS A 14 15.25 -7.21 13.82
N ARG A 15 14.30 -6.31 14.04
CA ARG A 15 12.89 -6.63 13.85
C ARG A 15 12.24 -5.65 12.86
N LYS A 16 12.91 -5.41 11.74
CA LYS A 16 12.41 -4.50 10.73
C LYS A 16 12.17 -5.22 9.41
N PRO A 17 11.11 -4.81 8.70
CA PRO A 17 10.74 -5.42 7.41
C PRO A 17 11.74 -5.07 6.31
N VAL A 18 11.68 -5.81 5.21
CA VAL A 18 12.57 -5.59 4.08
C VAL A 18 12.09 -6.32 2.84
N SER A 19 11.22 -5.66 2.08
CA SER A 19 10.67 -6.25 0.86
C SER A 19 9.96 -7.57 1.16
N PRO A 20 8.74 -7.47 1.69
CA PRO A 20 7.93 -8.65 2.03
C PRO A 20 7.45 -9.41 0.80
N GLY A 21 6.87 -8.67 -0.15
CA GLY A 21 6.38 -9.29 -1.37
C GLY A 21 4.89 -9.58 -1.31
N CYS A 22 4.34 -9.59 -0.10
CA CYS A 22 2.92 -9.86 0.09
C CYS A 22 2.24 -8.70 0.82
N ILE A 23 1.16 -8.19 0.23
CA ILE A 23 0.42 -7.09 0.83
C ILE A 23 -0.93 -7.55 1.36
N SER A 24 -1.24 -7.16 2.58
CA SER A 24 -2.51 -7.54 3.21
C SER A 24 -3.37 -6.30 3.47
N SER A 25 -2.75 -5.27 4.03
CA SER A 25 -3.47 -4.04 4.33
C SER A 25 -2.71 -2.82 3.81
N VAL A 26 -3.37 -1.66 3.82
CA VAL A 26 -2.76 -0.43 3.35
C VAL A 26 -1.30 -0.32 3.81
N SER A 27 -1.09 -0.46 5.11
CA SER A 27 0.24 -0.37 5.69
C SER A 27 1.22 -1.27 4.93
N ASP A 28 0.90 -2.56 4.86
CA ASP A 28 1.75 -3.52 4.16
C ASP A 28 2.17 -2.99 2.80
N TRP A 29 1.26 -2.26 2.16
CA TRP A 29 1.54 -1.69 0.84
C TRP A 29 2.39 -0.44 0.96
N LEU A 30 2.06 0.40 1.93
CA LEU A 30 2.80 1.65 2.15
C LEU A 30 4.27 1.37 2.43
N ILE A 31 4.53 0.26 3.11
CA ILE A 31 5.90 -0.13 3.45
C ILE A 31 6.64 -0.67 2.22
N SER A 32 5.93 -1.45 1.41
CA SER A 32 6.50 -2.03 0.21
C SER A 32 7.05 -0.94 -0.71
N ILE A 33 6.59 0.29 -0.50
CA ILE A 33 7.03 1.42 -1.31
C ILE A 33 8.02 2.29 -0.55
N GLY A 34 8.06 2.12 0.77
CA GLY A 34 8.96 2.89 1.60
C GLY A 34 8.34 4.19 2.09
N LEU A 35 7.02 4.18 2.27
CA LEU A 35 6.31 5.37 2.73
C LEU A 35 5.35 5.01 3.86
N PRO A 36 5.84 4.21 4.82
CA PRO A 36 5.04 3.79 5.98
C PRO A 36 4.76 4.93 6.94
N MET A 37 5.37 6.09 6.68
CA MET A 37 5.18 7.26 7.53
C MET A 37 3.79 7.87 7.30
N TYR A 38 3.01 7.23 6.43
CA TYR A 38 1.66 7.72 6.13
C TYR A 38 0.61 6.73 6.63
N ALA A 39 1.05 5.52 6.93
CA ALA A 39 0.13 4.48 7.42
C ALA A 39 -0.91 5.07 8.36
N GLY A 40 -0.45 5.66 9.46
CA GLY A 40 -1.36 6.25 10.42
C GLY A 40 -1.99 7.53 9.90
N THR A 41 -1.40 8.11 8.87
CA THR A 41 -1.90 9.35 8.29
C THR A 41 -3.16 9.09 7.46
N LEU A 42 -3.04 8.21 6.47
CA LEU A 42 -4.17 7.88 5.61
C LEU A 42 -5.28 7.21 6.41
N SER A 43 -4.91 6.32 7.32
CA SER A 43 -5.88 5.61 8.14
C SER A 43 -6.83 6.59 8.83
N THR A 44 -6.27 7.69 9.32
CA THR A 44 -7.06 8.71 9.99
C THR A 44 -8.04 9.38 9.03
N ALA A 45 -7.62 9.51 7.78
CA ALA A 45 -8.46 10.13 6.75
C ALA A 45 -9.61 9.21 6.35
N GLY A 46 -9.43 7.91 6.60
CA GLY A 46 -10.46 6.95 6.24
C GLY A 46 -9.91 5.81 5.40
N PHE A 47 -8.64 5.89 5.05
CA PHE A 47 -8.00 4.86 4.24
C PHE A 47 -7.69 3.62 5.08
N SER A 48 -8.62 2.67 5.10
CA SER A 48 -8.45 1.45 5.86
C SER A 48 -8.40 0.23 4.94
N THR A 49 -9.13 0.31 3.83
CA THR A 49 -9.18 -0.78 2.86
C THR A 49 -8.16 -0.57 1.75
N LEU A 50 -7.69 -1.67 1.16
CA LEU A 50 -6.71 -1.61 0.08
C LEU A 50 -7.38 -1.25 -1.23
N SER A 51 -8.71 -1.21 -1.23
CA SER A 51 -9.47 -0.88 -2.44
C SER A 51 -9.33 0.59 -2.77
N GLN A 52 -9.09 1.41 -1.75
CA GLN A 52 -8.95 2.85 -1.95
C GLN A 52 -7.51 3.21 -2.34
N VAL A 53 -6.60 2.26 -2.16
CA VAL A 53 -5.20 2.47 -2.50
C VAL A 53 -5.04 2.81 -3.98
N PRO A 54 -5.49 1.90 -4.84
CA PRO A 54 -5.41 2.07 -6.29
C PRO A 54 -6.35 3.17 -6.80
N SER A 55 -7.09 3.77 -5.88
CA SER A 55 -8.03 4.83 -6.23
C SER A 55 -7.61 6.16 -5.61
N LEU A 56 -6.33 6.28 -5.29
CA LEU A 56 -5.80 7.49 -4.69
C LEU A 56 -5.97 8.68 -5.62
N SER A 57 -5.50 9.85 -5.18
CA SER A 57 -5.60 11.06 -5.98
C SER A 57 -4.88 12.22 -5.31
N HIS A 58 -4.21 13.05 -6.10
CA HIS A 58 -3.49 14.20 -5.59
C HIS A 58 -4.27 14.89 -4.47
N THR A 59 -5.57 15.02 -4.68
CA THR A 59 -6.44 15.67 -3.71
C THR A 59 -6.67 14.77 -2.50
N CYS A 60 -6.72 13.47 -2.73
CA CYS A 60 -6.92 12.51 -1.65
C CYS A 60 -5.83 12.60 -0.61
N LEU A 61 -4.58 12.54 -1.07
CA LEU A 61 -3.42 12.62 -0.18
C LEU A 61 -3.34 14.00 0.47
N GLN A 62 -3.67 15.03 -0.29
CA GLN A 62 -3.63 16.40 0.20
C GLN A 62 -4.60 16.58 1.37
N GLU A 63 -5.76 15.93 1.27
CA GLU A 63 -6.78 16.03 2.31
C GLU A 63 -6.27 15.45 3.62
N ALA A 64 -5.35 14.50 3.52
CA ALA A 64 -4.77 13.85 4.70
C ALA A 64 -3.66 14.70 5.30
N GLY A 65 -3.14 15.63 4.51
CA GLY A 65 -2.07 16.50 4.97
C GLY A 65 -0.79 16.33 4.17
N ILE A 66 -0.77 15.34 3.30
CA ILE A 66 0.40 15.08 2.47
C ILE A 66 0.54 16.14 1.38
N THR A 67 1.66 16.87 1.40
CA THR A 67 1.91 17.90 0.42
C THR A 67 3.16 17.59 -0.41
N GLU A 68 4.14 16.98 0.23
CA GLU A 68 5.39 16.62 -0.44
C GLU A 68 5.11 16.02 -1.82
N GLU A 69 5.13 16.87 -2.84
CA GLU A 69 4.88 16.43 -4.20
C GLU A 69 5.73 15.21 -4.54
N ARG A 70 6.80 15.01 -3.79
CA ARG A 70 7.70 13.88 -4.02
C ARG A 70 7.07 12.59 -3.51
N HIS A 71 6.40 12.65 -2.37
CA HIS A 71 5.76 11.49 -1.79
C HIS A 71 4.42 11.21 -2.47
N ILE A 72 3.67 12.27 -2.76
CA ILE A 72 2.38 12.13 -3.42
C ILE A 72 2.52 11.43 -4.76
N ARG A 73 3.55 11.82 -5.53
CA ARG A 73 3.79 11.22 -6.84
C ARG A 73 4.15 9.75 -6.70
N LYS A 74 4.88 9.41 -5.64
CA LYS A 74 5.29 8.04 -5.41
C LYS A 74 4.10 7.16 -5.03
N LEU A 75 3.25 7.69 -4.15
CA LEU A 75 2.06 6.97 -3.70
C LEU A 75 1.06 6.81 -4.83
N LEU A 76 0.82 7.90 -5.56
CA LEU A 76 -0.13 7.89 -6.66
C LEU A 76 0.33 6.91 -7.75
N SER A 77 1.63 6.86 -7.98
CA SER A 77 2.20 5.96 -8.99
C SER A 77 2.16 4.52 -8.51
N ALA A 78 2.51 4.31 -7.25
CA ALA A 78 2.51 2.97 -6.67
C ALA A 78 1.10 2.40 -6.60
N ALA A 79 0.14 3.25 -6.29
CA ALA A 79 -1.26 2.83 -6.19
C ALA A 79 -1.77 2.33 -7.53
N ARG A 80 -1.43 3.03 -8.60
CA ARG A 80 -1.86 2.65 -9.94
C ARG A 80 -1.22 1.33 -10.37
N LEU A 81 -0.15 0.96 -9.68
CA LEU A 81 0.56 -0.29 -9.99
C LEU A 81 -0.01 -1.45 -9.17
N PHE A 82 -0.97 -1.14 -8.31
CA PHE A 82 -1.59 -2.17 -7.48
C PHE A 82 -2.65 -2.93 -8.27
N LYS A 83 -2.30 -4.13 -8.71
CA LYS A 83 -3.21 -4.96 -9.48
C LYS A 83 -3.90 -5.99 -8.59
N LEU A 84 -5.16 -5.75 -8.28
CA LEU A 84 -5.93 -6.67 -7.42
C LEU A 84 -6.37 -7.90 -8.21
N PRO A 85 -6.38 -9.05 -7.53
CA PRO A 85 -6.78 -10.32 -8.14
C PRO A 85 -8.28 -10.38 -8.44
N PRO A 86 -8.64 -11.11 -9.51
CA PRO A 86 -10.03 -11.25 -9.92
C PRO A 86 -10.86 -12.10 -8.95
N GLY A 87 -12.09 -11.69 -8.73
CA GLY A 87 -12.96 -12.41 -7.82
C GLY A 87 -12.71 -12.04 -6.36
N PRO A 88 -13.36 -10.97 -5.91
CA PRO A 88 -13.22 -10.48 -4.53
C PRO A 88 -13.87 -11.42 -3.52
N GLU A 89 -14.49 -12.49 -4.02
CA GLU A 89 -15.15 -13.46 -3.16
C GLU A 89 -15.74 -14.61 -3.98
N ALA A 90 -16.12 -14.30 -5.22
CA ALA A 90 -16.69 -15.31 -6.11
C ALA A 90 -16.73 -14.80 -7.55
N MET A 91 -16.38 -15.69 -8.48
CA MET A 91 -16.38 -15.33 -9.90
C MET A 91 -17.57 -15.96 -10.62
N SER A 92 -18.42 -15.11 -11.19
CA SER A 92 -19.61 -15.58 -11.90
C SER A 92 -19.94 -14.65 -13.06
N GLY A 93 -19.55 -15.03 -14.26
CA GLY A 93 -19.82 -14.22 -15.44
C GLY A 93 -19.12 -14.73 -16.68
N PRO A 94 -19.55 -15.90 -17.17
CA PRO A 94 -18.96 -16.53 -18.36
C PRO A 94 -19.29 -15.76 -19.63
N SER A 95 -18.72 -16.20 -20.75
CA SER A 95 -18.95 -15.55 -22.03
C SER A 95 -20.10 -16.22 -22.79
N SER A 96 -21.13 -15.44 -23.09
CA SER A 96 -22.30 -15.95 -23.80
C SER A 96 -23.34 -14.86 -24.00
N GLY A 97 -23.93 -14.82 -25.19
CA GLY A 97 -24.94 -13.82 -25.48
C GLY A 97 -24.53 -12.89 -26.61
N GLY A 1 26.75 17.29 45.12
CA GLY A 1 26.95 15.86 44.98
C GLY A 1 25.66 15.12 44.69
N SER A 2 25.15 14.39 45.68
CA SER A 2 23.91 13.63 45.51
C SER A 2 24.16 12.37 44.69
N SER A 3 24.68 12.55 43.48
CA SER A 3 24.97 11.43 42.60
C SER A 3 23.67 10.80 42.09
N GLY A 4 23.72 10.24 40.88
CA GLY A 4 22.55 9.61 40.31
C GLY A 4 22.90 8.52 39.32
N SER A 5 22.06 8.34 38.31
CA SER A 5 22.28 7.32 37.29
C SER A 5 21.57 7.68 35.99
N SER A 6 22.10 7.18 34.88
CA SER A 6 21.51 7.45 33.57
C SER A 6 20.58 6.32 33.15
N GLY A 7 19.90 6.50 32.02
CA GLY A 7 18.99 5.49 31.53
C GLY A 7 19.31 5.06 30.12
N GLY A 8 18.59 5.61 29.15
CA GLY A 8 18.82 5.25 27.76
C GLY A 8 18.72 3.76 27.51
N GLY A 9 18.76 3.37 26.25
CA GLY A 9 18.66 1.96 25.90
C GLY A 9 17.96 1.73 24.57
N LEU A 10 16.90 2.49 24.32
CA LEU A 10 16.14 2.37 23.08
C LEU A 10 16.73 3.26 22.00
N THR A 11 17.37 2.63 21.02
CA THR A 11 17.98 3.37 19.91
C THR A 11 17.32 3.03 18.58
N GLU A 12 16.74 4.03 17.94
CA GLU A 12 16.07 3.84 16.65
C GLU A 12 15.18 2.60 16.69
N ILE A 13 14.67 2.20 15.54
CA ILE A 13 13.81 1.04 15.44
C ILE A 13 14.60 -0.26 15.54
N CYS A 14 14.17 -1.15 16.43
CA CYS A 14 14.85 -2.43 16.62
C CYS A 14 14.28 -3.49 15.68
N ARG A 15 15.11 -3.96 14.75
CA ARG A 15 14.69 -4.97 13.80
C ARG A 15 13.44 -4.53 13.05
N LYS A 16 13.61 -4.15 11.79
CA LYS A 16 12.49 -3.70 10.96
C LYS A 16 12.40 -4.52 9.68
N PRO A 17 11.17 -4.69 9.17
CA PRO A 17 10.93 -5.45 7.94
C PRO A 17 11.44 -4.73 6.70
N VAL A 18 11.48 -5.44 5.58
CA VAL A 18 11.95 -4.87 4.32
C VAL A 18 11.48 -5.69 3.13
N SER A 19 10.42 -5.21 2.47
CA SER A 19 9.86 -5.90 1.32
C SER A 19 9.36 -7.29 1.71
N PRO A 20 8.16 -7.34 2.28
CA PRO A 20 7.54 -8.60 2.71
C PRO A 20 7.11 -9.47 1.53
N GLY A 21 6.59 -8.83 0.49
CA GLY A 21 6.16 -9.56 -0.69
C GLY A 21 4.67 -9.88 -0.65
N CYS A 22 4.10 -9.91 0.55
CA CYS A 22 2.68 -10.21 0.71
C CYS A 22 1.95 -9.04 1.35
N ILE A 23 1.19 -8.30 0.55
CA ILE A 23 0.44 -7.16 1.04
C ILE A 23 -0.98 -7.56 1.42
N SER A 24 -1.35 -7.27 2.67
CA SER A 24 -2.69 -7.59 3.17
C SER A 24 -3.57 -6.36 3.22
N SER A 25 -3.03 -5.26 3.73
CA SER A 25 -3.77 -4.02 3.84
C SER A 25 -2.93 -2.84 3.35
N VAL A 26 -3.49 -1.64 3.43
CA VAL A 26 -2.79 -0.44 3.01
C VAL A 26 -1.38 -0.38 3.59
N SER A 27 -1.30 -0.28 4.91
CA SER A 27 0.00 -0.22 5.59
C SER A 27 1.02 -1.11 4.89
N ASP A 28 0.71 -2.38 4.77
CA ASP A 28 1.61 -3.34 4.12
C ASP A 28 2.11 -2.78 2.79
N TRP A 29 1.21 -2.18 2.03
CA TRP A 29 1.56 -1.61 0.73
C TRP A 29 2.40 -0.34 0.90
N LEU A 30 2.07 0.44 1.93
CA LEU A 30 2.80 1.68 2.20
C LEU A 30 4.26 1.38 2.54
N ILE A 31 4.50 0.26 3.20
CA ILE A 31 5.84 -0.14 3.58
C ILE A 31 6.63 -0.67 2.38
N SER A 32 5.94 -1.39 1.51
CA SER A 32 6.56 -1.95 0.31
C SER A 32 7.05 -0.84 -0.62
N ILE A 33 6.53 0.36 -0.42
CA ILE A 33 6.91 1.50 -1.25
C ILE A 33 7.93 2.38 -0.52
N GLY A 34 7.97 2.25 0.80
CA GLY A 34 8.89 3.04 1.60
C GLY A 34 8.25 4.29 2.17
N LEU A 35 6.93 4.25 2.32
CA LEU A 35 6.20 5.39 2.86
C LEU A 35 5.26 4.95 3.98
N PRO A 36 5.78 4.15 4.92
CA PRO A 36 5.01 3.65 6.05
C PRO A 36 4.64 4.75 7.05
N MET A 37 5.26 5.92 6.87
CA MET A 37 5.00 7.05 7.76
C MET A 37 3.57 7.56 7.59
N TYR A 38 2.98 7.29 6.42
CA TYR A 38 1.63 7.72 6.13
C TYR A 38 0.61 6.69 6.63
N ALA A 39 1.10 5.49 6.92
CA ALA A 39 0.23 4.42 7.41
C ALA A 39 -0.82 4.95 8.37
N GLY A 40 -0.36 5.54 9.46
CA GLY A 40 -1.28 6.08 10.44
C GLY A 40 -1.99 7.33 9.96
N THR A 41 -1.36 8.04 9.02
CA THR A 41 -1.92 9.26 8.47
C THR A 41 -3.18 8.96 7.66
N LEU A 42 -3.03 8.17 6.60
CA LEU A 42 -4.14 7.81 5.75
C LEU A 42 -5.23 7.08 6.54
N SER A 43 -4.80 6.19 7.43
CA SER A 43 -5.72 5.42 8.25
C SER A 43 -6.63 6.34 9.06
N THR A 44 -6.09 7.48 9.47
CA THR A 44 -6.85 8.44 10.25
C THR A 44 -7.86 9.18 9.38
N ALA A 45 -7.50 9.41 8.12
CA ALA A 45 -8.38 10.10 7.19
C ALA A 45 -9.54 9.20 6.76
N GLY A 46 -9.37 7.89 6.95
CA GLY A 46 -10.40 6.95 6.59
C GLY A 46 -9.88 5.82 5.72
N PHE A 47 -8.68 6.00 5.18
CA PHE A 47 -8.07 4.99 4.33
C PHE A 47 -7.72 3.73 5.13
N SER A 48 -8.64 2.78 5.17
CA SER A 48 -8.44 1.54 5.90
C SER A 48 -8.53 0.34 4.97
N THR A 49 -9.01 0.58 3.76
CA THR A 49 -9.16 -0.49 2.77
C THR A 49 -8.16 -0.32 1.62
N LEU A 50 -7.70 -1.44 1.06
CA LEU A 50 -6.75 -1.41 -0.03
C LEU A 50 -7.44 -1.05 -1.34
N SER A 51 -8.74 -0.80 -1.27
CA SER A 51 -9.53 -0.44 -2.45
C SER A 51 -9.31 1.02 -2.82
N GLN A 52 -9.09 1.85 -1.82
CA GLN A 52 -8.87 3.28 -2.04
C GLN A 52 -7.41 3.55 -2.39
N VAL A 53 -6.54 2.61 -2.07
CA VAL A 53 -5.12 2.75 -2.34
C VAL A 53 -4.86 2.94 -3.83
N PRO A 54 -5.31 1.98 -4.64
CA PRO A 54 -5.15 2.02 -6.10
C PRO A 54 -6.02 3.10 -6.75
N SER A 55 -6.84 3.76 -5.94
CA SER A 55 -7.72 4.82 -6.43
C SER A 55 -7.35 6.16 -5.82
N LEU A 56 -6.11 6.27 -5.34
CA LEU A 56 -5.63 7.50 -4.72
C LEU A 56 -5.76 8.68 -5.69
N SER A 57 -5.50 9.88 -5.19
CA SER A 57 -5.59 11.08 -6.00
C SER A 57 -4.88 12.25 -5.32
N HIS A 58 -4.16 13.04 -6.11
CA HIS A 58 -3.43 14.19 -5.59
C HIS A 58 -4.23 14.88 -4.49
N THR A 59 -5.52 15.08 -4.74
CA THR A 59 -6.40 15.73 -3.77
C THR A 59 -6.62 14.84 -2.55
N CYS A 60 -6.89 13.56 -2.80
CA CYS A 60 -7.12 12.61 -1.72
C CYS A 60 -6.00 12.65 -0.69
N LEU A 61 -4.76 12.72 -1.18
CA LEU A 61 -3.60 12.76 -0.30
C LEU A 61 -3.45 14.14 0.34
N GLN A 62 -3.75 15.18 -0.43
CA GLN A 62 -3.66 16.55 0.06
C GLN A 62 -4.59 16.77 1.25
N GLU A 63 -5.78 16.19 1.17
CA GLU A 63 -6.76 16.31 2.25
C GLU A 63 -6.24 15.70 3.54
N ALA A 64 -5.49 14.60 3.41
CA ALA A 64 -4.93 13.92 4.57
C ALA A 64 -3.83 14.75 5.21
N GLY A 65 -3.11 15.51 4.39
CA GLY A 65 -2.02 16.33 4.90
C GLY A 65 -0.75 16.18 4.10
N ILE A 66 -0.78 15.30 3.09
CA ILE A 66 0.39 15.06 2.26
C ILE A 66 0.54 16.16 1.20
N THR A 67 1.68 16.83 1.23
CA THR A 67 1.96 17.91 0.29
C THR A 67 3.23 17.63 -0.50
N GLU A 68 4.16 16.89 0.11
CA GLU A 68 5.42 16.55 -0.55
C GLU A 68 5.17 15.96 -1.94
N GLU A 69 5.15 16.83 -2.94
CA GLU A 69 4.92 16.40 -4.32
C GLU A 69 5.74 15.14 -4.64
N ARG A 70 6.84 14.98 -3.93
CA ARG A 70 7.72 13.83 -4.14
C ARG A 70 7.04 12.53 -3.68
N HIS A 71 6.44 12.57 -2.50
CA HIS A 71 5.76 11.41 -1.95
C HIS A 71 4.39 11.22 -2.61
N ILE A 72 3.68 12.32 -2.81
CA ILE A 72 2.36 12.29 -3.43
C ILE A 72 2.42 11.57 -4.77
N ARG A 73 3.43 11.87 -5.56
CA ARG A 73 3.60 11.26 -6.87
C ARG A 73 3.97 9.79 -6.75
N LYS A 74 4.74 9.46 -5.71
CA LYS A 74 5.15 8.09 -5.46
C LYS A 74 3.96 7.21 -5.10
N LEU A 75 3.11 7.71 -4.21
CA LEU A 75 1.92 6.97 -3.78
C LEU A 75 0.97 6.74 -4.96
N LEU A 76 0.76 7.79 -5.74
CA LEU A 76 -0.12 7.71 -6.90
C LEU A 76 0.41 6.73 -7.94
N SER A 77 1.72 6.72 -8.11
CA SER A 77 2.36 5.84 -9.07
C SER A 77 2.37 4.39 -8.56
N ALA A 78 2.59 4.23 -7.25
CA ALA A 78 2.63 2.92 -6.64
C ALA A 78 1.21 2.33 -6.52
N ALA A 79 0.24 3.21 -6.28
CA ALA A 79 -1.14 2.78 -6.15
C ALA A 79 -1.70 2.28 -7.48
N ARG A 80 -1.36 2.99 -8.56
CA ARG A 80 -1.83 2.61 -9.88
C ARG A 80 -1.22 1.28 -10.33
N LEU A 81 -0.07 0.95 -9.74
CA LEU A 81 0.61 -0.30 -10.07
C LEU A 81 0.11 -1.44 -9.20
N PHE A 82 -0.78 -1.13 -8.27
CA PHE A 82 -1.34 -2.14 -7.38
C PHE A 82 -2.40 -2.97 -8.10
N LYS A 83 -1.99 -4.17 -8.53
CA LYS A 83 -2.90 -5.07 -9.24
C LYS A 83 -3.64 -5.97 -8.26
N LEU A 84 -4.85 -5.59 -7.90
CA LEU A 84 -5.66 -6.37 -6.97
C LEU A 84 -6.21 -7.62 -7.64
N PRO A 85 -6.29 -8.72 -6.88
CA PRO A 85 -6.80 -10.00 -7.38
C PRO A 85 -8.30 -9.97 -7.66
N PRO A 86 -8.75 -10.75 -8.65
CA PRO A 86 -10.16 -10.82 -9.03
C PRO A 86 -11.00 -11.52 -7.98
N GLY A 87 -12.11 -10.88 -7.60
CA GLY A 87 -12.99 -11.47 -6.60
C GLY A 87 -12.45 -11.32 -5.20
N PRO A 88 -12.72 -10.17 -4.57
CA PRO A 88 -12.26 -9.88 -3.21
C PRO A 88 -12.97 -10.72 -2.16
N GLU A 89 -14.02 -11.43 -2.59
CA GLU A 89 -14.79 -12.27 -1.69
C GLU A 89 -15.90 -13.01 -2.44
N ALA A 90 -15.58 -13.45 -3.66
CA ALA A 90 -16.55 -14.17 -4.48
C ALA A 90 -15.93 -14.57 -5.82
N MET A 91 -16.58 -15.51 -6.50
CA MET A 91 -16.09 -15.98 -7.80
C MET A 91 -16.47 -15.01 -8.91
N SER A 92 -15.82 -15.15 -10.06
CA SER A 92 -16.09 -14.28 -11.20
C SER A 92 -16.32 -15.11 -12.46
N GLY A 93 -17.26 -14.66 -13.29
CA GLY A 93 -17.57 -15.36 -14.52
C GLY A 93 -19.06 -15.46 -14.78
N PRO A 94 -19.72 -16.42 -14.11
CA PRO A 94 -21.17 -16.63 -14.27
C PRO A 94 -21.98 -15.50 -13.65
N SER A 95 -21.58 -15.06 -12.46
CA SER A 95 -22.29 -13.99 -11.77
C SER A 95 -21.35 -12.81 -11.52
N SER A 96 -21.93 -11.69 -11.07
CA SER A 96 -21.16 -10.49 -10.80
C SER A 96 -21.12 -10.19 -9.30
N GLY A 97 -20.19 -9.33 -8.90
CA GLY A 97 -20.07 -8.98 -7.50
C GLY A 97 -19.34 -10.04 -6.70
N GLY A 1 -18.58 -14.15 -9.75
CA GLY A 1 -17.31 -13.54 -10.05
C GLY A 1 -17.44 -12.32 -10.95
N SER A 2 -17.38 -11.14 -10.34
CA SER A 2 -17.51 -9.90 -11.10
C SER A 2 -17.41 -8.69 -10.16
N SER A 3 -16.35 -7.90 -10.35
CA SER A 3 -16.14 -6.71 -9.53
C SER A 3 -15.96 -7.09 -8.06
N GLY A 4 -15.18 -6.30 -7.34
CA GLY A 4 -14.94 -6.57 -5.94
C GLY A 4 -15.94 -5.88 -5.03
N SER A 5 -16.09 -4.57 -5.20
CA SER A 5 -17.02 -3.80 -4.40
C SER A 5 -18.46 -4.05 -4.83
N SER A 6 -19.21 -4.74 -3.97
CA SER A 6 -20.61 -5.05 -4.27
C SER A 6 -21.29 -5.65 -3.05
N GLY A 7 -22.55 -5.26 -2.83
CA GLY A 7 -23.29 -5.77 -1.69
C GLY A 7 -22.51 -5.71 -0.40
N GLY A 8 -22.94 -6.47 0.59
CA GLY A 8 -22.26 -6.48 1.87
C GLY A 8 -22.95 -7.37 2.89
N GLY A 9 -23.22 -6.83 4.07
CA GLY A 9 -23.88 -7.60 5.12
C GLY A 9 -23.72 -6.96 6.48
N LEU A 10 -23.46 -7.79 7.49
CA LEU A 10 -23.29 -7.31 8.85
C LEU A 10 -22.66 -8.37 9.74
N THR A 11 -23.33 -9.51 9.85
CA THR A 11 -22.83 -10.62 10.66
C THR A 11 -21.31 -10.71 10.59
N GLU A 12 -20.64 -10.35 11.69
CA GLU A 12 -19.18 -10.39 11.74
C GLU A 12 -18.70 -11.75 12.22
N ILE A 13 -17.59 -12.20 11.66
CA ILE A 13 -17.01 -13.50 12.04
C ILE A 13 -15.79 -13.31 12.94
N CYS A 14 -15.72 -14.09 14.01
CA CYS A 14 -14.61 -14.02 14.94
C CYS A 14 -13.38 -14.75 14.39
N ARG A 15 -12.61 -14.05 13.57
CA ARG A 15 -11.42 -14.63 12.96
C ARG A 15 -10.58 -13.57 12.27
N LYS A 16 -9.27 -13.60 12.50
CA LYS A 16 -8.37 -12.63 11.89
C LYS A 16 -7.85 -13.14 10.54
N PRO A 17 -7.50 -12.19 9.66
CA PRO A 17 -6.99 -12.52 8.33
C PRO A 17 -5.60 -13.15 8.37
N VAL A 18 -5.33 -14.04 7.41
CA VAL A 18 -4.04 -14.71 7.34
C VAL A 18 -3.42 -14.58 5.94
N SER A 19 -2.32 -13.84 5.86
CA SER A 19 -1.64 -13.63 4.58
C SER A 19 -0.31 -14.39 4.55
N PRO A 20 0.03 -14.92 3.36
CA PRO A 20 1.28 -15.66 3.17
C PRO A 20 2.50 -14.77 3.24
N GLY A 21 2.29 -13.49 3.53
CA GLY A 21 3.39 -12.56 3.62
C GLY A 21 3.36 -11.50 2.54
N CYS A 22 2.21 -11.38 1.87
CA CYS A 22 2.05 -10.41 0.80
C CYS A 22 1.12 -9.27 1.23
N ILE A 23 1.27 -8.12 0.59
CA ILE A 23 0.44 -6.96 0.91
C ILE A 23 -0.97 -7.38 1.29
N SER A 24 -1.35 -7.13 2.54
CA SER A 24 -2.67 -7.49 3.04
C SER A 24 -3.56 -6.25 3.17
N SER A 25 -2.98 -5.17 3.69
CA SER A 25 -3.71 -3.93 3.88
C SER A 25 -2.90 -2.74 3.39
N VAL A 26 -3.47 -1.55 3.53
CA VAL A 26 -2.78 -0.32 3.11
C VAL A 26 -1.38 -0.23 3.69
N SER A 27 -1.28 -0.40 5.01
CA SER A 27 0.00 -0.34 5.70
C SER A 27 1.04 -1.22 4.99
N ASP A 28 0.73 -2.50 4.87
CA ASP A 28 1.64 -3.44 4.22
C ASP A 28 2.06 -2.93 2.85
N TRP A 29 1.18 -2.15 2.22
CA TRP A 29 1.47 -1.60 0.90
C TRP A 29 2.33 -0.34 1.01
N LEU A 30 2.08 0.45 2.05
CA LEU A 30 2.84 1.69 2.26
C LEU A 30 4.26 1.38 2.68
N ILE A 31 4.44 0.25 3.37
CA ILE A 31 5.77 -0.17 3.82
C ILE A 31 6.56 -0.80 2.69
N SER A 32 5.86 -1.50 1.79
CA SER A 32 6.50 -2.17 0.67
C SER A 32 7.00 -1.15 -0.36
N ILE A 33 6.55 0.10 -0.20
CA ILE A 33 6.95 1.16 -1.11
C ILE A 33 7.99 2.08 -0.47
N GLY A 34 8.08 2.03 0.86
CA GLY A 34 9.03 2.86 1.58
C GLY A 34 8.43 4.15 2.06
N LEU A 35 7.11 4.17 2.21
CA LEU A 35 6.41 5.37 2.67
C LEU A 35 5.45 5.03 3.81
N PRO A 36 5.95 4.28 4.81
CA PRO A 36 5.16 3.87 5.97
C PRO A 36 4.84 5.05 6.89
N MET A 37 5.44 6.20 6.60
CA MET A 37 5.22 7.40 7.40
C MET A 37 3.81 7.94 7.19
N TYR A 38 3.07 7.31 6.28
CA TYR A 38 1.70 7.74 5.98
C TYR A 38 0.70 6.73 6.51
N ALA A 39 1.17 5.53 6.82
CA ALA A 39 0.31 4.48 7.35
C ALA A 39 -0.76 5.06 8.26
N GLY A 40 -0.33 5.69 9.36
CA GLY A 40 -1.27 6.28 10.30
C GLY A 40 -1.97 7.49 9.73
N THR A 41 -1.35 8.13 8.74
CA THR A 41 -1.91 9.32 8.12
C THR A 41 -3.18 8.97 7.33
N LEU A 42 -3.02 8.10 6.34
CA LEU A 42 -4.15 7.68 5.51
C LEU A 42 -5.14 6.85 6.32
N SER A 43 -4.62 5.96 7.15
CA SER A 43 -5.47 5.10 7.99
C SER A 43 -6.45 5.94 8.79
N THR A 44 -6.04 7.14 9.18
CA THR A 44 -6.89 8.03 9.96
C THR A 44 -7.94 8.69 9.09
N ALA A 45 -7.57 9.00 7.85
CA ALA A 45 -8.49 9.64 6.91
C ALA A 45 -9.57 8.65 6.46
N GLY A 46 -9.36 7.37 6.76
CA GLY A 46 -10.33 6.36 6.38
C GLY A 46 -9.72 5.28 5.51
N PHE A 47 -8.48 5.51 5.06
CA PHE A 47 -7.80 4.54 4.22
C PHE A 47 -7.41 3.30 5.01
N SER A 48 -8.36 2.38 5.17
CA SER A 48 -8.13 1.16 5.91
C SER A 48 -8.17 -0.06 4.99
N THR A 49 -8.82 0.11 3.83
CA THR A 49 -8.93 -0.98 2.86
C THR A 49 -7.98 -0.76 1.70
N LEU A 50 -7.53 -1.86 1.10
CA LEU A 50 -6.62 -1.79 -0.04
C LEU A 50 -7.36 -1.45 -1.32
N SER A 51 -8.68 -1.32 -1.22
CA SER A 51 -9.50 -1.00 -2.37
C SER A 51 -9.37 0.47 -2.75
N GLN A 52 -9.25 1.32 -1.73
CA GLN A 52 -9.11 2.76 -1.95
C GLN A 52 -7.67 3.12 -2.32
N VAL A 53 -6.77 2.16 -2.13
CA VAL A 53 -5.35 2.37 -2.44
C VAL A 53 -5.17 2.77 -3.91
N PRO A 54 -5.62 1.90 -4.82
CA PRO A 54 -5.53 2.13 -6.26
C PRO A 54 -6.44 3.25 -6.73
N SER A 55 -7.21 3.80 -5.81
CA SER A 55 -8.14 4.88 -6.13
C SER A 55 -7.62 6.22 -5.59
N LEU A 56 -6.37 6.23 -5.17
CA LEU A 56 -5.76 7.44 -4.62
C LEU A 56 -5.96 8.63 -5.56
N SER A 57 -5.50 9.79 -5.13
CA SER A 57 -5.62 11.00 -5.93
C SER A 57 -4.84 12.15 -5.32
N HIS A 58 -4.23 12.98 -6.17
CA HIS A 58 -3.46 14.12 -5.70
C HIS A 58 -4.18 14.86 -4.59
N THR A 59 -5.46 15.16 -4.82
CA THR A 59 -6.26 15.88 -3.83
C THR A 59 -6.57 14.99 -2.63
N CYS A 60 -6.76 13.70 -2.88
CA CYS A 60 -7.05 12.74 -1.82
C CYS A 60 -5.96 12.75 -0.76
N LEU A 61 -4.71 12.78 -1.21
CA LEU A 61 -3.57 12.79 -0.29
C LEU A 61 -3.42 14.15 0.38
N GLN A 62 -3.68 15.21 -0.39
CA GLN A 62 -3.57 16.56 0.12
C GLN A 62 -4.53 16.78 1.29
N GLU A 63 -5.69 16.14 1.23
CA GLU A 63 -6.69 16.26 2.27
C GLU A 63 -6.16 15.72 3.60
N ALA A 64 -5.45 14.60 3.53
CA ALA A 64 -4.89 13.97 4.72
C ALA A 64 -3.82 14.85 5.35
N GLY A 65 -3.11 15.61 4.51
CA GLY A 65 -2.07 16.48 5.00
C GLY A 65 -0.79 16.38 4.20
N ILE A 66 -0.75 15.42 3.28
CA ILE A 66 0.42 15.21 2.43
C ILE A 66 0.55 16.31 1.39
N THR A 67 1.68 17.02 1.41
CA THR A 67 1.93 18.11 0.48
C THR A 67 3.18 17.84 -0.34
N GLU A 68 4.07 17.02 0.21
CA GLU A 68 5.32 16.68 -0.47
C GLU A 68 5.06 16.09 -1.86
N GLU A 69 5.09 16.95 -2.87
CA GLU A 69 4.85 16.51 -4.25
C GLU A 69 5.71 15.30 -4.59
N ARG A 70 6.83 15.15 -3.88
CA ARG A 70 7.74 14.03 -4.11
C ARG A 70 7.13 12.72 -3.61
N HIS A 71 6.37 12.82 -2.52
CA HIS A 71 5.72 11.65 -1.94
C HIS A 71 4.38 11.37 -2.60
N ILE A 72 3.64 12.43 -2.89
CA ILE A 72 2.33 12.31 -3.52
C ILE A 72 2.44 11.57 -4.85
N ARG A 73 3.51 11.83 -5.58
CA ARG A 73 3.73 11.19 -6.88
C ARG A 73 4.06 9.71 -6.70
N LYS A 74 4.93 9.42 -5.72
CA LYS A 74 5.32 8.05 -5.45
C LYS A 74 4.12 7.19 -5.05
N LEU A 75 3.32 7.72 -4.14
CA LEU A 75 2.12 7.01 -3.67
C LEU A 75 1.17 6.74 -4.82
N LEU A 76 0.88 7.78 -5.59
CA LEU A 76 -0.02 7.65 -6.74
C LEU A 76 0.50 6.64 -7.74
N SER A 77 1.82 6.67 -7.97
CA SER A 77 2.45 5.75 -8.91
C SER A 77 2.48 4.33 -8.35
N ALA A 78 2.53 4.22 -7.03
CA ALA A 78 2.56 2.92 -6.36
C ALA A 78 1.15 2.39 -6.12
N ALA A 79 0.16 3.28 -6.25
CA ALA A 79 -1.23 2.91 -6.04
C ALA A 79 -1.90 2.57 -7.37
N ARG A 80 -1.66 3.39 -8.38
CA ARG A 80 -2.24 3.18 -9.70
C ARG A 80 -1.68 1.92 -10.35
N LEU A 81 -0.59 1.40 -9.79
CA LEU A 81 0.04 0.20 -10.32
C LEU A 81 -0.37 -1.03 -9.51
N PHE A 82 -1.33 -0.85 -8.61
CA PHE A 82 -1.81 -1.94 -7.77
C PHE A 82 -2.96 -2.68 -8.46
N LYS A 83 -2.65 -3.81 -9.08
CA LYS A 83 -3.66 -4.60 -9.77
C LYS A 83 -4.13 -5.76 -8.90
N LEU A 84 -5.36 -5.69 -8.45
CA LEU A 84 -5.94 -6.74 -7.60
C LEU A 84 -6.19 -8.00 -8.40
N PRO A 85 -5.98 -9.16 -7.75
CA PRO A 85 -6.19 -10.47 -8.40
C PRO A 85 -7.66 -10.76 -8.65
N PRO A 86 -7.94 -11.52 -9.73
CA PRO A 86 -9.30 -11.89 -10.10
C PRO A 86 -9.93 -12.88 -9.12
N GLY A 87 -11.11 -12.55 -8.63
CA GLY A 87 -11.80 -13.42 -7.69
C GLY A 87 -12.22 -12.70 -6.43
N PRO A 88 -13.39 -12.05 -6.47
CA PRO A 88 -13.93 -11.30 -5.33
C PRO A 88 -14.37 -12.22 -4.19
N GLU A 89 -14.24 -13.53 -4.41
CA GLU A 89 -14.62 -14.51 -3.40
C GLU A 89 -14.42 -15.93 -3.93
N ALA A 90 -14.53 -16.09 -5.24
CA ALA A 90 -14.37 -17.40 -5.86
C ALA A 90 -14.11 -17.26 -7.36
N MET A 91 -13.51 -18.29 -7.95
CA MET A 91 -13.19 -18.28 -9.37
C MET A 91 -14.39 -18.76 -10.19
N SER A 92 -14.48 -18.29 -11.43
CA SER A 92 -15.58 -18.68 -12.31
C SER A 92 -15.88 -20.17 -12.18
N GLY A 93 -17.13 -20.54 -12.40
CA GLY A 93 -17.53 -21.94 -12.31
C GLY A 93 -18.22 -22.42 -13.56
N PRO A 94 -19.56 -22.35 -13.57
CA PRO A 94 -20.38 -22.78 -14.70
C PRO A 94 -20.24 -21.86 -15.90
N SER A 95 -19.32 -22.21 -16.80
CA SER A 95 -19.08 -21.41 -18.00
C SER A 95 -20.38 -21.15 -18.75
N SER A 96 -21.13 -22.22 -19.02
CA SER A 96 -22.39 -22.11 -19.73
C SER A 96 -23.52 -21.72 -18.78
N GLY A 97 -24.57 -21.12 -19.35
CA GLY A 97 -25.70 -20.70 -18.54
C GLY A 97 -26.96 -21.48 -18.85
N GLY A 1 23.21 -51.35 18.86
CA GLY A 1 22.91 -49.97 19.22
C GLY A 1 22.35 -49.19 18.06
N SER A 2 22.63 -47.88 18.05
CA SER A 2 22.14 -47.01 17.00
C SER A 2 22.92 -47.22 15.71
N SER A 3 22.55 -46.49 14.67
CA SER A 3 23.22 -46.59 13.37
C SER A 3 23.50 -45.22 12.78
N GLY A 4 22.42 -44.49 12.49
CA GLY A 4 22.56 -43.16 11.91
C GLY A 4 22.54 -43.18 10.40
N SER A 5 21.78 -42.26 9.81
CA SER A 5 21.67 -42.18 8.35
C SER A 5 21.37 -40.75 7.92
N SER A 6 21.30 -40.55 6.60
CA SER A 6 21.02 -39.23 6.05
C SER A 6 22.16 -38.26 6.33
N GLY A 7 22.11 -37.09 5.71
CA GLY A 7 23.15 -36.10 5.90
C GLY A 7 22.67 -34.92 6.71
N GLY A 8 22.15 -33.90 6.02
CA GLY A 8 21.67 -32.71 6.71
C GLY A 8 21.04 -31.71 5.76
N GLY A 9 19.76 -31.93 5.45
CA GLY A 9 19.06 -31.03 4.55
C GLY A 9 19.94 -30.52 3.43
N LEU A 10 19.61 -29.35 2.90
CA LEU A 10 20.38 -28.75 1.82
C LEU A 10 19.84 -27.37 1.46
N THR A 11 20.47 -26.33 1.98
CA THR A 11 20.05 -24.96 1.72
C THR A 11 21.24 -24.00 1.78
N GLU A 12 22.01 -24.08 2.86
CA GLU A 12 23.17 -23.22 3.03
C GLU A 12 22.78 -21.75 2.93
N ILE A 13 22.55 -21.13 4.09
CA ILE A 13 22.17 -19.72 4.13
C ILE A 13 23.30 -18.87 4.69
N CYS A 14 23.47 -17.68 4.12
CA CYS A 14 24.51 -16.76 4.56
C CYS A 14 23.94 -15.38 4.86
N ARG A 15 23.23 -15.27 5.97
CA ARG A 15 22.62 -13.99 6.36
C ARG A 15 21.82 -13.40 5.21
N LYS A 16 20.50 -13.60 5.24
CA LYS A 16 19.62 -13.09 4.20
C LYS A 16 18.62 -12.09 4.78
N PRO A 17 18.29 -11.06 4.00
CA PRO A 17 17.35 -10.01 4.40
C PRO A 17 15.92 -10.53 4.48
N VAL A 18 14.99 -9.64 4.81
CA VAL A 18 13.58 -10.00 4.90
C VAL A 18 12.74 -9.29 3.85
N SER A 19 11.87 -10.04 3.19
CA SER A 19 11.02 -9.46 2.15
C SER A 19 10.00 -10.49 1.66
N PRO A 20 8.91 -10.66 2.43
CA PRO A 20 7.85 -11.61 2.10
C PRO A 20 7.03 -11.18 0.89
N GLY A 21 6.93 -9.86 0.70
CA GLY A 21 6.18 -9.33 -0.43
C GLY A 21 4.70 -9.62 -0.33
N CYS A 22 4.17 -9.58 0.89
CA CYS A 22 2.76 -9.85 1.12
C CYS A 22 2.02 -8.57 1.51
N ILE A 23 1.12 -8.13 0.66
CA ILE A 23 0.34 -6.92 0.91
C ILE A 23 -1.03 -7.26 1.47
N SER A 24 -1.14 -7.25 2.80
CA SER A 24 -2.41 -7.56 3.47
C SER A 24 -3.36 -6.38 3.40
N SER A 25 -2.91 -5.23 3.89
CA SER A 25 -3.73 -4.02 3.88
C SER A 25 -2.92 -2.82 3.40
N VAL A 26 -3.53 -1.64 3.44
CA VAL A 26 -2.88 -0.42 3.00
C VAL A 26 -1.48 -0.30 3.60
N SER A 27 -1.42 -0.33 4.94
CA SER A 27 -0.15 -0.23 5.65
C SER A 27 0.92 -1.10 4.98
N ASP A 28 0.60 -2.38 4.80
CA ASP A 28 1.52 -3.33 4.19
C ASP A 28 2.03 -2.79 2.85
N TRP A 29 1.16 -2.09 2.13
CA TRP A 29 1.52 -1.53 0.84
C TRP A 29 2.37 -0.28 1.00
N LEU A 30 2.01 0.55 1.98
CA LEU A 30 2.75 1.78 2.24
C LEU A 30 4.20 1.48 2.59
N ILE A 31 4.42 0.34 3.24
CA ILE A 31 5.77 -0.06 3.63
C ILE A 31 6.55 -0.63 2.44
N SER A 32 5.84 -1.34 1.57
CA SER A 32 6.46 -1.93 0.39
C SER A 32 6.93 -0.85 -0.58
N ILE A 33 6.48 0.38 -0.36
CA ILE A 33 6.85 1.50 -1.21
C ILE A 33 7.83 2.42 -0.49
N GLY A 34 8.03 2.19 0.80
CA GLY A 34 8.94 3.00 1.57
C GLY A 34 8.29 4.27 2.08
N LEU A 35 6.96 4.26 2.20
CA LEU A 35 6.22 5.41 2.68
C LEU A 35 5.27 5.03 3.80
N PRO A 36 5.77 4.25 4.76
CA PRO A 36 4.98 3.81 5.91
C PRO A 36 4.63 4.94 6.87
N MET A 37 5.33 6.06 6.72
CA MET A 37 5.10 7.23 7.56
C MET A 37 3.69 7.76 7.37
N TYR A 38 2.99 7.24 6.37
CA TYR A 38 1.62 7.67 6.08
C TYR A 38 0.61 6.63 6.54
N ALA A 39 1.12 5.49 7.00
CA ALA A 39 0.26 4.41 7.48
C ALA A 39 -0.76 4.93 8.49
N GLY A 40 -0.28 5.69 9.47
CA GLY A 40 -1.17 6.24 10.48
C GLY A 40 -1.85 7.52 10.03
N THR A 41 -1.30 8.14 8.98
CA THR A 41 -1.86 9.37 8.45
C THR A 41 -3.11 9.11 7.63
N LEU A 42 -2.98 8.25 6.63
CA LEU A 42 -4.11 7.90 5.77
C LEU A 42 -5.18 7.15 6.55
N SER A 43 -4.75 6.27 7.44
CA SER A 43 -5.67 5.49 8.25
C SER A 43 -6.63 6.40 9.02
N THR A 44 -6.11 7.51 9.52
CA THR A 44 -6.92 8.45 10.29
C THR A 44 -7.90 9.18 9.38
N ALA A 45 -7.47 9.44 8.14
CA ALA A 45 -8.32 10.13 7.17
C ALA A 45 -9.47 9.25 6.72
N GLY A 46 -9.31 7.93 6.88
CA GLY A 46 -10.35 7.00 6.49
C GLY A 46 -9.81 5.87 5.63
N PHE A 47 -8.56 5.99 5.20
CA PHE A 47 -7.93 4.98 4.36
C PHE A 47 -7.63 3.72 5.17
N SER A 48 -8.59 2.80 5.19
CA SER A 48 -8.43 1.55 5.93
C SER A 48 -8.64 0.35 5.02
N THR A 49 -8.86 0.61 3.73
CA THR A 49 -9.07 -0.44 2.76
C THR A 49 -8.12 -0.30 1.58
N LEU A 50 -7.62 -1.43 1.08
CA LEU A 50 -6.70 -1.43 -0.05
C LEU A 50 -7.44 -1.07 -1.34
N SER A 51 -8.74 -0.84 -1.23
CA SER A 51 -9.55 -0.50 -2.39
C SER A 51 -9.32 0.96 -2.80
N GLN A 52 -9.11 1.82 -1.81
CA GLN A 52 -8.89 3.23 -2.06
C GLN A 52 -7.44 3.50 -2.45
N VAL A 53 -6.58 2.49 -2.23
CA VAL A 53 -5.17 2.61 -2.56
C VAL A 53 -4.96 2.88 -4.05
N PRO A 54 -5.47 1.96 -4.89
CA PRO A 54 -5.34 2.09 -6.34
C PRO A 54 -6.22 3.20 -6.90
N SER A 55 -6.99 3.84 -6.03
CA SER A 55 -7.86 4.93 -6.44
C SER A 55 -7.39 6.26 -5.84
N LEU A 56 -6.17 6.27 -5.34
CA LEU A 56 -5.59 7.47 -4.74
C LEU A 56 -5.72 8.66 -5.68
N SER A 57 -5.47 9.86 -5.16
CA SER A 57 -5.55 11.07 -5.96
C SER A 57 -4.84 12.23 -5.27
N HIS A 58 -4.16 13.05 -6.05
CA HIS A 58 -3.44 14.20 -5.52
C HIS A 58 -4.26 14.90 -4.43
N THR A 59 -5.56 15.03 -4.67
CA THR A 59 -6.45 15.68 -3.71
C THR A 59 -6.75 14.77 -2.54
N CYS A 60 -6.80 13.47 -2.79
CA CYS A 60 -7.07 12.49 -1.74
C CYS A 60 -5.97 12.49 -0.69
N LEU A 61 -4.73 12.59 -1.15
CA LEU A 61 -3.57 12.60 -0.24
C LEU A 61 -3.43 13.95 0.43
N GLN A 62 -3.70 15.02 -0.32
CA GLN A 62 -3.60 16.37 0.20
C GLN A 62 -4.52 16.56 1.40
N GLU A 63 -5.73 16.01 1.31
CA GLU A 63 -6.71 16.11 2.38
C GLU A 63 -6.18 15.48 3.67
N ALA A 64 -5.44 14.39 3.52
CA ALA A 64 -4.87 13.68 4.66
C ALA A 64 -3.75 14.50 5.31
N GLY A 65 -3.08 15.31 4.51
CA GLY A 65 -2.00 16.15 5.02
C GLY A 65 -0.72 16.00 4.21
N ILE A 66 -0.76 15.14 3.21
CA ILE A 66 0.40 14.91 2.35
C ILE A 66 0.55 16.03 1.33
N THR A 67 1.69 16.72 1.37
CA THR A 67 1.96 17.81 0.44
C THR A 67 3.20 17.52 -0.41
N GLU A 68 4.20 16.91 0.22
CA GLU A 68 5.44 16.58 -0.48
C GLU A 68 5.16 15.98 -1.84
N GLU A 69 5.15 16.83 -2.87
CA GLU A 69 4.89 16.38 -4.24
C GLU A 69 5.73 15.15 -4.57
N ARG A 70 6.84 14.99 -3.87
CA ARG A 70 7.73 13.85 -4.09
C ARG A 70 7.09 12.56 -3.59
N HIS A 71 6.35 12.66 -2.49
CA HIS A 71 5.69 11.50 -1.91
C HIS A 71 4.33 11.26 -2.56
N ILE A 72 3.60 12.34 -2.81
CA ILE A 72 2.29 12.25 -3.44
C ILE A 72 2.37 11.56 -4.79
N ARG A 73 3.45 11.84 -5.53
CA ARG A 73 3.64 11.25 -6.84
C ARG A 73 4.02 9.78 -6.73
N LYS A 74 4.85 9.46 -5.73
CA LYS A 74 5.28 8.09 -5.51
C LYS A 74 4.10 7.19 -5.13
N LEU A 75 3.23 7.70 -4.27
CA LEU A 75 2.05 6.95 -3.83
C LEU A 75 1.09 6.72 -4.98
N LEU A 76 0.77 7.80 -5.71
CA LEU A 76 -0.14 7.71 -6.84
C LEU A 76 0.41 6.77 -7.92
N SER A 77 1.73 6.76 -8.07
CA SER A 77 2.38 5.92 -9.05
C SER A 77 2.40 4.46 -8.59
N ALA A 78 2.64 4.27 -7.29
CA ALA A 78 2.69 2.93 -6.72
C ALA A 78 1.30 2.31 -6.65
N ALA A 79 0.29 3.15 -6.40
CA ALA A 79 -1.08 2.68 -6.31
C ALA A 79 -1.57 2.13 -7.64
N ARG A 80 -1.28 2.86 -8.71
CA ARG A 80 -1.68 2.45 -10.05
C ARG A 80 -1.11 1.07 -10.40
N LEU A 81 -0.01 0.72 -9.74
CA LEU A 81 0.64 -0.56 -9.97
C LEU A 81 -0.01 -1.67 -9.14
N PHE A 82 -0.87 -1.27 -8.22
CA PHE A 82 -1.56 -2.22 -7.36
C PHE A 82 -2.70 -2.91 -8.11
N LYS A 83 -2.39 -4.09 -8.66
CA LYS A 83 -3.39 -4.86 -9.41
C LYS A 83 -4.22 -5.73 -8.47
N LEU A 84 -5.41 -5.25 -8.13
CA LEU A 84 -6.30 -5.99 -7.25
C LEU A 84 -6.90 -7.19 -7.97
N PRO A 85 -7.09 -8.29 -7.22
CA PRO A 85 -7.68 -9.52 -7.77
C PRO A 85 -9.15 -9.38 -8.10
N PRO A 86 -9.62 -10.13 -9.11
CA PRO A 86 -11.01 -10.10 -9.54
C PRO A 86 -11.95 -10.72 -8.52
N GLY A 87 -13.23 -10.35 -8.58
CA GLY A 87 -14.20 -10.89 -7.65
C GLY A 87 -15.27 -11.71 -8.34
N PRO A 88 -16.52 -11.54 -7.91
CA PRO A 88 -17.67 -12.27 -8.48
C PRO A 88 -18.00 -11.81 -9.90
N GLU A 89 -17.23 -10.84 -10.39
CA GLU A 89 -17.44 -10.31 -11.73
C GLU A 89 -17.43 -11.43 -12.76
N ALA A 90 -16.93 -12.60 -12.37
CA ALA A 90 -16.87 -13.74 -13.26
C ALA A 90 -17.97 -14.75 -12.94
N MET A 91 -19.19 -14.24 -12.76
CA MET A 91 -20.33 -15.09 -12.45
C MET A 91 -21.09 -15.46 -13.72
N SER A 92 -22.04 -16.38 -13.59
CA SER A 92 -22.84 -16.83 -14.73
C SER A 92 -24.33 -16.59 -14.48
N GLY A 93 -25.13 -16.73 -15.53
CA GLY A 93 -26.56 -16.51 -15.41
C GLY A 93 -27.28 -16.65 -16.74
N PRO A 94 -27.46 -17.89 -17.19
CA PRO A 94 -28.14 -18.18 -18.46
C PRO A 94 -29.63 -17.89 -18.40
N SER A 95 -30.27 -18.27 -17.30
CA SER A 95 -31.69 -18.05 -17.11
C SER A 95 -31.96 -17.23 -15.85
N SER A 96 -33.01 -16.42 -15.88
CA SER A 96 -33.38 -15.60 -14.74
C SER A 96 -34.87 -15.68 -14.46
N GLY A 97 -35.26 -15.32 -13.24
CA GLY A 97 -36.66 -15.36 -12.87
C GLY A 97 -36.86 -15.41 -11.37
N GLY A 1 36.20 26.62 5.31
CA GLY A 1 36.04 26.17 3.94
C GLY A 1 34.59 26.07 3.51
N SER A 2 34.36 25.82 2.24
CA SER A 2 33.01 25.71 1.70
C SER A 2 32.69 24.27 1.30
N SER A 3 31.43 24.01 1.01
CA SER A 3 30.99 22.67 0.61
C SER A 3 29.51 22.67 0.25
N GLY A 4 29.05 21.55 -0.33
CA GLY A 4 27.66 21.44 -0.71
C GLY A 4 26.91 20.42 0.11
N SER A 5 25.74 20.02 -0.36
CA SER A 5 24.92 19.05 0.34
C SER A 5 24.74 17.78 -0.49
N SER A 6 24.65 16.64 0.20
CA SER A 6 24.49 15.35 -0.48
C SER A 6 24.56 14.21 0.51
N GLY A 7 23.99 13.06 0.12
CA GLY A 7 24.00 11.90 1.00
C GLY A 7 22.64 11.23 1.08
N GLY A 8 22.60 9.94 0.78
CA GLY A 8 21.35 9.20 0.81
C GLY A 8 21.37 7.96 -0.05
N GLY A 9 20.68 6.91 0.39
CA GLY A 9 20.64 5.67 -0.37
C GLY A 9 20.55 4.45 0.53
N LEU A 10 19.32 4.10 0.90
CA LEU A 10 19.09 2.95 1.76
C LEU A 10 18.84 1.69 0.93
N THR A 11 19.59 1.54 -0.14
CA THR A 11 19.46 0.38 -1.03
C THR A 11 20.54 -0.66 -0.74
N GLU A 12 20.17 -1.92 -0.84
CA GLU A 12 21.10 -3.02 -0.59
C GLU A 12 20.91 -4.15 -1.59
N ILE A 13 22.00 -4.65 -2.14
CA ILE A 13 21.94 -5.74 -3.10
C ILE A 13 22.39 -7.05 -2.49
N CYS A 14 21.49 -8.03 -2.46
CA CYS A 14 21.79 -9.34 -1.89
C CYS A 14 20.69 -10.35 -2.22
N ARG A 15 20.22 -10.31 -3.46
CA ARG A 15 19.16 -11.21 -3.90
C ARG A 15 17.91 -11.04 -3.06
N LYS A 16 16.84 -10.55 -3.69
CA LYS A 16 15.57 -10.34 -2.99
C LYS A 16 14.59 -11.47 -3.29
N PRO A 17 13.79 -11.83 -2.28
CA PRO A 17 12.79 -12.91 -2.40
C PRO A 17 11.63 -12.52 -3.31
N VAL A 18 10.77 -13.47 -3.61
CA VAL A 18 9.61 -13.22 -4.46
C VAL A 18 8.47 -14.18 -4.13
N SER A 19 7.67 -13.82 -3.13
CA SER A 19 6.56 -14.63 -2.70
C SER A 19 6.09 -14.25 -1.30
N PRO A 20 6.99 -14.39 -0.32
CA PRO A 20 6.70 -14.06 1.07
C PRO A 20 6.55 -12.56 1.29
N GLY A 21 5.89 -12.19 2.39
CA GLY A 21 5.70 -10.78 2.70
C GLY A 21 4.69 -10.12 1.78
N CYS A 22 3.70 -10.90 1.33
CA CYS A 22 2.67 -10.39 0.43
C CYS A 22 1.85 -9.31 1.12
N ILE A 23 1.46 -8.29 0.35
CA ILE A 23 0.67 -7.19 0.89
C ILE A 23 -0.70 -7.67 1.34
N SER A 24 -1.13 -7.23 2.52
CA SER A 24 -2.42 -7.62 3.07
C SER A 24 -3.34 -6.41 3.19
N SER A 25 -2.81 -5.31 3.71
CA SER A 25 -3.58 -4.09 3.88
C SER A 25 -2.79 -2.88 3.38
N VAL A 26 -3.38 -1.69 3.54
CA VAL A 26 -2.74 -0.45 3.12
C VAL A 26 -1.33 -0.34 3.68
N SER A 27 -1.20 -0.57 4.99
CA SER A 27 0.09 -0.49 5.66
C SER A 27 1.14 -1.32 4.92
N ASP A 28 0.87 -2.62 4.81
CA ASP A 28 1.78 -3.54 4.14
C ASP A 28 2.17 -2.99 2.77
N TRP A 29 1.29 -2.21 2.17
CA TRP A 29 1.54 -1.63 0.86
C TRP A 29 2.37 -0.36 0.98
N LEU A 30 2.10 0.43 2.00
CA LEU A 30 2.83 1.67 2.22
C LEU A 30 4.28 1.40 2.59
N ILE A 31 4.52 0.26 3.24
CA ILE A 31 5.87 -0.12 3.64
C ILE A 31 6.66 -0.65 2.45
N SER A 32 6.00 -1.46 1.62
CA SER A 32 6.64 -2.04 0.44
C SER A 32 7.15 -0.94 -0.49
N ILE A 33 6.59 0.26 -0.35
CA ILE A 33 6.98 1.39 -1.18
C ILE A 33 7.97 2.30 -0.44
N GLY A 34 8.14 2.04 0.84
CA GLY A 34 9.06 2.84 1.64
C GLY A 34 8.41 4.13 2.12
N LEU A 35 7.10 4.12 2.27
CA LEU A 35 6.37 5.30 2.73
C LEU A 35 5.42 4.94 3.88
N PRO A 36 5.93 4.18 4.85
CA PRO A 36 5.15 3.76 6.01
C PRO A 36 4.83 4.92 6.95
N MET A 37 5.40 6.09 6.66
CA MET A 37 5.18 7.28 7.47
C MET A 37 3.79 7.86 7.22
N TYR A 38 3.02 7.19 6.37
CA TYR A 38 1.67 7.64 6.04
C TYR A 38 0.63 6.62 6.50
N ALA A 39 1.10 5.46 6.94
CA ALA A 39 0.21 4.40 7.41
C ALA A 39 -0.87 4.96 8.32
N GLY A 40 -0.46 5.53 9.45
CA GLY A 40 -1.40 6.09 10.40
C GLY A 40 -2.05 7.36 9.87
N THR A 41 -1.34 8.09 9.02
CA THR A 41 -1.85 9.32 8.45
C THR A 41 -3.10 9.08 7.63
N LEU A 42 -3.00 8.22 6.62
CA LEU A 42 -4.12 7.90 5.75
C LEU A 42 -5.19 7.13 6.53
N SER A 43 -4.76 6.21 7.38
CA SER A 43 -5.68 5.42 8.18
C SER A 43 -6.64 6.31 8.96
N THR A 44 -6.13 7.44 9.44
CA THR A 44 -6.95 8.38 10.19
C THR A 44 -7.99 9.05 9.31
N ALA A 45 -7.63 9.27 8.05
CA ALA A 45 -8.54 9.91 7.10
C ALA A 45 -9.62 8.93 6.64
N GLY A 46 -9.38 7.64 6.88
CA GLY A 46 -10.34 6.63 6.48
C GLY A 46 -9.72 5.54 5.63
N PHE A 47 -8.51 5.79 5.15
CA PHE A 47 -7.80 4.83 4.31
C PHE A 47 -7.42 3.59 5.11
N SER A 48 -8.33 2.63 5.17
CA SER A 48 -8.09 1.40 5.90
C SER A 48 -8.15 0.19 4.98
N THR A 49 -8.88 0.32 3.88
CA THR A 49 -9.03 -0.75 2.91
C THR A 49 -8.13 -0.53 1.71
N LEU A 50 -7.51 -1.61 1.23
CA LEU A 50 -6.62 -1.53 0.08
C LEU A 50 -7.38 -1.09 -1.18
N SER A 51 -8.70 -1.05 -1.06
CA SER A 51 -9.54 -0.64 -2.19
C SER A 51 -9.42 0.85 -2.46
N GLN A 52 -9.09 1.61 -1.41
CA GLN A 52 -8.94 3.05 -1.53
C GLN A 52 -7.53 3.42 -1.99
N VAL A 53 -6.60 2.47 -1.86
CA VAL A 53 -5.22 2.68 -2.26
C VAL A 53 -5.13 3.04 -3.74
N PRO A 54 -5.64 2.15 -4.60
CA PRO A 54 -5.63 2.35 -6.05
C PRO A 54 -6.57 3.46 -6.49
N SER A 55 -7.29 4.03 -5.52
CA SER A 55 -8.23 5.11 -5.82
C SER A 55 -7.71 6.45 -5.31
N LEU A 56 -6.40 6.50 -5.05
CA LEU A 56 -5.77 7.73 -4.57
C LEU A 56 -5.85 8.83 -5.60
N SER A 57 -5.46 10.05 -5.21
CA SER A 57 -5.47 11.19 -6.12
C SER A 57 -4.84 12.40 -5.46
N HIS A 58 -4.14 13.20 -6.26
CA HIS A 58 -3.47 14.41 -5.76
C HIS A 58 -4.31 15.07 -4.67
N THR A 59 -5.62 15.10 -4.87
CA THR A 59 -6.54 15.70 -3.91
C THR A 59 -6.73 14.81 -2.69
N CYS A 60 -6.89 13.51 -2.94
CA CYS A 60 -7.09 12.54 -1.88
C CYS A 60 -5.98 12.65 -0.84
N LEU A 61 -4.74 12.54 -1.29
CA LEU A 61 -3.58 12.63 -0.39
C LEU A 61 -3.52 13.99 0.28
N GLN A 62 -3.69 15.05 -0.51
CA GLN A 62 -3.65 16.41 0.02
C GLN A 62 -4.67 16.58 1.14
N GLU A 63 -5.83 15.95 0.99
CA GLU A 63 -6.88 16.03 1.99
C GLU A 63 -6.40 15.51 3.34
N ALA A 64 -5.56 14.48 3.30
CA ALA A 64 -5.01 13.89 4.51
C ALA A 64 -3.95 14.78 5.13
N GLY A 65 -3.21 15.49 4.28
CA GLY A 65 -2.16 16.36 4.77
C GLY A 65 -0.88 16.23 3.97
N ILE A 66 -0.82 15.20 3.13
CA ILE A 66 0.37 14.97 2.31
C ILE A 66 0.51 16.05 1.25
N THR A 67 1.64 16.77 1.30
CA THR A 67 1.91 17.84 0.34
C THR A 67 3.17 17.56 -0.46
N GLU A 68 4.14 16.92 0.19
CA GLU A 68 5.41 16.59 -0.46
C GLU A 68 5.17 16.03 -1.86
N GLU A 69 5.31 16.87 -2.87
CA GLU A 69 5.11 16.45 -4.25
C GLU A 69 5.94 15.21 -4.57
N ARG A 70 6.97 14.97 -3.76
CA ARG A 70 7.85 13.82 -3.96
C ARG A 70 7.17 12.54 -3.52
N HIS A 71 6.48 12.60 -2.38
CA HIS A 71 5.78 11.44 -1.85
C HIS A 71 4.44 11.23 -2.55
N ILE A 72 3.74 12.33 -2.82
CA ILE A 72 2.44 12.27 -3.49
C ILE A 72 2.55 11.50 -4.80
N ARG A 73 3.58 11.80 -5.58
CA ARG A 73 3.80 11.13 -6.86
C ARG A 73 4.12 9.66 -6.66
N LYS A 74 4.96 9.38 -5.66
CA LYS A 74 5.36 8.00 -5.36
C LYS A 74 4.14 7.16 -4.97
N LEU A 75 3.27 7.73 -4.15
CA LEU A 75 2.07 7.02 -3.71
C LEU A 75 1.07 6.87 -4.85
N LEU A 76 0.87 7.95 -5.61
CA LEU A 76 -0.05 7.94 -6.73
C LEU A 76 0.41 6.97 -7.80
N SER A 77 1.72 6.86 -7.98
CA SER A 77 2.29 5.97 -8.99
C SER A 77 2.23 4.51 -8.50
N ALA A 78 2.52 4.31 -7.22
CA ALA A 78 2.49 2.99 -6.63
C ALA A 78 1.07 2.42 -6.59
N ALA A 79 0.10 3.30 -6.42
CA ALA A 79 -1.30 2.88 -6.37
C ALA A 79 -1.77 2.36 -7.72
N ARG A 80 -1.38 3.06 -8.79
CA ARG A 80 -1.76 2.65 -10.14
C ARG A 80 -1.20 1.28 -10.48
N LEU A 81 -0.13 0.89 -9.79
CA LEU A 81 0.51 -0.40 -10.02
C LEU A 81 -0.05 -1.45 -9.06
N PHE A 82 -1.14 -1.11 -8.38
CA PHE A 82 -1.77 -2.03 -7.44
C PHE A 82 -2.84 -2.87 -8.14
N LYS A 83 -2.52 -4.14 -8.36
CA LYS A 83 -3.46 -5.05 -9.01
C LYS A 83 -4.20 -5.90 -7.98
N LEU A 84 -5.29 -5.36 -7.45
CA LEU A 84 -6.09 -6.07 -6.46
C LEU A 84 -7.04 -7.06 -7.13
N PRO A 85 -7.28 -8.20 -6.46
CA PRO A 85 -8.18 -9.25 -6.98
C PRO A 85 -9.63 -8.81 -6.96
N PRO A 86 -10.41 -9.33 -7.93
CA PRO A 86 -11.84 -9.01 -8.05
C PRO A 86 -12.66 -9.63 -6.93
N GLY A 87 -13.49 -8.80 -6.29
CA GLY A 87 -14.32 -9.28 -5.20
C GLY A 87 -13.52 -9.57 -3.95
N PRO A 88 -13.29 -8.53 -3.14
CA PRO A 88 -12.53 -8.66 -1.89
C PRO A 88 -13.30 -9.44 -0.83
N GLU A 89 -14.58 -9.68 -1.07
CA GLU A 89 -15.41 -10.42 -0.15
C GLU A 89 -16.83 -10.59 -0.70
N ALA A 90 -17.26 -9.62 -1.50
CA ALA A 90 -18.60 -9.66 -2.09
C ALA A 90 -19.68 -9.47 -1.03
N MET A 91 -20.63 -8.58 -1.31
CA MET A 91 -21.71 -8.31 -0.39
C MET A 91 -22.71 -9.47 -0.36
N SER A 92 -23.64 -9.42 0.60
CA SER A 92 -24.64 -10.46 0.74
C SER A 92 -25.91 -10.11 -0.03
N GLY A 93 -26.77 -11.10 -0.25
CA GLY A 93 -28.00 -10.87 -0.97
C GLY A 93 -28.85 -9.78 -0.34
N PRO A 94 -29.30 -10.02 0.89
CA PRO A 94 -30.13 -9.06 1.63
C PRO A 94 -29.35 -7.83 2.05
N SER A 95 -29.94 -6.65 1.86
CA SER A 95 -29.31 -5.39 2.22
C SER A 95 -30.29 -4.23 2.10
N SER A 96 -30.01 -3.15 2.84
CA SER A 96 -30.86 -1.98 2.82
C SER A 96 -30.47 -1.04 1.68
N GLY A 97 -31.42 -0.20 1.26
CA GLY A 97 -31.15 0.74 0.18
C GLY A 97 -31.82 2.07 0.41
N GLY A 1 3.65 27.37 5.25
CA GLY A 1 3.86 27.37 6.68
C GLY A 1 5.32 27.58 7.05
N SER A 2 5.80 26.82 8.03
CA SER A 2 7.18 26.93 8.48
C SER A 2 7.92 25.62 8.26
N SER A 3 9.24 25.72 8.09
CA SER A 3 10.07 24.54 7.86
C SER A 3 10.33 23.80 9.16
N GLY A 4 9.95 22.52 9.21
CA GLY A 4 10.14 21.72 10.40
C GLY A 4 10.66 20.33 10.09
N SER A 5 11.94 20.11 10.33
CA SER A 5 12.55 18.81 10.07
C SER A 5 13.65 18.52 11.09
N SER A 6 13.27 17.81 12.16
CA SER A 6 14.22 17.46 13.21
C SER A 6 13.91 16.09 13.79
N GLY A 7 14.74 15.11 13.45
CA GLY A 7 14.53 13.75 13.94
C GLY A 7 15.80 13.14 14.50
N GLY A 8 16.35 12.15 13.78
CA GLY A 8 17.56 11.50 14.23
C GLY A 8 17.34 10.65 15.46
N GLY A 9 18.39 10.46 16.25
CA GLY A 9 18.28 9.65 17.45
C GLY A 9 19.62 9.15 17.94
N LEU A 10 19.68 7.89 18.36
CA LEU A 10 20.91 7.29 18.85
C LEU A 10 22.05 7.52 17.88
N THR A 11 23.28 7.25 18.32
CA THR A 11 24.46 7.43 17.48
C THR A 11 24.15 7.08 16.03
N GLU A 12 23.83 5.81 15.77
CA GLU A 12 23.53 5.36 14.43
C GLU A 12 22.35 4.40 14.43
N ILE A 13 21.63 4.34 13.32
CA ILE A 13 20.48 3.46 13.20
C ILE A 13 20.69 2.42 12.10
N CYS A 14 20.41 1.17 12.41
CA CYS A 14 20.57 0.08 11.45
C CYS A 14 20.00 -1.22 12.00
N ARG A 15 18.75 -1.51 11.66
CA ARG A 15 18.09 -2.73 12.11
C ARG A 15 16.65 -2.78 11.62
N LYS A 16 16.41 -3.63 10.62
CA LYS A 16 15.08 -3.78 10.05
C LYS A 16 14.53 -5.18 10.32
N PRO A 17 13.19 -5.26 10.48
CA PRO A 17 12.51 -6.54 10.75
C PRO A 17 12.52 -7.46 9.53
N VAL A 18 11.85 -8.60 9.66
CA VAL A 18 11.78 -9.57 8.58
C VAL A 18 10.35 -9.72 8.06
N SER A 19 10.20 -9.69 6.74
CA SER A 19 8.89 -9.81 6.12
C SER A 19 8.92 -10.80 4.97
N PRO A 20 7.81 -11.56 4.81
CA PRO A 20 7.69 -12.56 3.74
C PRO A 20 7.60 -11.94 2.35
N GLY A 21 6.94 -10.77 2.28
CA GLY A 21 6.78 -10.09 1.01
C GLY A 21 5.36 -10.13 0.50
N CYS A 22 4.41 -10.15 1.42
CA CYS A 22 2.99 -10.20 1.06
C CYS A 22 2.25 -9.02 1.68
N ILE A 23 1.36 -8.42 0.89
CA ILE A 23 0.58 -7.28 1.36
C ILE A 23 -0.83 -7.70 1.75
N SER A 24 -1.30 -7.20 2.90
CA SER A 24 -2.63 -7.53 3.38
C SER A 24 -3.52 -6.29 3.44
N SER A 25 -2.97 -5.20 3.97
CA SER A 25 -3.70 -3.95 4.07
C SER A 25 -2.89 -2.79 3.52
N VAL A 26 -3.42 -1.58 3.67
CA VAL A 26 -2.74 -0.38 3.18
C VAL A 26 -1.33 -0.28 3.74
N SER A 27 -1.23 -0.27 5.07
CA SER A 27 0.06 -0.18 5.73
C SER A 27 1.10 -1.08 5.06
N ASP A 28 0.75 -2.36 4.94
CA ASP A 28 1.64 -3.33 4.31
C ASP A 28 2.13 -2.83 2.96
N TRP A 29 1.25 -2.18 2.22
CA TRP A 29 1.58 -1.65 0.90
C TRP A 29 2.46 -0.40 1.02
N LEU A 30 2.15 0.44 2.00
CA LEU A 30 2.91 1.67 2.23
C LEU A 30 4.36 1.35 2.56
N ILE A 31 4.58 0.23 3.25
CA ILE A 31 5.92 -0.19 3.63
C ILE A 31 6.67 -0.79 2.44
N SER A 32 5.93 -1.43 1.55
CA SER A 32 6.52 -2.05 0.37
C SER A 32 7.01 -0.99 -0.61
N ILE A 33 6.64 0.26 -0.36
CA ILE A 33 7.04 1.37 -1.22
C ILE A 33 8.05 2.28 -0.50
N GLY A 34 8.11 2.17 0.82
CA GLY A 34 9.02 2.98 1.60
C GLY A 34 8.38 4.26 2.09
N LEU A 35 7.07 4.23 2.31
CA LEU A 35 6.33 5.39 2.79
C LEU A 35 5.38 5.02 3.91
N PRO A 36 5.89 4.22 4.87
CA PRO A 36 5.10 3.78 6.02
C PRO A 36 4.78 4.92 6.99
N MET A 37 5.41 6.07 6.77
CA MET A 37 5.19 7.23 7.61
C MET A 37 3.79 7.79 7.42
N TYR A 38 3.09 7.28 6.42
CA TYR A 38 1.73 7.74 6.12
C TYR A 38 0.70 6.72 6.61
N ALA A 39 1.19 5.53 6.97
CA ALA A 39 0.31 4.47 7.45
C ALA A 39 -0.80 5.02 8.33
N GLY A 40 -0.43 5.74 9.39
CA GLY A 40 -1.41 6.31 10.28
C GLY A 40 -2.09 7.54 9.69
N THR A 41 -1.41 8.18 8.75
CA THR A 41 -1.95 9.38 8.11
C THR A 41 -3.20 9.05 7.29
N LEU A 42 -3.05 8.14 6.33
CA LEU A 42 -4.16 7.74 5.48
C LEU A 42 -5.22 7.00 6.29
N SER A 43 -4.78 6.11 7.18
CA SER A 43 -5.69 5.34 8.02
C SER A 43 -6.66 6.26 8.75
N THR A 44 -6.14 7.39 9.22
CA THR A 44 -6.96 8.36 9.95
C THR A 44 -8.01 8.98 9.04
N ALA A 45 -7.64 9.20 7.78
CA ALA A 45 -8.55 9.79 6.81
C ALA A 45 -9.64 8.81 6.40
N GLY A 46 -9.39 7.52 6.65
CA GLY A 46 -10.36 6.50 6.31
C GLY A 46 -9.76 5.40 5.46
N PHE A 47 -8.53 5.61 4.99
CA PHE A 47 -7.84 4.63 4.16
C PHE A 47 -7.55 3.36 4.95
N SER A 48 -8.49 2.43 4.93
CA SER A 48 -8.34 1.17 5.66
C SER A 48 -8.36 -0.02 4.70
N THR A 49 -9.08 0.15 3.59
CA THR A 49 -9.18 -0.91 2.58
C THR A 49 -8.19 -0.69 1.44
N LEU A 50 -7.75 -1.78 0.84
CA LEU A 50 -6.80 -1.71 -0.27
C LEU A 50 -7.50 -1.38 -1.58
N SER A 51 -8.84 -1.43 -1.55
CA SER A 51 -9.63 -1.13 -2.74
C SER A 51 -9.57 0.35 -3.09
N GLN A 52 -9.28 1.17 -2.08
CA GLN A 52 -9.19 2.62 -2.29
C GLN A 52 -7.75 3.04 -2.55
N VAL A 53 -6.82 2.11 -2.36
CA VAL A 53 -5.41 2.38 -2.58
C VAL A 53 -5.13 2.78 -4.03
N PRO A 54 -5.48 1.87 -4.95
CA PRO A 54 -5.28 2.10 -6.39
C PRO A 54 -6.22 3.17 -6.94
N SER A 55 -7.02 3.76 -6.06
CA SER A 55 -7.96 4.80 -6.46
C SER A 55 -7.60 6.14 -5.82
N LEU A 56 -6.35 6.26 -5.37
CA LEU A 56 -5.88 7.49 -4.73
C LEU A 56 -6.12 8.69 -5.64
N SER A 57 -5.65 9.86 -5.20
CA SER A 57 -5.82 11.08 -5.96
C SER A 57 -5.06 12.23 -5.31
N HIS A 58 -4.36 13.02 -6.13
CA HIS A 58 -3.60 14.16 -5.64
C HIS A 58 -4.35 14.88 -4.52
N THR A 59 -5.65 15.07 -4.72
CA THR A 59 -6.48 15.75 -3.74
C THR A 59 -6.68 14.89 -2.49
N CYS A 60 -6.81 13.58 -2.70
CA CYS A 60 -7.00 12.65 -1.60
C CYS A 60 -5.89 12.81 -0.55
N LEU A 61 -4.65 12.68 -1.01
CA LEU A 61 -3.50 12.80 -0.11
C LEU A 61 -3.40 14.22 0.44
N GLN A 62 -3.72 15.21 -0.39
CA GLN A 62 -3.67 16.60 0.03
C GLN A 62 -4.59 16.86 1.22
N GLU A 63 -5.62 16.04 1.33
CA GLU A 63 -6.59 16.18 2.42
C GLU A 63 -6.04 15.56 3.71
N ALA A 64 -5.24 14.52 3.56
CA ALA A 64 -4.65 13.85 4.71
C ALA A 64 -3.52 14.68 5.32
N GLY A 65 -2.96 15.59 4.53
CA GLY A 65 -1.89 16.44 5.01
C GLY A 65 -0.62 16.28 4.20
N ILE A 66 -0.65 15.37 3.23
CA ILE A 66 0.51 15.14 2.38
C ILE A 66 0.64 16.23 1.32
N THR A 67 1.78 16.93 1.34
CA THR A 67 2.02 18.00 0.37
C THR A 67 3.28 17.71 -0.45
N GLU A 68 4.23 17.01 0.16
CA GLU A 68 5.47 16.66 -0.52
C GLU A 68 5.19 16.03 -1.88
N GLU A 69 5.13 16.87 -2.91
CA GLU A 69 4.87 16.39 -4.26
C GLU A 69 5.74 15.19 -4.60
N ARG A 70 6.84 15.03 -3.85
CA ARG A 70 7.76 13.92 -4.07
C ARG A 70 7.16 12.62 -3.56
N HIS A 71 6.46 12.69 -2.43
CA HIS A 71 5.84 11.51 -1.84
C HIS A 71 4.47 11.25 -2.46
N ILE A 72 3.76 12.32 -2.81
CA ILE A 72 2.44 12.20 -3.41
C ILE A 72 2.51 11.47 -4.74
N ARG A 73 3.53 11.78 -5.53
CA ARG A 73 3.71 11.15 -6.83
C ARG A 73 4.06 9.67 -6.67
N LYS A 74 4.89 9.37 -5.68
CA LYS A 74 5.30 8.00 -5.41
C LYS A 74 4.11 7.14 -5.00
N LEU A 75 3.23 7.72 -4.21
CA LEU A 75 2.04 7.02 -3.73
C LEU A 75 1.05 6.80 -4.87
N LEU A 76 0.76 7.87 -5.61
CA LEU A 76 -0.18 7.80 -6.73
C LEU A 76 0.33 6.82 -7.79
N SER A 77 1.64 6.76 -7.96
CA SER A 77 2.24 5.87 -8.94
C SER A 77 2.29 4.44 -8.43
N ALA A 78 2.44 4.29 -7.12
CA ALA A 78 2.49 2.97 -6.50
C ALA A 78 1.09 2.40 -6.30
N ALA A 79 0.10 3.28 -6.26
CA ALA A 79 -1.28 2.86 -6.08
C ALA A 79 -1.89 2.39 -7.39
N ARG A 80 -1.72 3.18 -8.44
CA ARG A 80 -2.25 2.85 -9.76
C ARG A 80 -1.62 1.57 -10.28
N LEU A 81 -0.47 1.19 -9.72
CA LEU A 81 0.24 -0.01 -10.14
C LEU A 81 -0.08 -1.18 -9.20
N PHE A 82 -1.03 -0.96 -8.30
CA PHE A 82 -1.43 -1.99 -7.34
C PHE A 82 -2.49 -2.90 -7.95
N LYS A 83 -2.07 -4.08 -8.40
CA LYS A 83 -2.98 -5.04 -8.99
C LYS A 83 -3.53 -6.01 -7.95
N LEU A 84 -4.77 -5.79 -7.54
CA LEU A 84 -5.42 -6.63 -6.54
C LEU A 84 -5.82 -7.97 -7.14
N PRO A 85 -5.73 -9.03 -6.31
CA PRO A 85 -6.09 -10.39 -6.75
C PRO A 85 -7.59 -10.56 -6.96
N PRO A 86 -7.96 -11.46 -7.89
CA PRO A 86 -9.36 -11.72 -8.20
C PRO A 86 -10.09 -12.44 -7.07
N GLY A 87 -11.38 -12.17 -6.94
CA GLY A 87 -12.17 -12.79 -5.89
C GLY A 87 -13.26 -13.70 -6.44
N PRO A 88 -14.45 -13.64 -5.83
CA PRO A 88 -15.59 -14.45 -6.24
C PRO A 88 -16.16 -14.00 -7.59
N GLU A 89 -15.53 -12.99 -8.19
CA GLU A 89 -15.98 -12.48 -9.47
C GLU A 89 -15.93 -13.57 -10.54
N ALA A 90 -15.25 -14.68 -10.23
CA ALA A 90 -15.14 -15.79 -11.16
C ALA A 90 -16.13 -16.90 -10.81
N MET A 91 -16.93 -17.30 -11.79
CA MET A 91 -17.92 -18.35 -11.59
C MET A 91 -17.56 -19.59 -12.40
N SER A 92 -18.03 -20.75 -11.93
CA SER A 92 -17.75 -22.01 -12.61
C SER A 92 -17.85 -21.84 -14.12
N GLY A 93 -16.95 -22.52 -14.84
CA GLY A 93 -16.94 -22.44 -16.29
C GLY A 93 -17.97 -23.34 -16.93
N PRO A 94 -17.55 -24.57 -17.29
CA PRO A 94 -18.44 -25.56 -17.91
C PRO A 94 -19.50 -26.09 -16.95
N SER A 95 -19.32 -25.81 -15.66
CA SER A 95 -20.25 -26.25 -14.64
C SER A 95 -20.53 -27.75 -14.79
N SER A 96 -19.51 -28.50 -15.18
CA SER A 96 -19.65 -29.94 -15.36
C SER A 96 -20.41 -30.26 -16.64
N GLY A 97 -19.66 -30.47 -17.72
CA GLY A 97 -20.28 -30.78 -19.00
C GLY A 97 -21.34 -29.77 -19.39
N GLY A 1 34.48 16.42 18.77
CA GLY A 1 33.55 15.37 18.36
C GLY A 1 33.89 14.80 17.00
N SER A 2 33.14 15.23 15.99
CA SER A 2 33.35 14.74 14.62
C SER A 2 32.95 13.28 14.50
N SER A 3 32.40 12.92 13.35
CA SER A 3 31.97 11.55 13.11
C SER A 3 31.23 11.44 11.78
N GLY A 4 31.72 10.55 10.91
CA GLY A 4 31.08 10.36 9.61
C GLY A 4 30.65 8.93 9.38
N SER A 5 29.58 8.76 8.60
CA SER A 5 29.05 7.44 8.31
C SER A 5 27.75 7.53 7.52
N SER A 6 27.86 7.46 6.20
CA SER A 6 26.69 7.54 5.33
C SER A 6 27.07 7.26 3.87
N GLY A 7 26.36 6.33 3.26
CA GLY A 7 26.64 5.98 1.87
C GLY A 7 25.38 5.61 1.10
N GLY A 8 24.66 4.61 1.61
CA GLY A 8 23.44 4.17 0.95
C GLY A 8 22.95 2.83 1.47
N GLY A 9 21.89 2.85 2.27
CA GLY A 9 21.36 1.62 2.81
C GLY A 9 22.36 0.85 3.63
N LEU A 10 21.89 -0.10 4.42
CA LEU A 10 22.77 -0.91 5.27
C LEU A 10 23.45 -2.00 4.46
N THR A 11 22.73 -2.51 3.45
CA THR A 11 23.27 -3.57 2.60
C THR A 11 23.70 -4.77 3.42
N GLU A 12 22.82 -5.76 3.53
CA GLU A 12 23.11 -6.97 4.28
C GLU A 12 22.76 -8.21 3.47
N ILE A 13 23.50 -9.30 3.71
CA ILE A 13 23.26 -10.55 3.01
C ILE A 13 22.19 -11.38 3.70
N CYS A 14 21.20 -11.81 2.94
CA CYS A 14 20.11 -12.61 3.48
C CYS A 14 19.20 -13.14 2.36
N ARG A 15 18.84 -14.40 2.45
CA ARG A 15 17.97 -15.02 1.45
C ARG A 15 16.86 -15.82 2.11
N LYS A 16 15.63 -15.35 1.97
CA LYS A 16 14.47 -16.02 2.55
C LYS A 16 13.51 -16.47 1.46
N PRO A 17 12.83 -17.61 1.70
CA PRO A 17 11.86 -18.17 0.76
C PRO A 17 10.60 -17.32 0.65
N VAL A 18 9.63 -17.81 -0.12
CA VAL A 18 8.37 -17.10 -0.30
C VAL A 18 7.81 -16.61 1.03
N SER A 19 7.31 -15.38 1.04
CA SER A 19 6.75 -14.79 2.25
C SER A 19 6.54 -13.28 2.08
N PRO A 20 7.64 -12.56 1.84
CA PRO A 20 7.59 -11.10 1.65
C PRO A 20 6.93 -10.70 0.33
N GLY A 21 6.70 -9.41 0.17
CA GLY A 21 6.06 -8.93 -1.05
C GLY A 21 4.55 -9.00 -0.99
N CYS A 22 4.03 -9.84 -0.10
CA CYS A 22 2.59 -10.00 0.05
C CYS A 22 2.01 -8.87 0.88
N ILE A 23 0.97 -8.23 0.36
CA ILE A 23 0.32 -7.12 1.06
C ILE A 23 -1.07 -7.53 1.56
N SER A 24 -1.36 -7.21 2.81
CA SER A 24 -2.66 -7.54 3.40
C SER A 24 -3.51 -6.29 3.57
N SER A 25 -2.89 -5.22 4.05
CA SER A 25 -3.60 -3.96 4.26
C SER A 25 -2.80 -2.79 3.71
N VAL A 26 -3.34 -1.59 3.85
CA VAL A 26 -2.68 -0.38 3.36
C VAL A 26 -1.24 -0.32 3.85
N SER A 27 -1.06 -0.39 5.16
CA SER A 27 0.28 -0.34 5.76
C SER A 27 1.25 -1.23 4.99
N ASP A 28 0.94 -2.52 4.93
CA ASP A 28 1.78 -3.48 4.23
C ASP A 28 2.15 -2.97 2.84
N TRP A 29 1.24 -2.21 2.24
CA TRP A 29 1.48 -1.65 0.91
C TRP A 29 2.33 -0.39 0.99
N LEU A 30 2.11 0.42 2.01
CA LEU A 30 2.86 1.65 2.20
C LEU A 30 4.32 1.35 2.52
N ILE A 31 4.56 0.26 3.23
CA ILE A 31 5.91 -0.15 3.59
C ILE A 31 6.66 -0.70 2.40
N SER A 32 5.96 -1.48 1.58
CA SER A 32 6.56 -2.09 0.39
C SER A 32 7.13 -1.02 -0.53
N ILE A 33 6.65 0.21 -0.37
CA ILE A 33 7.11 1.32 -1.18
C ILE A 33 8.09 2.21 -0.42
N GLY A 34 8.19 1.97 0.88
CA GLY A 34 9.10 2.75 1.70
C GLY A 34 8.49 4.06 2.17
N LEU A 35 7.17 4.06 2.34
CA LEU A 35 6.46 5.25 2.79
C LEU A 35 5.49 4.92 3.91
N PRO A 36 5.97 4.15 4.90
CA PRO A 36 5.17 3.75 6.06
C PRO A 36 4.87 4.91 6.99
N MET A 37 5.45 6.07 6.69
CA MET A 37 5.23 7.27 7.49
C MET A 37 3.86 7.87 7.23
N TYR A 38 3.06 7.19 6.41
CA TYR A 38 1.72 7.65 6.09
C TYR A 38 0.66 6.65 6.56
N ALA A 39 1.12 5.46 6.92
CA ALA A 39 0.21 4.41 7.39
C ALA A 39 -0.88 4.99 8.28
N GLY A 40 -0.48 5.57 9.42
CA GLY A 40 -1.44 6.16 10.32
C GLY A 40 -2.09 7.41 9.77
N THR A 41 -1.36 8.11 8.91
CA THR A 41 -1.87 9.34 8.30
C THR A 41 -3.11 9.07 7.46
N LEU A 42 -2.97 8.22 6.46
CA LEU A 42 -4.08 7.87 5.58
C LEU A 42 -5.17 7.14 6.35
N SER A 43 -4.75 6.25 7.25
CA SER A 43 -5.69 5.48 8.06
C SER A 43 -6.69 6.39 8.76
N THR A 44 -6.20 7.52 9.27
CA THR A 44 -7.04 8.48 9.95
C THR A 44 -8.04 9.11 9.01
N ALA A 45 -7.63 9.28 7.74
CA ALA A 45 -8.49 9.88 6.73
C ALA A 45 -9.56 8.89 6.26
N GLY A 46 -9.36 7.61 6.59
CA GLY A 46 -10.32 6.59 6.19
C GLY A 46 -9.68 5.50 5.37
N PHE A 47 -8.45 5.74 4.92
CA PHE A 47 -7.73 4.75 4.11
C PHE A 47 -7.47 3.48 4.91
N SER A 48 -8.44 2.59 4.94
CA SER A 48 -8.31 1.33 5.67
C SER A 48 -8.35 0.14 4.72
N THR A 49 -9.06 0.30 3.61
CA THR A 49 -9.18 -0.76 2.62
C THR A 49 -8.16 -0.58 1.50
N LEU A 50 -7.75 -1.69 0.90
CA LEU A 50 -6.78 -1.66 -0.19
C LEU A 50 -7.45 -1.36 -1.53
N SER A 51 -8.79 -1.36 -1.52
CA SER A 51 -9.56 -1.09 -2.73
C SER A 51 -9.49 0.39 -3.10
N GLN A 52 -9.22 1.23 -2.10
CA GLN A 52 -9.14 2.67 -2.31
C GLN A 52 -7.70 3.09 -2.60
N VAL A 53 -6.77 2.17 -2.38
CA VAL A 53 -5.35 2.45 -2.60
C VAL A 53 -5.10 2.84 -4.05
N PRO A 54 -5.45 1.94 -4.98
CA PRO A 54 -5.27 2.17 -6.41
C PRO A 54 -6.21 3.24 -6.95
N SER A 55 -7.00 3.84 -6.06
CA SER A 55 -7.94 4.87 -6.45
C SER A 55 -7.58 6.21 -5.80
N LEU A 56 -6.32 6.36 -5.43
CA LEU A 56 -5.84 7.58 -4.80
C LEU A 56 -6.06 8.78 -5.70
N SER A 57 -5.70 9.97 -5.21
CA SER A 57 -5.87 11.20 -5.98
C SER A 57 -5.07 12.34 -5.34
N HIS A 58 -4.44 13.14 -6.18
CA HIS A 58 -3.65 14.28 -5.70
C HIS A 58 -4.37 15.00 -4.57
N THR A 59 -5.68 15.18 -4.72
CA THR A 59 -6.48 15.86 -3.71
C THR A 59 -6.71 14.96 -2.50
N CYS A 60 -6.81 13.66 -2.75
CA CYS A 60 -7.03 12.70 -1.67
C CYS A 60 -5.91 12.78 -0.64
N LEU A 61 -4.67 12.70 -1.10
CA LEU A 61 -3.51 12.75 -0.22
C LEU A 61 -3.41 14.12 0.45
N GLN A 62 -3.70 15.17 -0.31
CA GLN A 62 -3.65 16.53 0.22
C GLN A 62 -4.64 16.71 1.37
N GLU A 63 -5.79 16.07 1.26
CA GLU A 63 -6.82 16.16 2.30
C GLU A 63 -6.32 15.57 3.61
N ALA A 64 -5.43 14.58 3.52
CA ALA A 64 -4.88 13.94 4.70
C ALA A 64 -3.76 14.79 5.31
N GLY A 65 -3.12 15.60 4.48
CA GLY A 65 -2.04 16.45 4.96
C GLY A 65 -0.79 16.34 4.11
N ILE A 66 -0.72 15.28 3.31
CA ILE A 66 0.44 15.06 2.44
C ILE A 66 0.54 16.14 1.38
N THR A 67 1.70 16.81 1.34
CA THR A 67 1.93 17.87 0.37
C THR A 67 3.19 17.61 -0.46
N GLU A 68 4.16 16.94 0.16
CA GLU A 68 5.41 16.62 -0.51
C GLU A 68 5.15 16.01 -1.88
N GLU A 69 5.14 16.85 -2.91
CA GLU A 69 4.91 16.38 -4.27
C GLU A 69 5.74 15.14 -4.58
N ARG A 70 6.87 15.01 -3.89
CA ARG A 70 7.76 13.87 -4.09
C ARG A 70 7.10 12.58 -3.61
N HIS A 71 6.47 12.63 -2.44
CA HIS A 71 5.80 11.47 -1.88
C HIS A 71 4.46 11.23 -2.56
N ILE A 72 3.74 12.31 -2.84
CA ILE A 72 2.43 12.21 -3.49
C ILE A 72 2.54 11.44 -4.80
N ARG A 73 3.54 11.79 -5.62
CA ARG A 73 3.75 11.14 -6.90
C ARG A 73 4.10 9.66 -6.71
N LYS A 74 4.87 9.38 -5.66
CA LYS A 74 5.29 8.02 -5.36
C LYS A 74 4.09 7.17 -4.95
N LEU A 75 3.28 7.68 -4.05
CA LEU A 75 2.10 6.97 -3.57
C LEU A 75 1.09 6.78 -4.70
N LEU A 76 0.81 7.85 -5.43
CA LEU A 76 -0.13 7.80 -6.54
C LEU A 76 0.36 6.85 -7.63
N SER A 77 1.68 6.81 -7.83
CA SER A 77 2.28 5.94 -8.84
C SER A 77 2.21 4.48 -8.40
N ALA A 78 2.41 4.25 -7.11
CA ALA A 78 2.37 2.89 -6.57
C ALA A 78 0.94 2.37 -6.49
N ALA A 79 -0.01 3.27 -6.27
CA ALA A 79 -1.41 2.90 -6.17
C ALA A 79 -1.93 2.39 -7.51
N ARG A 80 -1.67 3.13 -8.57
CA ARG A 80 -2.11 2.75 -9.91
C ARG A 80 -1.45 1.45 -10.35
N LEU A 81 -0.28 1.17 -9.79
CA LEU A 81 0.46 -0.05 -10.13
C LEU A 81 0.13 -1.17 -9.15
N PHE A 82 -0.88 -0.95 -8.32
CA PHE A 82 -1.30 -1.94 -7.33
C PHE A 82 -2.37 -2.86 -7.90
N LYS A 83 -1.98 -4.09 -8.22
CA LYS A 83 -2.91 -5.06 -8.78
C LYS A 83 -3.40 -6.02 -7.69
N LEU A 84 -4.43 -5.60 -6.96
CA LEU A 84 -4.99 -6.43 -5.89
C LEU A 84 -5.91 -7.50 -6.47
N PRO A 85 -5.92 -8.68 -5.81
CA PRO A 85 -6.75 -9.81 -6.24
C PRO A 85 -8.24 -9.56 -6.01
N PRO A 86 -9.08 -10.13 -6.88
CA PRO A 86 -10.53 -9.99 -6.79
C PRO A 86 -11.11 -10.71 -5.58
N GLY A 87 -12.38 -10.45 -5.30
CA GLY A 87 -13.04 -11.09 -4.16
C GLY A 87 -14.14 -12.04 -4.59
N PRO A 88 -15.26 -12.01 -3.87
CA PRO A 88 -16.41 -12.88 -4.16
C PRO A 88 -17.13 -12.47 -5.44
N GLU A 89 -16.63 -11.42 -6.08
CA GLU A 89 -17.22 -10.94 -7.32
C GLU A 89 -16.14 -10.56 -8.33
N ALA A 90 -16.45 -9.59 -9.19
CA ALA A 90 -15.50 -9.14 -10.20
C ALA A 90 -15.09 -10.29 -11.11
N MET A 91 -14.55 -9.95 -12.28
CA MET A 91 -14.11 -10.95 -13.24
C MET A 91 -12.72 -11.47 -12.88
N SER A 92 -12.48 -12.75 -13.18
CA SER A 92 -11.19 -13.36 -12.88
C SER A 92 -10.40 -13.62 -14.17
N GLY A 93 -9.11 -13.90 -14.02
CA GLY A 93 -8.26 -14.16 -15.17
C GLY A 93 -8.70 -15.39 -15.94
N PRO A 94 -8.15 -15.57 -17.14
CA PRO A 94 -8.46 -16.71 -18.00
C PRO A 94 -7.92 -18.02 -17.46
N SER A 95 -8.33 -19.13 -18.07
CA SER A 95 -7.89 -20.45 -17.64
C SER A 95 -7.08 -21.14 -18.73
N SER A 96 -5.82 -21.40 -18.46
CA SER A 96 -4.93 -22.05 -19.41
C SER A 96 -3.59 -22.40 -18.77
N GLY A 97 -2.94 -21.39 -18.21
CA GLY A 97 -1.66 -21.60 -17.56
C GLY A 97 -1.78 -21.83 -16.07
N GLY A 1 35.65 -8.58 -13.95
CA GLY A 1 35.05 -9.28 -15.07
C GLY A 1 34.57 -8.34 -16.16
N SER A 2 34.27 -8.90 -17.33
CA SER A 2 33.80 -8.10 -18.45
C SER A 2 32.33 -7.73 -18.28
N SER A 3 31.89 -6.72 -19.01
CA SER A 3 30.51 -6.26 -18.94
C SER A 3 29.54 -7.43 -19.15
N GLY A 4 28.28 -7.20 -18.78
CA GLY A 4 27.28 -8.25 -18.93
C GLY A 4 26.20 -8.18 -17.87
N SER A 5 25.21 -9.05 -17.97
CA SER A 5 24.12 -9.09 -17.01
C SER A 5 23.77 -10.53 -16.62
N SER A 6 24.12 -10.89 -15.39
CA SER A 6 23.86 -12.24 -14.90
C SER A 6 24.08 -12.31 -13.39
N GLY A 7 23.78 -13.47 -12.81
CA GLY A 7 23.96 -13.66 -11.39
C GLY A 7 23.38 -14.97 -10.90
N GLY A 8 24.13 -15.66 -10.03
CA GLY A 8 23.65 -16.93 -9.50
C GLY A 8 24.75 -17.69 -8.78
N GLY A 9 24.97 -17.35 -7.52
CA GLY A 9 26.00 -18.02 -6.73
C GLY A 9 25.62 -18.17 -5.28
N LEU A 10 26.50 -17.74 -4.39
CA LEU A 10 26.24 -17.84 -2.95
C LEU A 10 24.96 -17.11 -2.58
N THR A 11 23.84 -17.83 -2.61
CA THR A 11 22.55 -17.26 -2.27
C THR A 11 21.69 -18.24 -1.48
N GLU A 12 22.27 -18.78 -0.41
CA GLU A 12 21.56 -19.74 0.42
C GLU A 12 20.85 -19.03 1.57
N ILE A 13 19.64 -19.49 1.89
CA ILE A 13 18.86 -18.92 2.97
C ILE A 13 19.28 -19.48 4.33
N CYS A 14 19.49 -18.60 5.29
CA CYS A 14 19.90 -19.01 6.63
C CYS A 14 18.68 -19.36 7.48
N ARG A 15 17.68 -19.98 6.84
CA ARG A 15 16.47 -20.37 7.54
C ARG A 15 15.61 -19.15 7.88
N LYS A 16 14.81 -18.70 6.91
CA LYS A 16 13.94 -17.55 7.10
C LYS A 16 12.52 -17.98 7.39
N PRO A 17 11.82 -17.22 8.25
CA PRO A 17 10.44 -17.50 8.63
C PRO A 17 9.47 -17.25 7.47
N VAL A 18 8.19 -17.51 7.72
CA VAL A 18 7.16 -17.32 6.70
C VAL A 18 7.19 -15.90 6.16
N SER A 19 7.17 -15.76 4.84
CA SER A 19 7.20 -14.45 4.20
C SER A 19 6.87 -14.58 2.72
N PRO A 20 5.56 -14.67 2.40
CA PRO A 20 5.09 -14.80 1.03
C PRO A 20 5.27 -13.50 0.23
N GLY A 21 5.37 -12.39 0.95
CA GLY A 21 5.54 -11.10 0.29
C GLY A 21 4.29 -10.62 -0.39
N CYS A 22 3.14 -10.89 0.22
CA CYS A 22 1.86 -10.48 -0.34
C CYS A 22 1.16 -9.47 0.58
N ILE A 23 1.11 -8.22 0.15
CA ILE A 23 0.47 -7.17 0.93
C ILE A 23 -0.90 -7.61 1.43
N SER A 24 -1.17 -7.35 2.71
CA SER A 24 -2.45 -7.74 3.31
C SER A 24 -3.35 -6.51 3.47
N SER A 25 -2.78 -5.41 3.93
CA SER A 25 -3.53 -4.18 4.13
C SER A 25 -2.77 -2.98 3.58
N VAL A 26 -3.36 -1.80 3.71
CA VAL A 26 -2.73 -0.56 3.23
C VAL A 26 -1.30 -0.45 3.72
N SER A 27 -1.12 -0.60 5.04
CA SER A 27 0.20 -0.50 5.64
C SER A 27 1.22 -1.33 4.86
N ASP A 28 0.98 -2.64 4.81
CA ASP A 28 1.87 -3.54 4.10
C ASP A 28 2.24 -2.98 2.73
N TRP A 29 1.31 -2.24 2.13
CA TRP A 29 1.53 -1.65 0.82
C TRP A 29 2.35 -0.37 0.93
N LEU A 30 2.06 0.42 1.95
CA LEU A 30 2.76 1.69 2.18
C LEU A 30 4.22 1.43 2.54
N ILE A 31 4.47 0.32 3.22
CA ILE A 31 5.82 -0.04 3.63
C ILE A 31 6.62 -0.61 2.46
N SER A 32 5.93 -1.37 1.61
CA SER A 32 6.57 -1.99 0.45
C SER A 32 7.07 -0.92 -0.52
N ILE A 33 6.55 0.30 -0.37
CA ILE A 33 6.93 1.40 -1.24
C ILE A 33 7.98 2.30 -0.56
N GLY A 34 8.03 2.24 0.77
CA GLY A 34 8.97 3.04 1.52
C GLY A 34 8.37 4.33 2.03
N LEU A 35 7.07 4.30 2.31
CA LEU A 35 6.36 5.48 2.80
C LEU A 35 5.41 5.09 3.94
N PRO A 36 5.92 4.30 4.89
CA PRO A 36 5.14 3.86 6.05
C PRO A 36 4.83 5.00 7.02
N MET A 37 5.42 6.17 6.76
CA MET A 37 5.20 7.34 7.60
C MET A 37 3.81 7.93 7.38
N TYR A 38 3.05 7.30 6.49
CA TYR A 38 1.70 7.76 6.18
C TYR A 38 0.66 6.75 6.66
N ALA A 39 1.11 5.53 6.91
CA ALA A 39 0.21 4.47 7.37
C ALA A 39 -0.88 5.03 8.29
N GLY A 40 -0.46 5.52 9.45
CA GLY A 40 -1.41 6.07 10.40
C GLY A 40 -2.09 7.33 9.88
N THR A 41 -1.37 8.10 9.07
CA THR A 41 -1.91 9.33 8.50
C THR A 41 -3.16 9.05 7.67
N LEU A 42 -3.00 8.23 6.63
CA LEU A 42 -4.11 7.89 5.76
C LEU A 42 -5.20 7.15 6.53
N SER A 43 -4.78 6.23 7.39
CA SER A 43 -5.72 5.45 8.19
C SER A 43 -6.73 6.36 8.90
N THR A 44 -6.23 7.47 9.44
CA THR A 44 -7.08 8.42 10.14
C THR A 44 -8.08 9.07 9.19
N ALA A 45 -7.66 9.27 7.94
CA ALA A 45 -8.53 9.87 6.94
C ALA A 45 -9.61 8.90 6.49
N GLY A 46 -9.38 7.61 6.72
CA GLY A 46 -10.35 6.60 6.33
C GLY A 46 -9.72 5.50 5.50
N PHE A 47 -8.49 5.71 5.04
CA PHE A 47 -7.79 4.72 4.24
C PHE A 47 -7.50 3.47 5.06
N SER A 48 -8.44 2.54 5.06
CA SER A 48 -8.28 1.29 5.80
C SER A 48 -8.31 0.08 4.86
N THR A 49 -9.01 0.23 3.75
CA THR A 49 -9.12 -0.83 2.76
C THR A 49 -8.11 -0.65 1.63
N LEU A 50 -7.76 -1.76 0.98
CA LEU A 50 -6.81 -1.71 -0.13
C LEU A 50 -7.51 -1.41 -1.45
N SER A 51 -8.84 -1.40 -1.41
CA SER A 51 -9.63 -1.12 -2.60
C SER A 51 -9.57 0.36 -2.97
N GLN A 52 -9.27 1.19 -1.99
CA GLN A 52 -9.18 2.63 -2.20
C GLN A 52 -7.75 3.05 -2.49
N VAL A 53 -6.82 2.13 -2.28
CA VAL A 53 -5.40 2.41 -2.52
C VAL A 53 -5.16 2.81 -3.98
N PRO A 54 -5.53 1.91 -4.90
CA PRO A 54 -5.36 2.15 -6.34
C PRO A 54 -6.30 3.22 -6.86
N SER A 55 -7.10 3.79 -5.96
CA SER A 55 -8.05 4.83 -6.33
C SER A 55 -7.66 6.17 -5.72
N LEU A 56 -6.40 6.27 -5.31
CA LEU A 56 -5.90 7.50 -4.70
C LEU A 56 -6.06 8.70 -5.64
N SER A 57 -5.61 9.86 -5.20
CA SER A 57 -5.71 11.07 -6.01
C SER A 57 -4.91 12.21 -5.38
N HIS A 58 -4.20 12.96 -6.22
CA HIS A 58 -3.39 14.08 -5.75
C HIS A 58 -4.13 14.86 -4.65
N THR A 59 -5.43 15.05 -4.85
CA THR A 59 -6.24 15.78 -3.88
C THR A 59 -6.51 14.92 -2.64
N CYS A 60 -6.71 13.63 -2.85
CA CYS A 60 -6.98 12.71 -1.75
C CYS A 60 -5.87 12.79 -0.70
N LEU A 61 -4.63 12.69 -1.15
CA LEU A 61 -3.48 12.75 -0.25
C LEU A 61 -3.34 14.13 0.37
N GLN A 62 -3.69 15.15 -0.40
CA GLN A 62 -3.61 16.53 0.08
C GLN A 62 -4.59 16.78 1.22
N GLU A 63 -5.70 16.05 1.20
CA GLU A 63 -6.72 16.19 2.24
C GLU A 63 -6.21 15.65 3.57
N ALA A 64 -5.39 14.61 3.51
CA ALA A 64 -4.85 13.99 4.70
C ALA A 64 -3.76 14.87 5.32
N GLY A 65 -3.12 15.69 4.49
CA GLY A 65 -2.08 16.57 4.97
C GLY A 65 -0.79 16.42 4.19
N ILE A 66 -0.79 15.50 3.23
CA ILE A 66 0.39 15.26 2.40
C ILE A 66 0.53 16.33 1.33
N THR A 67 1.71 16.95 1.26
CA THR A 67 1.97 17.99 0.28
C THR A 67 3.23 17.69 -0.51
N GLU A 68 4.16 16.98 0.11
CA GLU A 68 5.42 16.63 -0.53
C GLU A 68 5.18 15.99 -1.90
N GLU A 69 5.07 16.84 -2.92
CA GLU A 69 4.84 16.36 -4.28
C GLU A 69 5.66 15.12 -4.58
N ARG A 70 6.83 15.02 -3.93
CA ARG A 70 7.71 13.88 -4.12
C ARG A 70 7.06 12.59 -3.64
N HIS A 71 6.53 12.62 -2.42
CA HIS A 71 5.88 11.46 -1.83
C HIS A 71 4.53 11.22 -2.48
N ILE A 72 3.79 12.30 -2.73
CA ILE A 72 2.47 12.20 -3.34
C ILE A 72 2.54 11.49 -4.69
N ARG A 73 3.54 11.86 -5.49
CA ARG A 73 3.73 11.26 -6.80
C ARG A 73 4.10 9.79 -6.68
N LYS A 74 4.86 9.46 -5.65
CA LYS A 74 5.29 8.08 -5.41
C LYS A 74 4.11 7.21 -5.02
N LEU A 75 3.21 7.75 -4.20
CA LEU A 75 2.04 7.03 -3.74
C LEU A 75 1.05 6.83 -4.88
N LEU A 76 0.78 7.90 -5.63
CA LEU A 76 -0.14 7.85 -6.76
C LEU A 76 0.33 6.85 -7.80
N SER A 77 1.64 6.79 -8.00
CA SER A 77 2.23 5.88 -8.98
C SER A 77 2.15 4.44 -8.50
N ALA A 78 2.42 4.24 -7.21
CA ALA A 78 2.38 2.91 -6.62
C ALA A 78 0.96 2.38 -6.55
N ALA A 79 0.01 3.27 -6.31
CA ALA A 79 -1.40 2.90 -6.21
C ALA A 79 -1.92 2.38 -7.54
N ARG A 80 -1.53 3.05 -8.63
CA ARG A 80 -1.95 2.66 -9.96
C ARG A 80 -1.30 1.34 -10.38
N LEU A 81 -0.23 0.96 -9.67
CA LEU A 81 0.48 -0.27 -9.97
C LEU A 81 0.02 -1.40 -9.05
N PHE A 82 -0.98 -1.11 -8.22
CA PHE A 82 -1.52 -2.11 -7.30
C PHE A 82 -2.58 -2.95 -7.99
N LYS A 83 -2.22 -4.18 -8.35
CA LYS A 83 -3.14 -5.10 -9.00
C LYS A 83 -3.76 -6.06 -7.99
N LEU A 84 -4.74 -5.56 -7.25
CA LEU A 84 -5.42 -6.38 -6.24
C LEU A 84 -6.32 -7.41 -6.91
N PRO A 85 -6.42 -8.60 -6.28
CA PRO A 85 -7.25 -9.69 -6.79
C PRO A 85 -8.74 -9.39 -6.69
N PRO A 86 -9.52 -9.97 -7.61
CA PRO A 86 -10.98 -9.77 -7.65
C PRO A 86 -11.68 -10.47 -6.49
N GLY A 87 -12.80 -9.90 -6.06
CA GLY A 87 -13.55 -10.48 -4.96
C GLY A 87 -14.94 -10.93 -5.38
N PRO A 88 -15.93 -10.67 -4.51
CA PRO A 88 -17.32 -11.04 -4.77
C PRO A 88 -17.95 -10.21 -5.88
N GLU A 89 -17.23 -9.18 -6.33
CA GLU A 89 -17.71 -8.32 -7.40
C GLU A 89 -16.54 -7.67 -8.14
N ALA A 90 -16.23 -8.22 -9.31
CA ALA A 90 -15.14 -7.71 -10.12
C ALA A 90 -15.09 -8.39 -11.48
N MET A 91 -14.65 -7.66 -12.50
CA MET A 91 -14.56 -8.20 -13.86
C MET A 91 -13.73 -9.48 -13.87
N SER A 92 -13.99 -10.34 -14.84
CA SER A 92 -13.27 -11.60 -14.97
C SER A 92 -12.44 -11.62 -16.25
N GLY A 93 -11.61 -12.65 -16.39
CA GLY A 93 -10.77 -12.77 -17.57
C GLY A 93 -9.30 -12.54 -17.25
N PRO A 94 -8.42 -13.25 -17.99
CA PRO A 94 -6.97 -13.13 -17.80
C PRO A 94 -6.43 -11.79 -18.27
N SER A 95 -5.19 -11.48 -17.89
CA SER A 95 -4.56 -10.22 -18.27
C SER A 95 -4.25 -10.20 -19.77
N SER A 96 -3.53 -11.21 -20.23
CA SER A 96 -3.16 -11.29 -21.64
C SER A 96 -3.76 -12.55 -22.28
N GLY A 97 -4.03 -12.47 -23.58
CA GLY A 97 -4.60 -13.60 -24.28
C GLY A 97 -3.59 -14.69 -24.55
N GLY A 1 28.05 -42.04 -17.68
CA GLY A 1 27.05 -41.27 -18.40
C GLY A 1 27.54 -40.84 -19.77
N SER A 2 26.64 -40.85 -20.75
CA SER A 2 26.97 -40.46 -22.11
C SER A 2 25.72 -40.04 -22.88
N SER A 3 25.53 -38.74 -23.01
CA SER A 3 24.38 -38.20 -23.72
C SER A 3 24.57 -36.73 -24.07
N GLY A 4 24.41 -36.39 -25.34
CA GLY A 4 24.57 -35.02 -25.78
C GLY A 4 23.34 -34.49 -26.51
N SER A 5 22.28 -34.25 -25.77
CA SER A 5 21.04 -33.75 -26.35
C SER A 5 19.94 -33.65 -25.30
N SER A 6 19.71 -32.45 -24.78
CA SER A 6 18.70 -32.23 -23.77
C SER A 6 18.23 -30.77 -23.78
N GLY A 7 16.92 -30.57 -23.76
CA GLY A 7 16.37 -29.23 -23.75
C GLY A 7 16.90 -28.38 -22.62
N GLY A 8 16.42 -27.14 -22.53
CA GLY A 8 16.87 -26.25 -21.47
C GLY A 8 16.58 -24.80 -21.78
N GLY A 9 15.64 -24.22 -21.04
CA GLY A 9 15.27 -22.83 -21.26
C GLY A 9 16.36 -21.87 -20.81
N LEU A 10 16.46 -20.73 -21.49
CA LEU A 10 17.48 -19.73 -21.14
C LEU A 10 17.43 -19.40 -19.66
N THR A 11 18.43 -19.89 -18.93
CA THR A 11 18.51 -19.65 -17.49
C THR A 11 19.62 -18.65 -17.16
N GLU A 12 19.37 -17.80 -16.17
CA GLU A 12 20.35 -16.80 -15.77
C GLU A 12 20.40 -16.69 -14.25
N ILE A 13 21.61 -16.54 -13.71
CA ILE A 13 21.79 -16.41 -12.27
C ILE A 13 21.19 -15.12 -11.75
N CYS A 14 20.87 -15.09 -10.46
CA CYS A 14 20.29 -13.91 -9.83
C CYS A 14 20.09 -14.13 -8.35
N ARG A 15 19.86 -13.03 -7.61
CA ARG A 15 19.66 -13.10 -6.18
C ARG A 15 18.17 -13.20 -5.84
N LYS A 16 17.84 -14.12 -4.93
CA LYS A 16 16.45 -14.32 -4.52
C LYS A 16 16.04 -13.27 -3.49
N PRO A 17 14.79 -12.79 -3.60
CA PRO A 17 14.25 -11.78 -2.68
C PRO A 17 14.00 -12.35 -1.28
N VAL A 18 14.35 -11.58 -0.27
CA VAL A 18 14.17 -12.00 1.12
C VAL A 18 12.90 -11.40 1.71
N SER A 19 11.87 -11.27 0.88
CA SER A 19 10.59 -10.71 1.32
C SER A 19 9.42 -11.50 0.74
N PRO A 20 8.36 -11.65 1.54
CA PRO A 20 7.16 -12.37 1.11
C PRO A 20 6.37 -11.64 0.03
N GLY A 21 6.40 -10.31 0.09
CA GLY A 21 5.69 -9.51 -0.89
C GLY A 21 4.19 -9.75 -0.87
N CYS A 22 3.66 -10.03 0.32
CA CYS A 22 2.23 -10.28 0.47
C CYS A 22 1.56 -9.15 1.25
N ILE A 23 0.81 -8.31 0.54
CA ILE A 23 0.11 -7.20 1.17
C ILE A 23 -1.29 -7.60 1.62
N SER A 24 -1.67 -7.14 2.80
CA SER A 24 -2.99 -7.46 3.36
C SER A 24 -3.81 -6.19 3.57
N SER A 25 -3.14 -5.13 4.02
CA SER A 25 -3.80 -3.86 4.27
C SER A 25 -3.01 -2.70 3.68
N VAL A 26 -3.53 -1.49 3.84
CA VAL A 26 -2.86 -0.30 3.32
C VAL A 26 -1.42 -0.22 3.80
N SER A 27 -1.24 -0.38 5.12
CA SER A 27 0.09 -0.32 5.72
C SER A 27 1.06 -1.23 4.96
N ASP A 28 0.77 -2.52 4.96
CA ASP A 28 1.62 -3.49 4.27
C ASP A 28 2.04 -2.97 2.90
N TRP A 29 1.17 -2.21 2.27
CA TRP A 29 1.44 -1.65 0.95
C TRP A 29 2.31 -0.41 1.06
N LEU A 30 2.00 0.45 2.03
CA LEU A 30 2.75 1.68 2.23
C LEU A 30 4.19 1.38 2.61
N ILE A 31 4.40 0.25 3.27
CA ILE A 31 5.74 -0.17 3.68
C ILE A 31 6.51 -0.78 2.52
N SER A 32 5.80 -1.50 1.66
CA SER A 32 6.42 -2.14 0.50
C SER A 32 6.93 -1.10 -0.48
N ILE A 33 6.45 0.13 -0.34
CA ILE A 33 6.87 1.23 -1.21
C ILE A 33 7.93 2.09 -0.55
N GLY A 34 8.03 2.00 0.77
CA GLY A 34 9.01 2.78 1.50
C GLY A 34 8.43 4.08 2.03
N LEU A 35 7.11 4.12 2.20
CA LEU A 35 6.45 5.31 2.70
C LEU A 35 5.50 4.96 3.84
N PRO A 36 6.01 4.19 4.82
CA PRO A 36 5.23 3.77 5.98
C PRO A 36 4.95 4.93 6.92
N MET A 37 5.52 6.09 6.63
CA MET A 37 5.32 7.28 7.46
C MET A 37 3.93 7.87 7.24
N TYR A 38 3.14 7.20 6.41
CA TYR A 38 1.78 7.66 6.11
C TYR A 38 0.75 6.63 6.58
N ALA A 39 1.23 5.45 6.96
CA ALA A 39 0.35 4.38 7.41
C ALA A 39 -0.72 4.93 8.36
N GLY A 40 -0.30 5.51 9.46
CA GLY A 40 -1.23 6.06 10.42
C GLY A 40 -1.90 7.33 9.92
N THR A 41 -1.24 8.01 9.00
CA THR A 41 -1.78 9.25 8.44
C THR A 41 -3.03 8.98 7.61
N LEU A 42 -2.89 8.17 6.57
CA LEU A 42 -4.01 7.83 5.70
C LEU A 42 -5.10 7.10 6.48
N SER A 43 -4.68 6.17 7.35
CA SER A 43 -5.62 5.39 8.15
C SER A 43 -6.57 6.31 8.91
N THR A 44 -6.03 7.40 9.44
CA THR A 44 -6.82 8.36 10.20
C THR A 44 -7.83 9.07 9.29
N ALA A 45 -7.42 9.35 8.07
CA ALA A 45 -8.29 10.02 7.10
C ALA A 45 -9.44 9.11 6.67
N GLY A 46 -9.26 7.81 6.87
CA GLY A 46 -10.29 6.86 6.49
C GLY A 46 -9.74 5.72 5.64
N PHE A 47 -8.55 5.92 5.07
CA PHE A 47 -7.92 4.90 4.24
C PHE A 47 -7.56 3.66 5.06
N SER A 48 -8.50 2.71 5.12
CA SER A 48 -8.28 1.48 5.88
C SER A 48 -8.38 0.26 4.97
N THR A 49 -8.84 0.48 3.74
CA THR A 49 -8.98 -0.60 2.77
C THR A 49 -8.00 -0.43 1.62
N LEU A 50 -7.60 -1.56 1.04
CA LEU A 50 -6.65 -1.54 -0.08
C LEU A 50 -7.37 -1.19 -1.38
N SER A 51 -8.68 -1.03 -1.31
CA SER A 51 -9.48 -0.70 -2.49
C SER A 51 -9.33 0.78 -2.83
N GLN A 52 -9.10 1.61 -1.82
CA GLN A 52 -8.95 3.04 -2.02
C GLN A 52 -7.52 3.38 -2.44
N VAL A 53 -6.61 2.42 -2.25
CA VAL A 53 -5.21 2.61 -2.60
C VAL A 53 -5.06 2.93 -4.10
N PRO A 54 -5.53 2.00 -4.94
CA PRO A 54 -5.46 2.16 -6.40
C PRO A 54 -6.40 3.25 -6.91
N SER A 55 -7.15 3.85 -6.00
CA SER A 55 -8.10 4.90 -6.36
C SER A 55 -7.66 6.24 -5.76
N LEU A 56 -6.39 6.33 -5.37
CA LEU A 56 -5.85 7.54 -4.79
C LEU A 56 -5.95 8.71 -5.77
N SER A 57 -5.50 9.88 -5.33
CA SER A 57 -5.54 11.08 -6.18
C SER A 57 -4.80 12.23 -5.52
N HIS A 58 -4.30 13.15 -6.33
CA HIS A 58 -3.57 14.31 -5.82
C HIS A 58 -4.33 14.98 -4.68
N THR A 59 -5.65 15.11 -4.86
CA THR A 59 -6.48 15.74 -3.84
C THR A 59 -6.71 14.80 -2.67
N CYS A 60 -6.80 13.51 -2.96
CA CYS A 60 -7.01 12.50 -1.91
C CYS A 60 -5.94 12.60 -0.84
N LEU A 61 -4.68 12.61 -1.26
CA LEU A 61 -3.56 12.70 -0.33
C LEU A 61 -3.52 14.08 0.33
N GLN A 62 -3.74 15.12 -0.45
CA GLN A 62 -3.72 16.49 0.06
C GLN A 62 -4.78 16.67 1.15
N GLU A 63 -5.87 15.91 1.05
CA GLU A 63 -6.94 15.99 2.02
C GLU A 63 -6.51 15.42 3.37
N ALA A 64 -5.62 14.43 3.32
CA ALA A 64 -5.13 13.79 4.54
C ALA A 64 -4.08 14.65 5.21
N GLY A 65 -3.34 15.43 4.42
CA GLY A 65 -2.31 16.29 4.96
C GLY A 65 -1.01 16.20 4.19
N ILE A 66 -0.94 15.25 3.27
CA ILE A 66 0.26 15.07 2.47
C ILE A 66 0.38 16.14 1.39
N THR A 67 1.53 16.82 1.38
CA THR A 67 1.78 17.87 0.40
C THR A 67 3.03 17.60 -0.41
N GLU A 68 4.04 17.03 0.24
CA GLU A 68 5.30 16.70 -0.42
C GLU A 68 5.05 16.08 -1.79
N GLU A 69 5.08 16.91 -2.82
CA GLU A 69 4.86 16.45 -4.19
C GLU A 69 5.71 15.21 -4.49
N ARG A 70 6.84 15.11 -3.82
CA ARG A 70 7.75 13.99 -4.00
C ARG A 70 7.11 12.69 -3.52
N HIS A 71 6.44 12.76 -2.37
CA HIS A 71 5.78 11.59 -1.81
C HIS A 71 4.45 11.31 -2.51
N ILE A 72 3.70 12.36 -2.78
CA ILE A 72 2.42 12.24 -3.46
C ILE A 72 2.56 11.47 -4.77
N ARG A 73 3.57 11.83 -5.55
CA ARG A 73 3.82 11.17 -6.83
C ARG A 73 4.12 9.70 -6.65
N LYS A 74 5.00 9.38 -5.69
CA LYS A 74 5.36 8.00 -5.40
C LYS A 74 4.14 7.18 -5.03
N LEU A 75 3.32 7.73 -4.13
CA LEU A 75 2.11 7.04 -3.69
C LEU A 75 1.12 6.87 -4.84
N LEU A 76 0.86 7.97 -5.54
CA LEU A 76 -0.07 7.94 -6.68
C LEU A 76 0.42 6.97 -7.75
N SER A 77 1.74 6.87 -7.91
CA SER A 77 2.32 5.98 -8.90
C SER A 77 2.25 4.53 -8.43
N ALA A 78 2.54 4.31 -7.16
CA ALA A 78 2.51 2.97 -6.59
C ALA A 78 1.08 2.43 -6.52
N ALA A 79 0.13 3.32 -6.31
CA ALA A 79 -1.28 2.94 -6.22
C ALA A 79 -1.78 2.44 -7.58
N ARG A 80 -1.48 3.18 -8.63
CA ARG A 80 -1.90 2.81 -9.98
C ARG A 80 -1.35 1.45 -10.37
N LEU A 81 -0.22 1.07 -9.76
CA LEU A 81 0.41 -0.21 -10.04
C LEU A 81 -0.03 -1.27 -9.04
N PHE A 82 -1.04 -0.94 -8.24
CA PHE A 82 -1.56 -1.87 -7.23
C PHE A 82 -2.53 -2.85 -7.87
N LYS A 83 -2.07 -4.08 -8.10
CA LYS A 83 -2.89 -5.12 -8.69
C LYS A 83 -3.45 -6.05 -7.62
N LEU A 84 -4.74 -5.94 -7.36
CA LEU A 84 -5.40 -6.78 -6.36
C LEU A 84 -5.64 -8.19 -6.90
N PRO A 85 -5.53 -9.19 -6.02
CA PRO A 85 -5.73 -10.60 -6.38
C PRO A 85 -7.19 -10.91 -6.69
N PRO A 86 -7.41 -11.87 -7.59
CA PRO A 86 -8.75 -12.29 -8.01
C PRO A 86 -9.50 -13.03 -6.90
N GLY A 87 -10.76 -12.68 -6.70
CA GLY A 87 -11.55 -13.31 -5.66
C GLY A 87 -12.76 -14.04 -6.23
N PRO A 88 -13.91 -13.91 -5.54
CA PRO A 88 -15.15 -14.55 -5.95
C PRO A 88 -15.73 -13.92 -7.21
N GLU A 89 -15.09 -12.85 -7.68
CA GLU A 89 -15.56 -12.15 -8.87
C GLU A 89 -16.98 -11.65 -8.69
N ALA A 90 -17.13 -10.34 -8.49
CA ALA A 90 -18.44 -9.73 -8.31
C ALA A 90 -18.35 -8.21 -8.35
N MET A 91 -17.70 -7.69 -9.38
CA MET A 91 -17.54 -6.25 -9.54
C MET A 91 -18.63 -5.68 -10.43
N SER A 92 -18.77 -4.36 -10.41
CA SER A 92 -19.79 -3.69 -11.22
C SER A 92 -19.18 -3.13 -12.50
N GLY A 93 -19.63 -3.67 -13.64
CA GLY A 93 -19.12 -3.20 -14.92
C GLY A 93 -17.74 -3.76 -15.22
N PRO A 94 -17.70 -4.99 -15.74
CA PRO A 94 -16.44 -5.66 -16.08
C PRO A 94 -15.76 -5.03 -17.29
N SER A 95 -16.41 -4.04 -17.88
CA SER A 95 -15.88 -3.35 -19.05
C SER A 95 -15.91 -1.84 -18.86
N SER A 96 -14.75 -1.26 -18.55
CA SER A 96 -14.65 0.17 -18.33
C SER A 96 -13.79 0.83 -19.41
N GLY A 97 -14.45 1.48 -20.37
CA GLY A 97 -13.72 2.12 -21.45
C GLY A 97 -14.30 1.82 -22.81
N GLY A 1 44.82 -32.11 -6.34
CA GLY A 1 44.25 -31.51 -7.55
C GLY A 1 42.88 -32.08 -7.88
N SER A 2 42.87 -33.26 -8.51
CA SER A 2 41.63 -33.91 -8.89
C SER A 2 40.90 -33.11 -9.96
N SER A 3 40.39 -33.80 -10.97
CA SER A 3 39.67 -33.15 -12.06
C SER A 3 39.33 -34.16 -13.17
N GLY A 4 38.26 -33.88 -13.89
CA GLY A 4 37.84 -34.76 -14.96
C GLY A 4 36.91 -34.08 -15.95
N SER A 5 36.53 -34.81 -16.99
CA SER A 5 35.64 -34.26 -18.01
C SER A 5 34.18 -34.53 -17.67
N SER A 6 33.46 -33.49 -17.29
CA SER A 6 32.06 -33.61 -16.93
C SER A 6 31.26 -32.40 -17.42
N GLY A 7 30.05 -32.67 -17.93
CA GLY A 7 29.21 -31.60 -18.43
C GLY A 7 28.67 -30.72 -17.32
N GLY A 8 28.49 -29.43 -17.61
CA GLY A 8 27.98 -28.51 -16.61
C GLY A 8 26.55 -28.10 -16.90
N GLY A 9 26.17 -26.91 -16.41
CA GLY A 9 24.82 -26.44 -16.62
C GLY A 9 24.59 -25.07 -15.98
N LEU A 10 23.45 -24.92 -15.30
CA LEU A 10 23.12 -23.66 -14.66
C LEU A 10 23.28 -23.78 -13.13
N THR A 11 23.32 -22.63 -12.46
CA THR A 11 23.48 -22.60 -11.01
C THR A 11 22.18 -22.17 -10.34
N GLU A 12 21.34 -23.15 -10.01
CA GLU A 12 20.06 -22.87 -9.36
C GLU A 12 19.91 -23.68 -8.07
N ILE A 13 19.42 -23.05 -7.02
CA ILE A 13 19.22 -23.71 -5.74
C ILE A 13 17.91 -24.48 -5.71
N CYS A 14 17.95 -25.68 -5.15
CA CYS A 14 16.77 -26.53 -5.06
C CYS A 14 16.10 -26.38 -3.69
N ARG A 15 14.87 -26.88 -3.58
CA ARG A 15 14.13 -26.81 -2.32
C ARG A 15 14.19 -25.40 -1.74
N LYS A 16 13.28 -24.54 -2.19
CA LYS A 16 13.22 -23.17 -1.71
C LYS A 16 11.86 -22.85 -1.11
N PRO A 17 11.86 -22.40 0.15
CA PRO A 17 10.62 -22.05 0.87
C PRO A 17 9.96 -20.80 0.31
N VAL A 18 8.83 -20.43 0.89
CA VAL A 18 8.10 -19.24 0.46
C VAL A 18 8.86 -17.97 0.80
N SER A 19 8.70 -16.95 -0.04
CA SER A 19 9.38 -15.67 0.17
C SER A 19 8.40 -14.62 0.67
N PRO A 20 8.87 -13.75 1.59
CA PRO A 20 8.06 -12.68 2.17
C PRO A 20 7.74 -11.58 1.15
N GLY A 21 6.91 -10.63 1.56
CA GLY A 21 6.54 -9.54 0.68
C GLY A 21 5.11 -9.64 0.19
N CYS A 22 4.26 -10.27 1.00
CA CYS A 22 2.85 -10.44 0.64
C CYS A 22 1.99 -9.37 1.30
N ILE A 23 1.62 -8.35 0.52
CA ILE A 23 0.79 -7.27 1.04
C ILE A 23 -0.56 -7.78 1.52
N SER A 24 -0.99 -7.32 2.69
CA SER A 24 -2.26 -7.74 3.27
C SER A 24 -3.15 -6.53 3.54
N SER A 25 -2.54 -5.45 4.02
CA SER A 25 -3.28 -4.24 4.33
C SER A 25 -2.57 -3.01 3.76
N VAL A 26 -3.11 -1.83 4.06
CA VAL A 26 -2.52 -0.58 3.58
C VAL A 26 -1.06 -0.46 3.99
N SER A 27 -0.82 -0.47 5.31
CA SER A 27 0.54 -0.37 5.83
C SER A 27 1.49 -1.26 5.04
N ASP A 28 1.09 -2.51 4.84
CA ASP A 28 1.92 -3.46 4.09
C ASP A 28 2.29 -2.90 2.72
N TRP A 29 1.35 -2.22 2.09
CA TRP A 29 1.58 -1.63 0.77
C TRP A 29 2.41 -0.36 0.88
N LEU A 30 2.16 0.42 1.93
CA LEU A 30 2.89 1.66 2.14
C LEU A 30 4.36 1.39 2.42
N ILE A 31 4.63 0.27 3.08
CA ILE A 31 6.01 -0.11 3.41
C ILE A 31 6.77 -0.56 2.16
N SER A 32 6.11 -1.36 1.33
CA SER A 32 6.72 -1.86 0.10
C SER A 32 7.24 -0.71 -0.76
N ILE A 33 6.71 0.48 -0.52
CA ILE A 33 7.12 1.66 -1.26
C ILE A 33 8.06 2.54 -0.44
N GLY A 34 8.17 2.22 0.85
CA GLY A 34 9.04 2.98 1.73
C GLY A 34 8.39 4.27 2.21
N LEU A 35 7.07 4.24 2.36
CA LEU A 35 6.32 5.41 2.82
C LEU A 35 5.33 5.03 3.91
N PRO A 36 5.80 4.22 4.87
CA PRO A 36 4.96 3.77 5.99
C PRO A 36 4.64 4.89 6.96
N MET A 37 5.27 6.04 6.76
CA MET A 37 5.04 7.20 7.62
C MET A 37 3.67 7.82 7.36
N TYR A 38 2.93 7.21 6.44
CA TYR A 38 1.59 7.69 6.09
C TYR A 38 0.53 6.71 6.55
N ALA A 39 0.95 5.50 6.91
CA ALA A 39 0.02 4.46 7.38
C ALA A 39 -1.04 5.06 8.28
N GLY A 40 -0.61 5.60 9.42
CA GLY A 40 -1.55 6.19 10.36
C GLY A 40 -2.28 7.39 9.78
N THR A 41 -1.57 8.16 8.97
CA THR A 41 -2.15 9.35 8.35
C THR A 41 -3.37 8.99 7.51
N LEU A 42 -3.16 8.18 6.48
CA LEU A 42 -4.23 7.76 5.59
C LEU A 42 -5.33 7.05 6.37
N SER A 43 -4.93 6.20 7.31
CA SER A 43 -5.87 5.45 8.13
C SER A 43 -6.86 6.39 8.81
N THR A 44 -6.37 7.58 9.19
CA THR A 44 -7.21 8.57 9.85
C THR A 44 -8.23 9.16 8.90
N ALA A 45 -7.81 9.36 7.65
CA ALA A 45 -8.69 9.92 6.63
C ALA A 45 -9.77 8.91 6.22
N GLY A 46 -9.58 7.66 6.63
CA GLY A 46 -10.54 6.63 6.29
C GLY A 46 -9.91 5.48 5.54
N PHE A 47 -8.71 5.72 5.00
CA PHE A 47 -8.00 4.69 4.25
C PHE A 47 -7.70 3.48 5.13
N SER A 48 -8.66 2.56 5.21
CA SER A 48 -8.50 1.35 6.01
C SER A 48 -8.54 0.10 5.14
N THR A 49 -8.96 0.28 3.89
CA THR A 49 -9.04 -0.83 2.95
C THR A 49 -8.11 -0.62 1.76
N LEU A 50 -7.51 -1.71 1.29
CA LEU A 50 -6.60 -1.65 0.16
C LEU A 50 -7.34 -1.33 -1.14
N SER A 51 -8.67 -1.22 -1.03
CA SER A 51 -9.50 -0.92 -2.20
C SER A 51 -9.42 0.56 -2.55
N GLN A 52 -9.20 1.40 -1.54
CA GLN A 52 -9.10 2.84 -1.74
C GLN A 52 -7.69 3.23 -2.17
N VAL A 53 -6.75 2.30 -2.02
CA VAL A 53 -5.37 2.55 -2.38
C VAL A 53 -5.25 2.91 -3.87
N PRO A 54 -5.72 2.01 -4.74
CA PRO A 54 -5.68 2.22 -6.19
C PRO A 54 -6.64 3.31 -6.65
N SER A 55 -7.31 3.94 -5.68
CA SER A 55 -8.26 5.01 -5.98
C SER A 55 -7.80 6.33 -5.40
N LEU A 56 -6.50 6.43 -5.12
CA LEU A 56 -5.93 7.65 -4.56
C LEU A 56 -6.01 8.80 -5.55
N SER A 57 -5.50 9.96 -5.15
CA SER A 57 -5.52 11.14 -5.99
C SER A 57 -4.75 12.30 -5.34
N HIS A 58 -4.10 13.11 -6.17
CA HIS A 58 -3.34 14.25 -5.67
C HIS A 58 -4.10 14.98 -4.57
N THR A 59 -5.39 15.20 -4.81
CA THR A 59 -6.24 15.88 -3.85
C THR A 59 -6.49 15.03 -2.61
N CYS A 60 -6.64 13.73 -2.83
CA CYS A 60 -6.88 12.80 -1.73
C CYS A 60 -5.80 12.90 -0.68
N LEU A 61 -4.55 12.68 -1.11
CA LEU A 61 -3.41 12.75 -0.19
C LEU A 61 -3.31 14.13 0.44
N GLN A 62 -3.59 15.17 -0.33
CA GLN A 62 -3.53 16.53 0.16
C GLN A 62 -4.52 16.75 1.31
N GLU A 63 -5.56 15.94 1.34
CA GLU A 63 -6.58 16.03 2.38
C GLU A 63 -6.11 15.34 3.66
N ALA A 64 -5.16 14.42 3.52
CA ALA A 64 -4.63 13.68 4.66
C ALA A 64 -3.54 14.49 5.35
N GLY A 65 -2.98 15.46 4.65
CA GLY A 65 -1.92 16.28 5.21
C GLY A 65 -0.64 16.21 4.40
N ILE A 66 -0.60 15.30 3.42
CA ILE A 66 0.57 15.14 2.58
C ILE A 66 0.66 16.25 1.54
N THR A 67 1.86 16.79 1.36
CA THR A 67 2.07 17.87 0.40
C THR A 67 3.31 17.60 -0.45
N GLU A 68 4.30 16.95 0.15
CA GLU A 68 5.54 16.64 -0.56
C GLU A 68 5.25 16.01 -1.91
N GLU A 69 5.17 16.85 -2.94
CA GLU A 69 4.89 16.37 -4.30
C GLU A 69 5.76 15.16 -4.64
N ARG A 70 6.86 15.01 -3.91
CA ARG A 70 7.76 13.89 -4.14
C ARG A 70 7.17 12.59 -3.60
N HIS A 71 6.51 12.68 -2.46
CA HIS A 71 5.89 11.51 -1.83
C HIS A 71 4.52 11.23 -2.45
N ILE A 72 3.80 12.28 -2.80
CA ILE A 72 2.48 12.14 -3.40
C ILE A 72 2.56 11.39 -4.72
N ARG A 73 3.51 11.77 -5.55
CA ARG A 73 3.69 11.13 -6.85
C ARG A 73 4.06 9.66 -6.69
N LYS A 74 4.86 9.36 -5.67
CA LYS A 74 5.29 7.99 -5.41
C LYS A 74 4.10 7.13 -4.98
N LEU A 75 3.25 7.70 -4.14
CA LEU A 75 2.06 6.98 -3.66
C LEU A 75 1.05 6.79 -4.78
N LEU A 76 0.77 7.86 -5.51
CA LEU A 76 -0.19 7.81 -6.62
C LEU A 76 0.28 6.82 -7.68
N SER A 77 1.58 6.77 -7.93
CA SER A 77 2.15 5.88 -8.92
C SER A 77 2.11 4.43 -8.43
N ALA A 78 2.39 4.23 -7.15
CA ALA A 78 2.39 2.91 -6.57
C ALA A 78 0.98 2.33 -6.54
N ALA A 79 -0.01 3.19 -6.30
CA ALA A 79 -1.40 2.76 -6.24
C ALA A 79 -1.86 2.22 -7.58
N ARG A 80 -1.50 2.91 -8.66
CA ARG A 80 -1.88 2.50 -10.00
C ARG A 80 -1.21 1.17 -10.36
N LEU A 81 -0.17 0.81 -9.63
CA LEU A 81 0.55 -0.43 -9.88
C LEU A 81 -0.04 -1.58 -9.04
N PHE A 82 -0.93 -1.24 -8.11
CA PHE A 82 -1.56 -2.23 -7.26
C PHE A 82 -2.62 -3.01 -8.03
N LYS A 83 -2.24 -4.17 -8.55
CA LYS A 83 -3.15 -5.01 -9.32
C LYS A 83 -3.85 -6.02 -8.41
N LEU A 84 -5.11 -5.75 -8.09
CA LEU A 84 -5.88 -6.64 -7.23
C LEU A 84 -6.29 -7.91 -7.98
N PRO A 85 -6.31 -9.04 -7.25
CA PRO A 85 -6.68 -10.33 -7.83
C PRO A 85 -8.16 -10.40 -8.17
N PRO A 86 -8.53 -11.34 -9.05
CA PRO A 86 -9.92 -11.54 -9.48
C PRO A 86 -10.78 -12.12 -8.37
N GLY A 87 -12.10 -12.09 -8.58
CA GLY A 87 -13.02 -12.62 -7.58
C GLY A 87 -13.94 -11.55 -7.02
N PRO A 88 -15.05 -11.28 -7.72
CA PRO A 88 -16.03 -10.26 -7.30
C PRO A 88 -16.79 -10.69 -6.06
N GLU A 89 -16.43 -11.85 -5.51
CA GLU A 89 -17.09 -12.36 -4.31
C GLU A 89 -18.58 -12.04 -4.32
N ALA A 90 -19.19 -12.16 -5.49
CA ALA A 90 -20.62 -11.87 -5.64
C ALA A 90 -20.94 -10.45 -5.22
N MET A 91 -20.83 -9.51 -6.15
CA MET A 91 -21.10 -8.12 -5.87
C MET A 91 -22.46 -7.70 -6.46
N SER A 92 -23.18 -6.87 -5.72
CA SER A 92 -24.49 -6.40 -6.16
C SER A 92 -25.47 -7.57 -6.31
N GLY A 93 -26.76 -7.26 -6.40
CA GLY A 93 -27.76 -8.29 -6.54
C GLY A 93 -28.37 -8.31 -7.93
N PRO A 94 -29.59 -8.88 -8.04
CA PRO A 94 -30.30 -8.98 -9.32
C PRO A 94 -30.79 -7.62 -9.81
N SER A 95 -30.45 -6.57 -9.07
CA SER A 95 -30.87 -5.21 -9.43
C SER A 95 -30.77 -5.00 -10.93
N SER A 96 -31.90 -4.64 -11.54
CA SER A 96 -31.95 -4.41 -12.98
C SER A 96 -30.97 -3.32 -13.40
N GLY A 97 -30.97 -2.22 -12.64
CA GLY A 97 -30.08 -1.11 -12.94
C GLY A 97 -30.64 -0.18 -14.00
N GLY A 1 10.18 -17.60 -8.99
CA GLY A 1 10.56 -18.89 -9.54
C GLY A 1 12.02 -19.23 -9.28
N SER A 2 12.86 -19.03 -10.28
CA SER A 2 14.28 -19.32 -10.15
C SER A 2 15.10 -18.50 -11.15
N SER A 3 16.03 -17.70 -10.63
CA SER A 3 16.87 -16.86 -11.47
C SER A 3 18.34 -17.05 -11.11
N GLY A 4 19.22 -16.49 -11.94
CA GLY A 4 20.64 -16.60 -11.70
C GLY A 4 21.39 -15.32 -12.00
N SER A 5 21.87 -15.18 -13.23
CA SER A 5 22.62 -14.00 -13.63
C SER A 5 21.95 -12.73 -13.09
N SER A 6 22.71 -11.97 -12.30
CA SER A 6 22.20 -10.74 -11.71
C SER A 6 23.31 -9.98 -11.00
N GLY A 7 23.38 -8.67 -11.24
CA GLY A 7 24.39 -7.85 -10.62
C GLY A 7 24.47 -6.47 -11.23
N GLY A 8 25.34 -5.62 -10.67
CA GLY A 8 25.49 -4.28 -11.17
C GLY A 8 26.83 -3.66 -10.79
N GLY A 9 27.10 -2.47 -11.30
CA GLY A 9 28.35 -1.79 -11.00
C GLY A 9 28.21 -0.82 -9.84
N LEU A 10 29.04 -0.99 -8.82
CA LEU A 10 29.01 -0.12 -7.65
C LEU A 10 27.65 -0.18 -6.97
N THR A 11 27.63 -0.67 -5.73
CA THR A 11 26.39 -0.78 -4.97
C THR A 11 26.54 -0.12 -3.60
N GLU A 12 26.03 1.10 -3.48
CA GLU A 12 26.09 1.83 -2.21
C GLU A 12 25.80 0.91 -1.04
N ILE A 13 26.64 0.99 -0.01
CA ILE A 13 26.47 0.17 1.18
C ILE A 13 25.43 0.77 2.12
N CYS A 14 24.34 0.04 2.33
CA CYS A 14 23.27 0.50 3.21
C CYS A 14 22.39 -0.66 3.65
N ARG A 15 21.94 -0.62 4.90
CA ARG A 15 21.10 -1.67 5.45
C ARG A 15 19.66 -1.52 4.97
N LYS A 16 19.29 -2.34 3.99
CA LYS A 16 17.93 -2.30 3.45
C LYS A 16 17.18 -3.60 3.75
N PRO A 17 15.87 -3.47 4.01
CA PRO A 17 15.01 -4.62 4.31
C PRO A 17 14.80 -5.53 3.10
N VAL A 18 13.99 -6.57 3.28
CA VAL A 18 13.70 -7.51 2.20
C VAL A 18 12.30 -8.08 2.34
N SER A 19 11.73 -8.50 1.22
CA SER A 19 10.38 -9.08 1.22
C SER A 19 10.00 -9.55 -0.19
N PRO A 20 9.20 -10.63 -0.25
CA PRO A 20 8.74 -11.20 -1.51
C PRO A 20 7.74 -10.29 -2.23
N GLY A 21 7.05 -9.46 -1.46
CA GLY A 21 6.08 -8.55 -2.04
C GLY A 21 4.65 -8.93 -1.68
N CYS A 22 4.47 -9.41 -0.46
CA CYS A 22 3.14 -9.81 0.01
C CYS A 22 2.45 -8.66 0.74
N ILE A 23 1.32 -8.20 0.20
CA ILE A 23 0.58 -7.11 0.81
C ILE A 23 -0.79 -7.58 1.30
N SER A 24 -1.09 -7.32 2.56
CA SER A 24 -2.36 -7.72 3.15
C SER A 24 -3.29 -6.53 3.30
N SER A 25 -2.76 -5.43 3.85
CA SER A 25 -3.54 -4.22 4.05
C SER A 25 -2.78 -2.99 3.56
N VAL A 26 -3.35 -1.81 3.80
CA VAL A 26 -2.73 -0.57 3.39
C VAL A 26 -1.27 -0.50 3.83
N SER A 27 -1.07 -0.49 5.15
CA SER A 27 0.29 -0.42 5.71
C SER A 27 1.24 -1.31 4.92
N ASP A 28 0.93 -2.60 4.87
CA ASP A 28 1.76 -3.55 4.14
C ASP A 28 2.19 -2.98 2.79
N TRP A 29 1.27 -2.31 2.12
CA TRP A 29 1.55 -1.72 0.82
C TRP A 29 2.38 -0.44 0.96
N LEU A 30 2.08 0.34 1.99
CA LEU A 30 2.79 1.59 2.25
C LEU A 30 4.27 1.32 2.56
N ILE A 31 4.52 0.20 3.23
CA ILE A 31 5.89 -0.18 3.59
C ILE A 31 6.64 -0.71 2.37
N SER A 32 5.95 -1.47 1.53
CA SER A 32 6.56 -2.04 0.34
C SER A 32 7.14 -0.95 -0.55
N ILE A 33 6.67 0.28 -0.36
CA ILE A 33 7.15 1.41 -1.15
C ILE A 33 8.10 2.29 -0.33
N GLY A 34 8.15 2.04 0.98
CA GLY A 34 9.03 2.80 1.84
C GLY A 34 8.38 4.09 2.33
N LEU A 35 7.06 4.12 2.35
CA LEU A 35 6.32 5.30 2.79
C LEU A 35 5.34 4.94 3.92
N PRO A 36 5.83 4.15 4.90
CA PRO A 36 5.02 3.73 6.04
C PRO A 36 4.71 4.89 6.99
N MET A 37 5.33 6.04 6.74
CA MET A 37 5.12 7.22 7.57
C MET A 37 3.74 7.82 7.31
N TYR A 38 2.98 7.18 6.43
CA TYR A 38 1.64 7.65 6.08
C TYR A 38 0.58 6.70 6.60
N ALA A 39 0.99 5.47 6.93
CA ALA A 39 0.07 4.47 7.44
C ALA A 39 -0.97 5.09 8.36
N GLY A 40 -0.50 5.68 9.46
CA GLY A 40 -1.41 6.31 10.41
C GLY A 40 -2.08 7.54 9.84
N THR A 41 -1.38 8.24 8.95
CA THR A 41 -1.91 9.45 8.35
C THR A 41 -3.18 9.16 7.54
N LEU A 42 -3.05 8.29 6.54
CA LEU A 42 -4.19 7.92 5.70
C LEU A 42 -5.23 7.17 6.51
N SER A 43 -4.78 6.31 7.42
CA SER A 43 -5.68 5.53 8.26
C SER A 43 -6.69 6.43 8.96
N THR A 44 -6.22 7.58 9.44
CA THR A 44 -7.07 8.53 10.13
C THR A 44 -8.07 9.17 9.17
N ALA A 45 -7.69 9.28 7.91
CA ALA A 45 -8.56 9.87 6.90
C ALA A 45 -9.63 8.89 6.44
N GLY A 46 -9.47 7.63 6.85
CA GLY A 46 -10.43 6.60 6.49
C GLY A 46 -9.81 5.49 5.68
N PHE A 47 -8.59 5.72 5.19
CA PHE A 47 -7.88 4.71 4.40
C PHE A 47 -7.56 3.49 5.25
N SER A 48 -8.49 2.55 5.31
CA SER A 48 -8.30 1.33 6.09
C SER A 48 -8.38 0.10 5.20
N THR A 49 -8.78 0.31 3.94
CA THR A 49 -8.91 -0.78 2.98
C THR A 49 -7.94 -0.60 1.82
N LEU A 50 -7.46 -1.72 1.28
CA LEU A 50 -6.52 -1.69 0.16
C LEU A 50 -7.26 -1.42 -1.14
N SER A 51 -8.56 -1.18 -1.05
CA SER A 51 -9.38 -0.92 -2.24
C SER A 51 -9.23 0.54 -2.67
N GLN A 52 -9.13 1.44 -1.69
CA GLN A 52 -8.98 2.86 -1.97
C GLN A 52 -7.54 3.20 -2.34
N VAL A 53 -6.66 2.22 -2.22
CA VAL A 53 -5.25 2.41 -2.54
C VAL A 53 -5.07 2.80 -4.01
N PRO A 54 -5.54 1.93 -4.91
CA PRO A 54 -5.45 2.17 -6.36
C PRO A 54 -6.36 3.30 -6.82
N SER A 55 -7.19 3.80 -5.92
CA SER A 55 -8.12 4.87 -6.23
C SER A 55 -7.63 6.20 -5.64
N LEU A 56 -6.36 6.23 -5.26
CA LEU A 56 -5.77 7.44 -4.68
C LEU A 56 -5.90 8.62 -5.63
N SER A 57 -5.50 9.79 -5.16
CA SER A 57 -5.58 11.00 -5.98
C SER A 57 -4.81 12.15 -5.32
N HIS A 58 -4.18 12.98 -6.14
CA HIS A 58 -3.41 14.12 -5.64
C HIS A 58 -4.19 14.86 -4.57
N THR A 59 -5.47 15.09 -4.82
CA THR A 59 -6.33 15.81 -3.88
C THR A 59 -6.64 14.94 -2.67
N CYS A 60 -6.75 13.64 -2.89
CA CYS A 60 -7.04 12.70 -1.80
C CYS A 60 -5.94 12.73 -0.74
N LEU A 61 -4.69 12.75 -1.20
CA LEU A 61 -3.55 12.78 -0.29
C LEU A 61 -3.41 14.14 0.38
N GLN A 62 -3.64 15.19 -0.41
CA GLN A 62 -3.55 16.56 0.11
C GLN A 62 -4.44 16.75 1.33
N GLU A 63 -5.58 16.07 1.34
CA GLU A 63 -6.52 16.16 2.44
C GLU A 63 -5.99 15.41 3.67
N ALA A 64 -5.25 14.34 3.43
CA ALA A 64 -4.68 13.54 4.51
C ALA A 64 -3.57 14.30 5.23
N GLY A 65 -2.99 15.28 4.53
CA GLY A 65 -1.92 16.06 5.13
C GLY A 65 -0.65 16.01 4.30
N ILE A 66 -0.62 15.14 3.30
CA ILE A 66 0.54 15.00 2.43
C ILE A 66 0.63 16.15 1.43
N THR A 67 1.72 16.91 1.51
CA THR A 67 1.94 18.04 0.62
C THR A 67 3.18 17.84 -0.23
N GLU A 68 4.07 16.97 0.22
CA GLU A 68 5.32 16.70 -0.50
C GLU A 68 5.02 16.12 -1.88
N GLU A 69 5.09 16.97 -2.90
CA GLU A 69 4.82 16.54 -4.26
C GLU A 69 5.65 15.30 -4.62
N ARG A 70 6.72 15.07 -3.86
CA ARG A 70 7.59 13.94 -4.09
C ARG A 70 6.92 12.65 -3.63
N HIS A 71 6.35 12.68 -2.43
CA HIS A 71 5.69 11.51 -1.87
C HIS A 71 4.35 11.26 -2.56
N ILE A 72 3.65 12.35 -2.89
CA ILE A 72 2.35 12.24 -3.55
C ILE A 72 2.47 11.49 -4.87
N ARG A 73 3.51 11.82 -5.63
CA ARG A 73 3.73 11.17 -6.92
C ARG A 73 4.13 9.71 -6.73
N LYS A 74 4.87 9.44 -5.67
CA LYS A 74 5.32 8.08 -5.38
C LYS A 74 4.14 7.19 -4.98
N LEU A 75 3.24 7.74 -4.16
CA LEU A 75 2.07 6.99 -3.72
C LEU A 75 1.06 6.83 -4.85
N LEU A 76 0.84 7.91 -5.59
CA LEU A 76 -0.10 7.89 -6.71
C LEU A 76 0.36 6.92 -7.79
N SER A 77 1.68 6.81 -7.97
CA SER A 77 2.24 5.92 -8.97
C SER A 77 2.20 4.47 -8.50
N ALA A 78 2.51 4.26 -7.22
CA ALA A 78 2.50 2.92 -6.64
C ALA A 78 1.09 2.38 -6.54
N ALA A 79 0.13 3.27 -6.31
CA ALA A 79 -1.27 2.87 -6.20
C ALA A 79 -1.82 2.41 -7.54
N ARG A 80 -1.49 3.15 -8.59
CA ARG A 80 -1.96 2.81 -9.93
C ARG A 80 -1.37 1.49 -10.40
N LEU A 81 -0.39 0.98 -9.64
CA LEU A 81 0.27 -0.28 -9.99
C LEU A 81 -0.23 -1.41 -9.07
N PHE A 82 -1.25 -1.12 -8.28
CA PHE A 82 -1.80 -2.11 -7.38
C PHE A 82 -2.99 -2.84 -8.01
N LYS A 83 -2.72 -4.04 -8.52
CA LYS A 83 -3.75 -4.85 -9.15
C LYS A 83 -4.32 -5.87 -8.19
N LEU A 84 -5.53 -5.62 -7.70
CA LEU A 84 -6.19 -6.52 -6.76
C LEU A 84 -6.64 -7.80 -7.46
N PRO A 85 -6.55 -8.93 -6.74
CA PRO A 85 -6.94 -10.24 -7.28
C PRO A 85 -8.45 -10.36 -7.46
N PRO A 86 -8.87 -11.42 -8.15
CA PRO A 86 -10.29 -11.67 -8.42
C PRO A 86 -11.06 -12.08 -7.16
N GLY A 87 -12.26 -11.53 -7.01
CA GLY A 87 -13.08 -11.84 -5.84
C GLY A 87 -14.35 -12.58 -6.21
N PRO A 88 -15.46 -12.20 -5.55
CA PRO A 88 -16.76 -12.83 -5.80
C PRO A 88 -17.33 -12.47 -7.16
N GLU A 89 -16.58 -11.68 -7.93
CA GLU A 89 -17.02 -11.27 -9.26
C GLU A 89 -16.16 -10.11 -9.76
N ALA A 90 -15.55 -9.38 -8.83
CA ALA A 90 -14.71 -8.24 -9.19
C ALA A 90 -15.54 -7.10 -9.76
N MET A 91 -15.17 -5.87 -9.42
CA MET A 91 -15.88 -4.70 -9.90
C MET A 91 -15.05 -3.95 -10.94
N SER A 92 -15.71 -3.07 -11.68
CA SER A 92 -15.04 -2.30 -12.72
C SER A 92 -14.84 -3.13 -13.98
N GLY A 93 -15.84 -3.14 -14.85
CA GLY A 93 -15.75 -3.90 -16.08
C GLY A 93 -17.00 -3.77 -16.94
N PRO A 94 -16.81 -3.82 -18.27
CA PRO A 94 -17.92 -3.72 -19.22
C PRO A 94 -18.83 -4.94 -19.20
N SER A 95 -18.28 -6.07 -18.78
CA SER A 95 -19.04 -7.32 -18.71
C SER A 95 -20.47 -7.06 -18.23
N SER A 96 -21.40 -7.86 -18.73
CA SER A 96 -22.81 -7.72 -18.35
C SER A 96 -23.12 -8.50 -17.08
N GLY A 97 -22.58 -9.71 -17.00
CA GLY A 97 -22.80 -10.56 -15.84
C GLY A 97 -22.16 -11.92 -15.97
#